data_3U75
#
_entry.id   3U75
#
_cell.length_a   65.207
_cell.length_b   92.663
_cell.length_c   117.753
_cell.angle_alpha   89.91
_cell.angle_beta   82.96
_cell.angle_gamma   85.82
#
_symmetry.space_group_name_H-M   'P 1'
#
loop_
_entity.id
_entity.type
_entity.pdbx_description
1 polymer Fructofuranosidase
2 branched alpha-D-glucopyranose-(1-2)-beta-D-fructofuranose-(2-1)-beta-D-fructofuranose-(2-1)-beta-D-fructofuranose-(2-1)-beta-D-fructofuranose
3 non-polymer 2-acetamido-2-deoxy-beta-D-glucopyranose
4 water water
#
_entity_poly.entity_id   1
_entity_poly.type   'polypeptide(L)'
_entity_poly.pdbx_seq_one_letter_code
;MVQVLSVLVIPLLTLFFGYVASSSIDLSVDTSEYNRPLIHFTPEKGWMNDPNGLFYDKTAKLWHLYFQYNPNATAWGQPL
YWGHATSNDLVHWDEHEIAIGPEHDNEGIFSGSIVVDHNNTSGFFNSSIDPNQRIVAIYTNNIPDNQTQDIAFSLDGGYT
FTKYENNPVIDVSSNQFRDPKVFWHEDSNQWIMVVSKSQEYKIQIFGSANLKNWVLNSNFSSGYYGNQYACPGLIEVPIE
NSDKSKWVMFLAINPGSPLGGSINQYFVGDFDGFQFVPDDSQTRFVDIGKDFYAFQTFSEVEHGVLGLAWASNWQYADQV
PTNPWRSSTSLARNYTLRYVHTNAETKQLTLIQNPVLPDSINVVDKLKKKNVKLTNKKPIKTNFKGSTGLFDFNITFKVL
NLNVSPGKTHFDILINSQELNSSVDSIKIGFDSSQSSFYIDRHIPNVEFPRKQFFTDKLAAYLEPLDYDQDLRVFSLYGI
VDKNIIELYFNDGTVAMTNTFFMGEGKYPHDIQIVTDTEEPLFELESVIIRELNK
;
_entity_poly.pdbx_strand_id   A,B,C,D
#
# COMPACT_ATOMS: atom_id res chain seq x y z
N SER A 24 11.37 -0.98 -23.36
CA SER A 24 10.17 -0.92 -22.48
C SER A 24 10.56 -1.26 -21.04
N ILE A 25 11.87 -1.12 -20.78
CA ILE A 25 12.61 -1.71 -19.63
C ILE A 25 11.85 -1.88 -18.27
N ASP A 26 12.32 -2.81 -17.41
CA ASP A 26 11.93 -2.83 -15.98
C ASP A 26 12.59 -3.92 -15.09
N LEU A 27 12.09 -5.14 -15.20
CA LEU A 27 12.87 -6.37 -14.91
C LEU A 27 13.07 -6.82 -13.46
N SER A 28 14.25 -7.38 -13.22
CA SER A 28 14.56 -8.25 -12.09
C SER A 28 15.36 -7.54 -11.02
N VAL A 29 15.84 -6.34 -11.38
CA VAL A 29 16.57 -5.42 -10.50
C VAL A 29 15.59 -4.56 -9.68
N ASP A 30 15.67 -4.66 -8.35
CA ASP A 30 14.90 -3.79 -7.45
C ASP A 30 15.77 -3.31 -6.31
N THR A 31 15.82 -1.99 -6.16
CA THR A 31 16.69 -1.34 -5.19
C THR A 31 15.93 -0.89 -3.94
N SER A 32 14.60 -1.01 -3.95
CA SER A 32 13.78 -0.59 -2.80
C SER A 32 14.38 -1.00 -1.47
N GLU A 33 14.86 -2.23 -1.39
CA GLU A 33 15.64 -2.73 -0.25
C GLU A 33 16.50 -1.64 0.40
N TYR A 34 17.33 -0.96 -0.38
CA TYR A 34 18.18 0.12 0.15
C TYR A 34 17.95 1.55 -0.44
N ASN A 35 17.00 1.70 -1.35
CA ASN A 35 16.83 2.95 -2.08
C ASN A 35 15.48 3.63 -1.92
N ARG A 36 14.43 2.84 -1.74
CA ARG A 36 13.11 3.42 -1.70
C ARG A 36 12.86 4.07 -0.35
N PRO A 37 12.53 5.39 -0.34
CA PRO A 37 12.15 6.10 0.87
C PRO A 37 10.91 5.44 1.42
N LEU A 38 10.70 5.59 2.75
CA LEU A 38 9.55 5.01 3.43
C LEU A 38 8.39 5.97 3.54
N ILE A 39 8.66 7.25 3.76
CA ILE A 39 7.58 8.24 4.04
C ILE A 39 7.52 9.41 3.04
N HIS A 40 8.23 9.23 1.94
CA HIS A 40 8.23 10.15 0.84
C HIS A 40 7.55 9.37 -0.28
N PHE A 41 6.41 9.86 -0.75
CA PHE A 41 5.67 9.12 -1.78
C PHE A 41 6.52 8.79 -2.98
N THR A 42 6.24 7.64 -3.57
CA THR A 42 7.02 7.05 -4.63
C THR A 42 6.06 6.25 -5.49
N PRO A 43 6.19 6.34 -6.83
CA PRO A 43 5.34 5.42 -7.58
C PRO A 43 5.93 4.00 -7.47
N GLU A 44 5.06 2.99 -7.42
CA GLU A 44 5.51 1.59 -7.31
C GLU A 44 6.48 1.20 -8.43
N LYS A 45 6.17 1.64 -9.66
CA LYS A 45 7.07 1.47 -10.82
C LYS A 45 6.83 2.54 -11.90
N GLY A 46 7.92 2.96 -12.54
CA GLY A 46 7.87 3.98 -13.58
C GLY A 46 8.42 5.35 -13.18
N TRP A 47 7.87 6.40 -13.80
CA TRP A 47 8.47 7.71 -13.75
C TRP A 47 7.51 8.77 -13.23
N MET A 48 7.93 9.50 -12.19
CA MET A 48 7.13 10.58 -11.66
C MET A 48 7.91 11.89 -11.64
N ASN A 49 7.30 12.94 -12.17
CA ASN A 49 7.81 14.29 -11.93
C ASN A 49 6.77 15.17 -11.24
N ASP A 50 6.46 16.32 -11.80
CA ASP A 50 5.56 17.30 -11.17
C ASP A 50 4.38 16.71 -10.39
N PRO A 51 4.20 17.12 -9.14
CA PRO A 51 2.97 16.80 -8.45
C PRO A 51 1.79 17.71 -8.86
N ASN A 52 0.60 17.12 -8.97
CA ASN A 52 -0.57 17.72 -9.58
C ASN A 52 -1.82 17.55 -8.76
N GLY A 53 -2.81 18.43 -9.00
CA GLY A 53 -4.15 18.35 -8.44
C GLY A 53 -4.24 18.18 -6.94
N LEU A 54 -3.38 18.87 -6.20
CA LEU A 54 -3.31 18.66 -4.76
C LEU A 54 -4.52 19.29 -4.09
N PHE A 55 -5.27 18.49 -3.32
CA PHE A 55 -6.46 18.95 -2.60
C PHE A 55 -6.81 18.07 -1.39
N TYR A 56 -7.60 18.64 -0.50
CA TYR A 56 -8.09 17.98 0.71
C TYR A 56 -9.59 17.69 0.71
N ASP A 57 -9.95 16.42 0.89
CA ASP A 57 -11.34 16.01 0.83
C ASP A 57 -11.88 16.04 2.24
N LYS A 58 -12.64 17.09 2.55
CA LYS A 58 -13.08 17.34 3.91
C LYS A 58 -14.03 16.29 4.45
N THR A 59 -14.88 15.74 3.58
CA THR A 59 -15.83 14.74 4.06
C THR A 59 -15.15 13.37 4.20
N ALA A 60 -14.37 12.96 3.20
CA ALA A 60 -13.60 11.73 3.36
C ALA A 60 -12.39 11.94 4.26
N LYS A 61 -12.26 13.14 4.85
CA LYS A 61 -11.04 13.54 5.57
C LYS A 61 -9.83 12.81 4.96
N LEU A 62 -9.45 13.21 3.75
CA LEU A 62 -8.45 12.48 2.98
C LEU A 62 -7.60 13.40 2.10
N TRP A 63 -6.28 13.19 2.14
CA TRP A 63 -5.33 14.00 1.36
C TRP A 63 -5.07 13.41 -0.02
N HIS A 64 -5.20 14.21 -1.06
CA HIS A 64 -4.96 13.72 -2.43
C HIS A 64 -3.66 14.22 -3.10
N LEU A 65 -2.93 13.30 -3.72
CA LEU A 65 -1.76 13.64 -4.54
C LEU A 65 -1.84 12.98 -5.93
N TYR A 66 -1.68 13.78 -6.99
CA TYR A 66 -1.60 13.28 -8.39
C TYR A 66 -0.25 13.69 -8.93
N PHE A 67 0.15 13.14 -10.07
CA PHE A 67 1.50 13.40 -10.57
C PHE A 67 1.77 13.04 -12.05
N GLN A 68 2.74 13.72 -12.63
CA GLN A 68 3.19 13.40 -13.95
C GLN A 68 3.78 11.98 -13.95
N TYR A 69 3.15 11.13 -14.74
CA TYR A 69 3.40 9.73 -14.63
C TYR A 69 3.49 9.08 -16.00
N ASN A 70 4.60 8.39 -16.21
CA ASN A 70 4.77 7.50 -17.32
C ASN A 70 5.00 6.15 -16.70
N PRO A 71 3.96 5.28 -16.76
CA PRO A 71 3.97 3.94 -16.21
C PRO A 71 4.84 3.00 -17.01
N ASN A 72 5.13 3.37 -18.25
CA ASN A 72 5.76 2.45 -19.21
C ASN A 72 7.28 2.47 -19.16
N ALA A 73 7.83 3.58 -18.67
CA ALA A 73 9.29 3.71 -18.61
C ALA A 73 9.88 4.25 -17.29
N THR A 74 11.19 4.05 -17.15
CA THR A 74 12.03 4.59 -16.06
C THR A 74 12.47 6.05 -16.32
N ALA A 75 11.82 6.71 -17.29
CA ALA A 75 12.16 8.06 -17.81
C ALA A 75 10.90 8.71 -18.41
N TRP A 76 10.89 10.03 -18.59
CA TRP A 76 9.71 10.79 -19.05
C TRP A 76 9.41 10.46 -20.48
N GLY A 77 8.18 10.03 -20.74
CA GLY A 77 7.72 9.72 -22.10
C GLY A 77 6.22 9.79 -22.23
N GLN A 78 5.75 10.01 -23.45
CA GLN A 78 4.32 9.98 -23.71
C GLN A 78 3.95 8.61 -24.27
N PRO A 79 2.71 8.16 -24.05
CA PRO A 79 1.63 8.92 -23.43
C PRO A 79 1.92 9.21 -21.96
N LEU A 80 1.43 10.36 -21.49
CA LEU A 80 1.74 10.84 -20.17
C LEU A 80 0.47 11.14 -19.39
N TYR A 81 0.43 10.59 -18.17
CA TYR A 81 -0.78 10.51 -17.35
C TYR A 81 -0.65 11.27 -16.04
N TRP A 82 -1.80 11.60 -15.43
CA TRP A 82 -1.87 11.98 -14.01
C TRP A 82 -1.96 10.69 -13.17
N GLY A 83 -0.94 10.40 -12.35
CA GLY A 83 -1.00 9.31 -11.37
C GLY A 83 -1.91 9.71 -10.22
N HIS A 84 -2.12 8.80 -9.27
CA HIS A 84 -2.99 9.13 -8.15
C HIS A 84 -2.65 8.34 -6.89
N ALA A 85 -2.73 9.01 -5.75
CA ALA A 85 -2.56 8.37 -4.42
C ALA A 85 -3.19 9.22 -3.30
N THR A 86 -3.71 8.57 -2.27
CA THR A 86 -4.29 9.29 -1.13
C THR A 86 -3.57 9.00 0.18
N SER A 87 -3.77 9.91 1.13
CA SER A 87 -3.24 9.77 2.50
C SER A 87 -4.18 10.47 3.46
N ASN A 88 -4.13 10.07 4.71
CA ASN A 88 -4.94 10.67 5.77
C ASN A 88 -4.05 11.38 6.77
N ASP A 89 -2.73 11.14 6.65
CA ASP A 89 -1.76 11.65 7.62
C ASP A 89 -0.53 12.26 6.94
N LEU A 90 -0.54 12.30 5.61
CA LEU A 90 0.52 12.91 4.81
C LEU A 90 1.88 12.22 4.86
N VAL A 91 1.93 10.98 5.35
CA VAL A 91 3.15 10.16 5.25
C VAL A 91 2.90 8.69 4.94
N HIS A 92 1.62 8.29 4.89
CA HIS A 92 1.21 6.93 4.50
C HIS A 92 0.43 7.00 3.21
N TRP A 93 1.09 6.59 2.13
CA TRP A 93 0.56 6.77 0.79
C TRP A 93 0.09 5.45 0.21
N ASP A 94 -1.12 5.51 -0.37
CA ASP A 94 -1.77 4.37 -1.04
C ASP A 94 -1.94 4.69 -2.50
N GLU A 95 -1.34 3.87 -3.36
CA GLU A 95 -1.34 4.13 -4.77
C GLU A 95 -2.61 3.59 -5.40
N HIS A 96 -3.20 4.37 -6.30
CA HIS A 96 -4.45 4.00 -6.96
C HIS A 96 -4.30 3.95 -8.50
N GLU A 97 -5.38 3.54 -9.16
CA GLU A 97 -5.44 3.52 -10.61
C GLU A 97 -5.37 4.96 -11.16
N ILE A 98 -4.79 5.08 -12.35
CA ILE A 98 -4.55 6.37 -12.96
C ILE A 98 -5.84 7.22 -12.99
N ALA A 99 -5.74 8.48 -12.58
CA ALA A 99 -6.89 9.39 -12.63
C ALA A 99 -7.22 9.92 -14.03
N ILE A 100 -6.17 10.19 -14.83
CA ILE A 100 -6.33 10.75 -16.19
C ILE A 100 -5.26 10.28 -17.17
N GLY A 101 -5.69 10.04 -18.42
CA GLY A 101 -4.78 9.81 -19.55
C GLY A 101 -5.09 10.63 -20.80
N PRO A 102 -4.16 10.61 -21.80
CA PRO A 102 -4.37 11.29 -23.07
C PRO A 102 -5.20 10.44 -24.06
N GLU A 103 -5.65 11.05 -25.16
CA GLU A 103 -6.40 10.32 -26.18
C GLU A 103 -5.53 9.39 -27.02
N HIS A 104 -4.36 9.86 -27.44
CA HIS A 104 -3.48 9.08 -28.32
C HIS A 104 -2.11 8.89 -27.64
N ASP A 105 -1.36 7.84 -28.00
CA ASP A 105 0.00 7.68 -27.44
C ASP A 105 0.90 8.88 -27.77
N ASN A 106 0.39 9.76 -28.64
CA ASN A 106 1.08 10.95 -29.17
C ASN A 106 1.17 12.09 -28.15
N GLU A 107 0.25 12.09 -27.20
CA GLU A 107 0.00 13.24 -26.33
C GLU A 107 0.17 12.92 -24.81
N GLY A 108 -0.18 13.87 -23.94
CA GLY A 108 0.02 13.67 -22.52
C GLY A 108 -0.73 14.67 -21.68
N ILE A 109 -1.19 14.24 -20.52
CA ILE A 109 -1.81 15.18 -19.61
C ILE A 109 -0.66 15.75 -18.80
N PHE A 110 -0.37 17.01 -19.10
CA PHE A 110 0.69 17.73 -18.41
C PHE A 110 0.34 18.19 -16.98
N SER A 111 1.14 19.07 -16.39
CA SER A 111 0.84 19.51 -15.06
C SER A 111 -0.47 20.33 -14.99
N GLY A 112 -0.95 20.54 -13.77
CA GLY A 112 -2.22 21.22 -13.52
C GLY A 112 -2.63 21.03 -12.08
N SER A 113 -3.82 21.54 -11.75
CA SER A 113 -4.34 21.54 -10.36
C SER A 113 -5.77 20.96 -10.20
N ILE A 114 -6.28 21.00 -8.96
CA ILE A 114 -7.67 20.70 -8.67
C ILE A 114 -8.35 21.78 -7.81
N VAL A 115 -9.62 22.01 -8.07
CA VAL A 115 -10.44 22.78 -7.17
C VAL A 115 -11.67 21.99 -6.80
N VAL A 116 -12.26 22.34 -5.66
CA VAL A 116 -13.55 21.82 -5.23
C VAL A 116 -14.61 22.91 -5.48
N ASP A 117 -15.49 22.65 -6.45
CA ASP A 117 -16.58 23.57 -6.83
C ASP A 117 -17.80 23.47 -5.93
N HIS A 118 -17.73 24.14 -4.79
CA HIS A 118 -18.78 24.05 -3.79
C HIS A 118 -20.18 24.36 -4.39
N ASN A 119 -20.35 25.60 -4.88
CA ASN A 119 -21.65 26.07 -5.37
C ASN A 119 -21.99 25.73 -6.81
N ASN A 120 -21.35 24.69 -7.34
CA ASN A 120 -21.67 24.17 -8.69
C ASN A 120 -21.66 25.25 -9.81
N THR A 121 -20.75 26.22 -9.70
CA THR A 121 -20.61 27.22 -10.75
C THR A 121 -20.37 26.54 -12.09
N SER A 122 -19.79 25.34 -12.04
CA SER A 122 -19.39 24.61 -13.25
C SER A 122 -20.53 23.81 -13.85
N GLY A 123 -21.46 23.37 -13.00
CA GLY A 123 -22.69 22.69 -13.45
C GLY A 123 -22.57 21.22 -13.79
N PHE A 124 -21.44 20.61 -13.46
CA PHE A 124 -21.31 19.17 -13.60
C PHE A 124 -22.00 18.46 -12.44
N PHE A 125 -22.41 19.23 -11.45
CA PHE A 125 -22.72 18.66 -10.15
C PHE A 125 -24.19 18.60 -9.75
N ASN A 126 -24.68 17.36 -9.62
CA ASN A 126 -25.98 17.01 -8.99
C ASN A 126 -26.16 17.48 -7.56
N SER A 127 -27.34 17.21 -7.04
CA SER A 127 -27.60 17.47 -5.64
C SER A 127 -27.06 16.30 -4.81
N SER A 128 -26.84 15.16 -5.47
CA SER A 128 -26.45 13.92 -4.81
C SER A 128 -24.94 13.82 -4.61
N ILE A 129 -24.24 14.92 -4.86
CA ILE A 129 -22.77 15.00 -4.72
C ILE A 129 -22.38 16.03 -3.64
N ASP A 130 -21.65 15.57 -2.64
CA ASP A 130 -21.22 16.39 -1.49
C ASP A 130 -20.54 17.67 -1.96
N PRO A 131 -20.92 18.85 -1.41
CA PRO A 131 -20.21 20.03 -1.92
C PRO A 131 -18.69 19.88 -1.80
N ASN A 132 -18.20 19.23 -0.76
CA ASN A 132 -16.74 19.05 -0.58
C ASN A 132 -16.17 17.90 -1.43
N GLN A 133 -16.97 17.38 -2.35
CA GLN A 133 -16.48 16.37 -3.28
C GLN A 133 -16.71 16.77 -4.76
N ARG A 134 -17.11 18.02 -4.95
CA ARG A 134 -17.36 18.59 -6.26
C ARG A 134 -16.05 18.97 -6.99
N ILE A 135 -15.28 17.93 -7.31
CA ILE A 135 -13.91 18.06 -7.82
C ILE A 135 -13.83 18.43 -9.32
N VAL A 136 -13.02 19.45 -9.64
CA VAL A 136 -12.65 19.78 -11.00
C VAL A 136 -11.11 19.89 -11.12
N ALA A 137 -10.55 19.27 -12.16
CA ALA A 137 -9.12 19.34 -12.42
C ALA A 137 -8.92 20.28 -13.59
N ILE A 138 -7.94 21.18 -13.49
CA ILE A 138 -7.52 21.96 -14.67
C ILE A 138 -6.07 21.63 -15.03
N TYR A 139 -5.86 21.19 -16.25
CA TYR A 139 -4.59 20.55 -16.60
C TYR A 139 -4.20 20.98 -17.98
N THR A 140 -2.93 20.85 -18.32
CA THR A 140 -2.51 21.20 -19.67
C THR A 140 -2.65 20.00 -20.59
N ASN A 141 -3.40 20.19 -21.68
CA ASN A 141 -3.49 19.17 -22.71
C ASN A 141 -2.41 19.42 -23.76
N ASN A 142 -1.51 18.46 -23.91
CA ASN A 142 -0.38 18.64 -24.80
C ASN A 142 -0.50 17.72 -26.03
N ILE A 143 -0.65 18.37 -27.18
CA ILE A 143 -0.82 17.78 -28.49
C ILE A 143 0.48 18.13 -29.23
N PRO A 144 0.88 17.31 -30.24
CA PRO A 144 1.98 17.76 -31.13
C PRO A 144 1.71 19.18 -31.66
N ASP A 145 2.57 20.12 -31.27
CA ASP A 145 2.50 21.53 -31.70
C ASP A 145 1.41 22.34 -31.02
N ASN A 146 0.68 21.74 -30.07
CA ASN A 146 -0.31 22.49 -29.32
C ASN A 146 -0.34 22.17 -27.82
N GLN A 147 -0.61 23.19 -27.01
CA GLN A 147 -0.76 23.06 -25.56
C GLN A 147 -1.91 23.94 -25.07
N THR A 148 -2.91 23.32 -24.46
CA THR A 148 -4.15 24.01 -24.10
C THR A 148 -4.54 23.78 -22.63
N GLN A 149 -5.42 24.63 -22.13
CA GLN A 149 -5.90 24.44 -20.78
C GLN A 149 -7.27 23.73 -20.79
N ASP A 150 -7.24 22.48 -20.32
CA ASP A 150 -8.43 21.62 -20.30
C ASP A 150 -8.88 21.27 -18.86
N ILE A 151 -10.14 20.84 -18.73
CA ILE A 151 -10.74 20.61 -17.44
C ILE A 151 -11.57 19.36 -17.50
N ALA A 152 -11.73 18.75 -16.33
CA ALA A 152 -12.32 17.41 -16.14
C ALA A 152 -12.87 17.33 -14.71
N PHE A 153 -13.93 16.55 -14.51
CA PHE A 153 -14.57 16.46 -13.18
C PHE A 153 -14.68 15.02 -12.78
N SER A 154 -14.75 14.79 -11.47
CA SER A 154 -14.93 13.46 -10.90
C SER A 154 -16.18 13.39 -10.04
N LEU A 155 -16.95 12.32 -10.19
CA LEU A 155 -18.17 12.11 -9.40
C LEU A 155 -17.93 11.19 -8.18
N ASP A 156 -16.91 10.34 -8.27
CA ASP A 156 -16.57 9.41 -7.20
C ASP A 156 -15.48 9.90 -6.22
N GLY A 157 -15.45 11.18 -5.89
CA GLY A 157 -14.45 11.65 -4.90
C GLY A 157 -12.98 11.71 -5.35
N GLY A 158 -12.75 11.68 -6.66
CA GLY A 158 -11.49 12.09 -7.27
C GLY A 158 -10.75 10.94 -7.92
N TYR A 159 -11.44 9.87 -8.22
CA TYR A 159 -10.75 8.66 -8.63
C TYR A 159 -10.82 8.41 -10.11
N THR A 160 -11.89 8.89 -10.72
CA THR A 160 -12.10 8.77 -12.16
C THR A 160 -12.66 10.08 -12.67
N PHE A 161 -12.32 10.45 -13.90
CA PHE A 161 -12.63 11.78 -14.42
C PHE A 161 -13.39 11.74 -15.74
N THR A 162 -14.09 12.82 -16.04
CA THR A 162 -14.77 12.93 -17.32
C THR A 162 -14.31 14.26 -17.87
N LYS A 163 -13.81 14.26 -19.11
CA LYS A 163 -13.41 15.47 -19.81
C LYS A 163 -14.63 16.35 -20.06
N TYR A 164 -14.44 17.66 -20.01
CA TYR A 164 -15.54 18.63 -20.13
C TYR A 164 -16.46 18.39 -21.33
N GLU A 165 -15.91 18.43 -22.54
CA GLU A 165 -16.68 18.21 -23.79
C GLU A 165 -16.45 19.34 -24.79
N ASN A 166 -16.42 20.56 -24.28
CA ASN A 166 -15.99 21.72 -25.06
C ASN A 166 -14.58 22.13 -24.65
N ASN A 167 -13.76 21.13 -24.34
CA ASN A 167 -12.33 21.32 -24.15
C ASN A 167 -11.78 21.60 -25.51
N PRO A 168 -10.73 22.44 -25.58
CA PRO A 168 -10.08 23.17 -24.47
C PRO A 168 -10.84 24.43 -24.02
N VAL A 169 -10.59 24.86 -22.78
CA VAL A 169 -11.21 26.06 -22.25
C VAL A 169 -10.31 27.28 -22.39
N ILE A 170 -9.00 27.08 -22.47
CA ILE A 170 -8.13 28.17 -22.93
C ILE A 170 -7.17 27.72 -24.01
N ASP A 171 -7.23 28.40 -25.15
CA ASP A 171 -6.31 28.15 -26.25
C ASP A 171 -5.90 29.48 -26.85
N VAL A 172 -4.59 29.71 -26.93
CA VAL A 172 -4.05 30.95 -27.47
C VAL A 172 -3.12 30.66 -28.65
N SER A 173 -3.30 29.51 -29.27
CA SER A 173 -2.48 29.08 -30.40
C SER A 173 -1.01 28.90 -30.02
N SER A 174 -0.74 28.48 -28.79
CA SER A 174 0.65 28.33 -28.35
C SER A 174 1.17 26.91 -28.09
N ASN A 175 2.43 26.75 -28.41
CA ASN A 175 3.19 25.52 -28.26
C ASN A 175 3.84 25.47 -26.87
N GLN A 176 3.77 26.59 -26.15
CA GLN A 176 4.44 26.80 -24.85
C GLN A 176 3.55 27.58 -23.89
N PHE A 177 2.60 26.87 -23.28
CA PHE A 177 1.51 27.45 -22.51
C PHE A 177 0.92 26.32 -21.67
N ARG A 178 1.38 26.25 -20.41
CA ARG A 178 1.15 25.08 -19.57
C ARG A 178 1.21 25.36 -18.08
N ASP A 179 0.55 24.48 -17.31
CA ASP A 179 0.67 24.32 -15.84
C ASP A 179 -0.13 25.32 -15.02
N PRO A 180 -1.46 25.16 -15.00
CA PRO A 180 -2.26 26.17 -14.31
C PRO A 180 -2.64 25.81 -12.87
N LYS A 181 -2.33 26.68 -11.93
CA LYS A 181 -2.89 26.56 -10.62
C LYS A 181 -4.16 27.44 -10.51
N VAL A 182 -5.23 26.90 -9.96
CA VAL A 182 -6.52 27.59 -9.93
C VAL A 182 -7.06 27.70 -8.49
N PHE A 183 -7.75 28.79 -8.18
CA PHE A 183 -8.30 28.96 -6.85
C PHE A 183 -9.50 29.90 -6.82
N TRP A 184 -10.25 29.83 -5.72
CA TRP A 184 -11.41 30.71 -5.56
C TRP A 184 -11.07 32.02 -4.82
N HIS A 185 -11.11 33.11 -5.55
CA HIS A 185 -10.92 34.42 -4.96
C HIS A 185 -12.23 35.06 -4.47
N GLU A 186 -12.49 35.00 -3.15
CA GLU A 186 -13.71 35.60 -2.57
C GLU A 186 -13.84 37.05 -3.00
N ASP A 187 -12.76 37.80 -2.75
CA ASP A 187 -12.78 39.25 -2.85
C ASP A 187 -13.08 39.78 -4.24
N SER A 188 -12.71 39.04 -5.28
CA SER A 188 -13.16 39.43 -6.64
C SER A 188 -14.31 38.56 -7.17
N ASN A 189 -14.73 37.59 -6.36
CA ASN A 189 -15.82 36.67 -6.71
C ASN A 189 -15.64 35.94 -8.06
N GLN A 190 -14.56 35.16 -8.14
CA GLN A 190 -14.22 34.44 -9.37
C GLN A 190 -13.16 33.35 -9.13
N TRP A 191 -12.93 32.56 -10.16
CA TRP A 191 -11.86 31.57 -10.17
C TRP A 191 -10.63 32.16 -10.80
N ILE A 192 -9.50 32.07 -10.12
CA ILE A 192 -8.27 32.62 -10.66
C ILE A 192 -7.39 31.52 -11.27
N MET A 193 -6.66 31.86 -12.34
CA MET A 193 -5.70 30.91 -12.88
C MET A 193 -4.32 31.51 -13.12
N VAL A 194 -3.33 30.98 -12.40
CA VAL A 194 -1.95 31.27 -12.75
C VAL A 194 -1.42 30.17 -13.67
N VAL A 195 -1.10 30.55 -14.91
CA VAL A 195 -0.54 29.64 -15.91
C VAL A 195 0.66 30.28 -16.59
N SER A 196 1.63 29.47 -16.98
CA SER A 196 2.87 30.01 -17.49
C SER A 196 2.85 30.06 -19.02
N LYS A 197 3.14 31.24 -19.56
CA LYS A 197 3.42 31.36 -20.98
C LYS A 197 4.92 31.10 -21.02
N SER A 198 5.26 29.84 -21.21
CA SER A 198 6.53 29.32 -20.74
C SER A 198 7.76 30.05 -21.21
N GLN A 199 7.89 30.20 -22.52
CA GLN A 199 9.09 30.82 -23.10
C GLN A 199 8.93 32.33 -23.37
N GLU A 200 7.87 32.92 -22.86
CA GLU A 200 7.67 34.36 -22.94
C GLU A 200 8.04 35.01 -21.61
N TYR A 201 8.40 34.17 -20.63
CA TYR A 201 8.59 34.58 -19.25
C TYR A 201 7.45 35.43 -18.77
N LYS A 202 6.24 34.96 -18.98
CA LYS A 202 5.13 35.56 -18.34
C LYS A 202 4.44 34.47 -17.54
N ILE A 203 4.06 34.84 -16.32
CA ILE A 203 2.96 34.19 -15.63
C ILE A 203 1.69 34.96 -16.07
N GLN A 204 0.67 34.23 -16.49
CA GLN A 204 -0.59 34.86 -16.90
C GLN A 204 -1.71 34.62 -15.89
N ILE A 205 -2.46 35.68 -15.63
CA ILE A 205 -3.52 35.65 -14.64
C ILE A 205 -4.87 35.76 -15.35
N PHE A 206 -5.58 34.64 -15.47
CA PHE A 206 -6.94 34.67 -15.98
C PHE A 206 -7.91 34.64 -14.82
N GLY A 207 -9.07 35.29 -15.02
CA GLY A 207 -10.25 35.15 -14.14
C GLY A 207 -11.49 34.58 -14.86
N SER A 208 -12.33 33.87 -14.09
CA SER A 208 -13.58 33.25 -14.60
C SER A 208 -14.55 32.91 -13.48
N ALA A 209 -15.85 33.13 -13.72
CA ALA A 209 -16.89 32.81 -12.73
C ALA A 209 -17.41 31.38 -12.89
N ASN A 210 -16.79 30.67 -13.82
CA ASN A 210 -17.39 29.57 -14.52
C ASN A 210 -16.51 28.32 -14.57
N LEU A 211 -15.20 28.55 -14.57
CA LEU A 211 -14.14 27.54 -14.87
C LEU A 211 -14.09 27.06 -16.33
N LYS A 212 -14.98 27.59 -17.18
CA LYS A 212 -15.07 27.17 -18.58
C LYS A 212 -14.74 28.34 -19.51
N ASN A 213 -15.09 29.55 -19.07
CA ASN A 213 -14.85 30.79 -19.82
C ASN A 213 -13.81 31.62 -19.10
N TRP A 214 -12.81 32.07 -19.85
CA TRP A 214 -11.66 32.73 -19.24
C TRP A 214 -11.24 34.05 -19.85
N VAL A 215 -10.98 35.02 -18.98
CA VAL A 215 -10.59 36.35 -19.40
C VAL A 215 -9.21 36.60 -18.82
N LEU A 216 -8.30 37.02 -19.70
CA LEU A 216 -6.95 37.45 -19.30
C LEU A 216 -6.96 38.75 -18.48
N ASN A 217 -6.31 38.73 -17.31
CA ASN A 217 -6.33 39.92 -16.47
C ASN A 217 -5.02 40.70 -16.44
N SER A 218 -3.89 39.98 -16.25
CA SER A 218 -2.55 40.59 -16.31
C SER A 218 -1.44 39.59 -16.63
N ASN A 219 -0.28 40.11 -17.01
CA ASN A 219 0.96 39.35 -17.12
C ASN A 219 1.93 39.77 -16.01
N PHE A 220 2.78 38.83 -15.57
CA PHE A 220 3.77 39.08 -14.51
C PHE A 220 5.12 38.45 -14.89
N SER A 221 6.17 39.29 -14.91
CA SER A 221 7.53 38.85 -15.19
C SER A 221 8.45 39.42 -14.14
N SER A 222 9.16 38.55 -13.44
CA SER A 222 10.17 39.00 -12.47
C SER A 222 11.04 37.84 -11.98
N GLY A 223 11.95 38.14 -11.04
CA GLY A 223 12.89 37.17 -10.48
C GLY A 223 13.92 36.66 -11.47
N TYR A 224 14.40 35.46 -11.23
CA TYR A 224 15.42 34.82 -12.05
C TYR A 224 14.73 34.18 -13.29
N TYR A 225 15.12 34.55 -14.49
CA TYR A 225 14.39 34.06 -15.66
C TYR A 225 14.73 32.63 -16.02
N GLY A 226 16.02 32.29 -16.06
CA GLY A 226 16.43 30.96 -16.45
C GLY A 226 16.03 30.77 -17.90
N ASN A 227 15.70 29.55 -18.27
CA ASN A 227 15.28 29.23 -19.63
C ASN A 227 13.75 29.26 -19.86
N GLN A 228 12.98 29.10 -18.78
CA GLN A 228 11.54 28.87 -18.81
C GLN A 228 10.94 29.08 -17.44
N TYR A 229 9.82 29.82 -17.43
CA TYR A 229 8.88 29.87 -16.32
C TYR A 229 8.08 28.57 -16.38
N ALA A 230 7.63 28.07 -15.23
CA ALA A 230 6.80 26.83 -15.13
C ALA A 230 6.09 26.67 -13.78
N CYS A 231 4.96 25.95 -13.78
CA CYS A 231 4.28 25.58 -12.54
C CYS A 231 4.17 26.72 -11.55
N PRO A 232 3.56 27.85 -11.96
CA PRO A 232 3.32 28.99 -11.07
C PRO A 232 2.38 28.65 -9.90
N GLY A 233 2.28 29.56 -8.95
CA GLY A 233 1.40 29.36 -7.80
C GLY A 233 1.17 30.67 -7.09
N LEU A 234 -0.06 30.91 -6.64
CA LEU A 234 -0.42 32.14 -5.96
C LEU A 234 -1.41 31.73 -4.87
N ILE A 235 -1.27 32.31 -3.67
CA ILE A 235 -1.92 31.75 -2.48
C ILE A 235 -1.66 32.74 -1.36
N GLU A 236 -2.47 32.68 -0.30
CA GLU A 236 -2.37 33.60 0.83
C GLU A 236 -1.73 32.87 2.00
N VAL A 237 -0.56 33.36 2.43
CA VAL A 237 0.23 32.74 3.48
C VAL A 237 0.20 33.64 4.71
N PRO A 238 -0.11 33.06 5.88
CA PRO A 238 -0.27 33.82 7.11
C PRO A 238 1.04 34.24 7.76
N ILE A 239 1.16 35.54 8.05
CA ILE A 239 2.26 36.09 8.84
C ILE A 239 2.10 35.56 10.25
N GLU A 240 3.19 35.10 10.87
CA GLU A 240 3.11 34.45 12.19
C GLU A 240 2.71 35.44 13.29
N ASN A 241 2.25 34.90 14.43
CA ASN A 241 1.84 35.72 15.58
C ASN A 241 1.05 36.97 15.19
N SER A 242 0.00 36.81 14.36
CA SER A 242 -0.74 37.96 13.81
C SER A 242 -1.99 37.56 13.02
N ASP A 243 -2.96 38.48 13.00
CA ASP A 243 -4.16 38.38 12.15
C ASP A 243 -3.79 38.42 10.66
N LYS A 244 -2.67 39.07 10.35
CA LYS A 244 -2.33 39.46 8.96
C LYS A 244 -1.68 38.35 8.12
N SER A 245 -1.72 38.56 6.80
CA SER A 245 -1.11 37.64 5.85
C SER A 245 -0.57 38.39 4.61
N LYS A 246 0.09 37.66 3.71
CA LYS A 246 0.48 38.24 2.46
C LYS A 246 0.17 37.29 1.31
N TRP A 247 0.26 37.79 0.09
CA TRP A 247 0.00 37.00 -1.10
C TRP A 247 1.30 36.59 -1.78
N VAL A 248 1.54 35.28 -1.83
CA VAL A 248 2.84 34.74 -2.26
C VAL A 248 2.82 34.07 -3.64
N MET A 249 3.63 34.60 -4.56
CA MET A 249 3.74 34.06 -5.91
C MET A 249 4.89 33.05 -6.04
N PHE A 250 4.57 31.79 -6.29
CA PHE A 250 5.60 30.79 -6.51
C PHE A 250 5.82 30.66 -7.98
N LEU A 251 7.03 30.20 -8.32
CA LEU A 251 7.50 30.01 -9.69
C LEU A 251 8.65 28.99 -9.74
N ALA A 252 8.60 28.16 -10.77
CA ALA A 252 9.61 27.14 -10.98
C ALA A 252 10.35 27.48 -12.25
N ILE A 253 11.65 27.17 -12.26
CA ILE A 253 12.42 27.42 -13.46
C ILE A 253 13.38 26.29 -13.78
N ASN A 254 13.29 25.83 -15.02
CA ASN A 254 14.16 24.86 -15.57
C ASN A 254 14.24 24.95 -17.09
N PRO A 255 15.45 24.71 -17.67
CA PRO A 255 16.74 24.67 -16.97
C PRO A 255 17.28 26.07 -16.63
N GLY A 256 18.55 26.10 -16.19
CA GLY A 256 19.29 27.36 -15.97
C GLY A 256 19.05 27.95 -14.60
N SER A 257 18.74 27.09 -13.64
CA SER A 257 18.78 27.49 -12.26
C SER A 257 20.20 27.95 -12.00
N PRO A 258 20.36 29.01 -11.18
CA PRO A 258 21.73 29.50 -10.99
C PRO A 258 22.60 28.40 -10.37
N LEU A 259 21.94 27.43 -9.71
CA LEU A 259 22.59 26.30 -9.06
C LEU A 259 22.78 25.16 -10.03
N GLY A 260 22.25 25.33 -11.25
CA GLY A 260 22.24 24.29 -12.27
C GLY A 260 20.91 23.59 -12.31
N GLY A 261 20.38 23.35 -13.50
CA GLY A 261 19.14 22.62 -13.69
C GLY A 261 17.93 23.40 -13.24
N SER A 262 17.23 22.85 -12.27
CA SER A 262 15.88 23.26 -11.88
C SER A 262 15.76 23.76 -10.42
N ILE A 263 14.84 24.70 -10.18
CA ILE A 263 14.69 25.31 -8.85
C ILE A 263 13.37 26.04 -8.75
N ASN A 264 13.01 26.38 -7.50
CA ASN A 264 11.79 27.09 -7.19
C ASN A 264 12.01 28.45 -6.52
N GLN A 265 11.25 29.46 -6.94
CA GLN A 265 11.41 30.81 -6.36
C GLN A 265 10.10 31.49 -6.00
N TYR A 266 10.19 32.54 -5.21
CA TYR A 266 8.99 33.19 -4.78
C TYR A 266 9.07 34.68 -4.72
N PHE A 267 7.89 35.30 -4.68
CA PHE A 267 7.74 36.74 -4.47
C PHE A 267 6.59 37.05 -3.52
N VAL A 268 6.78 37.99 -2.62
CA VAL A 268 5.83 38.31 -1.55
C VAL A 268 5.20 39.71 -1.70
N GLY A 269 3.90 39.73 -2.01
CA GLY A 269 3.19 40.99 -2.20
C GLY A 269 1.68 41.01 -2.02
N ASP A 270 0.99 41.57 -3.01
CA ASP A 270 -0.45 41.78 -2.86
C ASP A 270 -1.29 41.59 -4.11
N PHE A 271 -2.37 40.84 -3.94
CA PHE A 271 -3.25 40.45 -5.03
C PHE A 271 -4.61 41.11 -4.84
N ASP A 272 -5.26 41.47 -5.94
CA ASP A 272 -6.59 42.07 -5.86
C ASP A 272 -7.60 41.22 -6.65
N GLY A 273 -7.08 40.16 -7.28
CA GLY A 273 -7.84 39.34 -8.22
C GLY A 273 -7.49 39.62 -9.68
N PHE A 274 -6.65 40.61 -9.92
CA PHE A 274 -6.34 41.04 -11.29
C PHE A 274 -4.85 41.16 -11.53
N GLN A 275 -4.11 41.64 -10.54
CA GLN A 275 -2.66 41.64 -10.63
C GLN A 275 -1.97 41.47 -9.31
N PHE A 276 -0.91 40.67 -9.35
CA PHE A 276 0.02 40.53 -8.26
C PHE A 276 1.07 41.65 -8.26
N VAL A 277 1.16 42.37 -7.14
CA VAL A 277 2.16 43.40 -6.93
C VAL A 277 3.09 42.91 -5.83
N PRO A 278 4.37 42.66 -6.16
CA PRO A 278 5.31 42.35 -5.10
C PRO A 278 5.67 43.59 -4.29
N ASP A 279 5.71 43.44 -2.97
CA ASP A 279 6.10 44.52 -2.08
C ASP A 279 7.45 45.10 -2.51
N ASP A 280 8.48 44.23 -2.63
CA ASP A 280 9.74 44.64 -3.23
C ASP A 280 9.94 43.95 -4.55
N SER A 281 11.09 44.18 -5.18
CA SER A 281 11.45 43.43 -6.39
C SER A 281 12.68 42.47 -6.21
N GLN A 282 12.74 41.72 -5.10
CA GLN A 282 13.91 40.85 -4.91
C GLN A 282 13.67 39.43 -5.38
N THR A 283 14.77 38.71 -5.59
CA THR A 283 14.74 37.28 -5.98
C THR A 283 15.04 36.47 -4.75
N ARG A 284 14.16 35.53 -4.43
CA ARG A 284 14.40 34.63 -3.32
C ARG A 284 13.93 33.24 -3.70
N PHE A 285 14.65 32.24 -3.22
CA PHE A 285 14.41 30.87 -3.65
C PHE A 285 13.71 30.12 -2.51
N VAL A 286 12.85 29.17 -2.88
CA VAL A 286 12.03 28.41 -1.95
C VAL A 286 12.84 27.33 -1.24
N ASP A 287 13.84 26.78 -1.92
CA ASP A 287 14.69 25.72 -1.35
C ASP A 287 16.03 25.74 -2.09
N ILE A 288 17.08 26.13 -1.39
CA ILE A 288 18.42 26.25 -1.99
C ILE A 288 19.17 24.94 -2.08
N GLY A 289 18.44 23.85 -1.95
CA GLY A 289 18.99 22.54 -2.24
C GLY A 289 18.88 22.32 -3.72
N LYS A 290 19.32 21.16 -4.16
CA LYS A 290 19.48 20.88 -5.58
C LYS A 290 18.22 20.17 -6.17
N ASP A 291 17.41 19.55 -5.30
CA ASP A 291 16.31 18.68 -5.69
C ASP A 291 14.98 19.10 -5.08
N PHE A 292 14.44 20.25 -5.50
CA PHE A 292 13.15 20.74 -5.07
C PHE A 292 12.47 21.60 -6.19
N TYR A 293 11.76 20.93 -7.07
CA TYR A 293 11.17 21.56 -8.25
C TYR A 293 9.71 21.27 -8.29
N ALA A 294 8.96 22.20 -8.88
CA ALA A 294 7.55 22.00 -9.19
C ALA A 294 6.72 21.85 -7.92
N PHE A 295 7.01 22.74 -6.98
CA PHE A 295 6.21 22.94 -5.79
C PHE A 295 4.81 23.38 -6.21
N GLN A 296 3.81 22.85 -5.52
CA GLN A 296 2.43 23.24 -5.66
C GLN A 296 1.85 23.07 -4.27
N THR A 297 0.92 23.97 -3.92
CA THR A 297 0.17 23.96 -2.63
C THR A 297 -1.16 23.17 -2.71
N PHE A 298 -1.62 22.62 -1.57
CA PHE A 298 -2.91 21.93 -1.48
C PHE A 298 -4.10 22.88 -1.48
N SER A 299 -5.14 22.52 -2.24
CA SER A 299 -6.46 23.19 -2.17
C SER A 299 -7.22 22.66 -0.99
N GLU A 300 -8.17 23.47 -0.51
CA GLU A 300 -9.10 23.14 0.58
C GLU A 300 -8.50 23.02 1.97
N VAL A 301 -7.23 23.37 2.16
CA VAL A 301 -6.64 23.21 3.48
C VAL A 301 -7.32 24.19 4.42
N GLU A 302 -7.84 23.67 5.50
CA GLU A 302 -8.46 24.46 6.54
C GLU A 302 -7.35 24.68 7.58
N HIS A 303 -6.83 25.91 7.63
CA HIS A 303 -5.69 26.30 8.51
C HIS A 303 -4.30 26.07 7.88
N GLY A 304 -3.75 27.16 7.33
CA GLY A 304 -2.36 27.22 6.89
C GLY A 304 -2.18 27.02 5.40
N VAL A 305 -0.96 27.20 4.91
CA VAL A 305 -0.60 26.79 3.57
C VAL A 305 0.34 25.55 3.60
N LEU A 306 -0.08 24.50 2.90
CA LEU A 306 0.65 23.24 2.85
C LEU A 306 1.01 22.94 1.42
N GLY A 307 2.17 22.33 1.23
CA GLY A 307 2.63 21.99 -0.11
C GLY A 307 3.74 20.96 -0.14
N LEU A 308 3.99 20.41 -1.32
CA LEU A 308 5.18 19.60 -1.54
C LEU A 308 5.70 19.83 -2.96
N ALA A 309 6.92 19.41 -3.22
CA ALA A 309 7.45 19.51 -4.59
C ALA A 309 7.92 18.16 -5.11
N TRP A 310 8.33 18.15 -6.36
CA TRP A 310 9.06 17.01 -6.90
C TRP A 310 10.50 17.13 -6.42
N ALA A 311 10.96 16.08 -5.76
CA ALA A 311 12.27 16.01 -5.13
C ALA A 311 13.39 15.49 -6.01
N SER A 312 13.65 16.17 -7.11
CA SER A 312 14.84 15.88 -7.92
C SER A 312 15.15 17.06 -8.79
N ASN A 313 16.22 16.92 -9.59
CA ASN A 313 16.67 17.92 -10.56
C ASN A 313 16.69 17.39 -12.00
N TRP A 314 16.11 18.15 -12.91
CA TRP A 314 15.99 17.73 -14.30
C TRP A 314 17.34 17.46 -15.00
N GLN A 315 18.43 17.92 -14.40
CA GLN A 315 19.75 17.58 -14.92
C GLN A 315 20.08 16.08 -14.88
N TYR A 316 19.58 15.36 -13.90
CA TYR A 316 20.00 13.96 -13.70
C TYR A 316 18.90 13.04 -13.14
N ALA A 317 17.68 13.54 -13.06
CA ALA A 317 16.55 12.74 -12.58
C ALA A 317 16.40 11.38 -13.28
N ASP A 318 16.56 11.32 -14.60
CA ASP A 318 16.34 10.06 -15.30
C ASP A 318 17.57 9.15 -15.33
N GLN A 319 18.62 9.52 -14.61
CA GLN A 319 19.84 8.72 -14.64
C GLN A 319 20.24 8.14 -13.29
N VAL A 320 19.52 8.53 -12.25
CA VAL A 320 19.78 8.04 -10.87
C VAL A 320 19.54 6.54 -10.70
N PRO A 321 20.38 5.88 -9.88
CA PRO A 321 20.31 4.42 -9.73
C PRO A 321 19.21 3.96 -8.77
N THR A 322 17.95 4.15 -9.16
CA THR A 322 16.81 3.52 -8.51
C THR A 322 16.06 2.72 -9.58
N ASN A 323 15.62 1.52 -9.25
CA ASN A 323 14.84 0.70 -10.16
C ASN A 323 13.84 -0.07 -9.31
N PRO A 324 12.58 -0.22 -9.76
CA PRO A 324 11.89 0.08 -11.03
C PRO A 324 11.08 1.38 -11.07
N TRP A 325 11.33 2.29 -10.13
CA TRP A 325 10.72 3.61 -10.15
C TRP A 325 11.87 4.60 -10.24
N ARG A 326 11.54 5.86 -10.54
CA ARG A 326 12.45 6.97 -10.31
C ARG A 326 11.68 8.15 -9.84
N SER A 327 12.19 8.74 -8.75
CA SER A 327 11.69 9.98 -8.13
C SER A 327 10.79 9.73 -6.95
N SER A 328 11.06 10.45 -5.86
CA SER A 328 10.09 10.66 -4.78
C SER A 328 9.57 12.11 -4.76
N THR A 329 8.59 12.38 -3.91
CA THR A 329 8.25 13.75 -3.62
C THR A 329 8.97 14.09 -2.34
N SER A 330 8.89 15.37 -1.98
CA SER A 330 9.41 15.88 -0.72
C SER A 330 8.38 15.53 0.30
N LEU A 331 8.67 15.81 1.57
CA LEU A 331 7.61 15.80 2.58
C LEU A 331 6.68 16.98 2.30
N ALA A 332 5.47 16.92 2.86
CA ALA A 332 4.62 18.08 2.79
C ALA A 332 5.19 19.02 3.84
N ARG A 333 4.94 20.31 3.66
CA ARG A 333 5.48 21.32 4.55
C ARG A 333 4.46 22.43 4.82
N ASN A 334 4.57 23.01 6.01
CA ASN A 334 3.67 24.06 6.45
C ASN A 334 4.36 25.39 6.22
N TYR A 335 3.65 26.29 5.56
CA TYR A 335 4.25 27.51 5.08
C TYR A 335 3.69 28.73 5.75
N THR A 336 4.62 29.50 6.32
CA THR A 336 4.30 30.78 6.96
C THR A 336 5.32 31.87 6.59
N LEU A 337 5.01 33.11 6.95
CA LEU A 337 5.90 34.24 6.83
C LEU A 337 6.31 34.80 8.21
N ARG A 338 7.62 34.98 8.41
CA ARG A 338 8.21 35.44 9.66
C ARG A 338 9.18 36.60 9.39
N TYR A 339 9.19 37.61 10.27
CA TYR A 339 10.26 38.59 10.25
C TYR A 339 11.53 37.92 10.78
N VAL A 340 12.55 37.86 9.90
CA VAL A 340 13.86 37.26 10.20
C VAL A 340 15.06 38.16 9.80
N HIS A 341 16.12 38.08 10.61
CA HIS A 341 17.34 38.83 10.38
C HIS A 341 18.14 38.19 9.27
N THR A 342 18.32 38.93 8.17
CA THR A 342 19.12 38.49 7.03
C THR A 342 20.57 39.00 7.12
N ASN A 343 20.76 40.18 7.69
CA ASN A 343 22.08 40.60 8.17
C ASN A 343 21.96 40.90 9.68
N ALA A 344 22.88 41.67 10.28
CA ALA A 344 22.67 42.07 11.69
C ALA A 344 21.73 43.33 11.92
N GLU A 345 21.59 44.20 10.93
CA GLU A 345 20.73 45.40 11.08
C GLU A 345 19.27 45.21 10.73
N THR A 346 19.01 44.39 9.72
CA THR A 346 17.76 44.40 9.00
C THR A 346 17.09 43.04 9.09
N LYS A 347 15.76 43.09 9.18
CA LYS A 347 14.93 41.91 9.08
C LYS A 347 14.09 42.06 7.83
N GLN A 348 13.62 40.93 7.33
CA GLN A 348 12.87 40.86 6.09
C GLN A 348 11.69 39.94 6.31
N LEU A 349 10.55 40.27 5.73
CA LEU A 349 9.43 39.34 5.68
C LEU A 349 9.82 38.17 4.76
N THR A 350 9.74 36.93 5.29
CA THR A 350 10.48 35.77 4.73
C THR A 350 9.68 34.50 4.82
N LEU A 351 9.59 33.76 3.71
CA LEU A 351 8.91 32.48 3.69
C LEU A 351 9.62 31.48 4.56
N ILE A 352 8.88 30.99 5.54
CA ILE A 352 9.28 29.94 6.47
C ILE A 352 8.53 28.68 6.09
N GLN A 353 9.20 27.52 6.15
CA GLN A 353 8.58 26.23 5.90
C GLN A 353 9.12 25.18 6.86
N ASN A 354 8.21 24.43 7.49
CA ASN A 354 8.57 23.32 8.40
C ASN A 354 7.85 22.05 7.99
N PRO A 355 8.46 20.87 8.27
CA PRO A 355 8.00 19.59 7.70
C PRO A 355 6.77 19.06 8.41
N VAL A 356 5.99 18.20 7.73
CA VAL A 356 4.81 17.61 8.39
C VAL A 356 5.13 16.21 8.91
N LEU A 357 5.00 16.03 10.22
CA LEU A 357 5.22 14.76 10.86
C LEU A 357 4.20 14.49 11.95
N PRO A 358 3.12 13.75 11.61
CA PRO A 358 2.20 13.49 12.70
C PRO A 358 2.80 12.47 13.69
N ASP A 359 2.24 12.46 14.89
CA ASP A 359 2.60 11.45 15.90
C ASP A 359 2.34 10.03 15.39
N SER A 360 1.54 9.91 14.33
CA SER A 360 1.27 8.59 13.73
C SER A 360 2.54 7.89 13.15
N ILE A 361 3.72 8.46 13.44
CA ILE A 361 5.02 7.92 13.00
C ILE A 361 5.72 7.26 14.14
N ASN A 362 5.97 5.96 14.00
CA ASN A 362 6.73 5.16 14.96
C ASN A 362 8.06 5.80 15.30
N VAL A 363 8.36 5.90 16.57
CA VAL A 363 9.74 6.07 16.99
C VAL A 363 10.29 4.69 17.32
N VAL A 364 11.19 4.19 16.49
CA VAL A 364 11.77 2.87 16.77
C VAL A 364 12.71 2.90 17.98
N ASP A 365 13.60 3.90 18.02
CA ASP A 365 14.60 4.08 19.07
C ASP A 365 15.03 5.53 18.97
N LYS A 366 15.58 6.07 20.05
CA LYS A 366 16.16 7.41 19.99
C LYS A 366 17.24 7.71 21.03
N LEU A 367 18.16 8.59 20.63
CA LEU A 367 19.17 9.15 21.52
C LEU A 367 18.79 10.63 21.79
N LYS A 368 18.68 10.96 23.08
CA LYS A 368 18.38 12.30 23.56
C LYS A 368 19.51 12.83 24.45
N LYS A 369 19.92 14.08 24.20
CA LYS A 369 20.97 14.72 25.02
C LYS A 369 20.75 16.21 25.31
N LYS A 370 21.34 16.67 26.43
CA LYS A 370 21.10 18.01 26.98
C LYS A 370 22.40 18.73 27.33
N ASN A 371 22.45 20.03 27.01
CA ASN A 371 23.59 20.89 27.34
C ASN A 371 24.98 20.25 27.23
N VAL A 372 25.29 19.56 26.11
CA VAL A 372 26.61 18.92 25.92
C VAL A 372 27.65 19.73 25.15
N LYS A 373 28.87 19.71 25.66
CA LYS A 373 30.00 20.43 25.10
C LYS A 373 30.65 19.50 24.07
N LEU A 374 30.85 20.01 22.86
CA LEU A 374 31.46 19.25 21.78
C LEU A 374 32.96 19.42 21.70
N THR A 375 33.66 18.28 21.69
CA THR A 375 35.10 18.24 21.50
C THR A 375 35.41 16.91 20.87
N ASN A 376 36.61 16.80 20.31
CA ASN A 376 37.02 15.57 19.59
C ASN A 376 37.01 14.31 20.40
N LYS A 377 37.00 14.44 21.72
CA LYS A 377 36.94 13.25 22.58
C LYS A 377 35.53 12.87 23.04
N LYS A 378 34.61 13.84 23.02
CA LYS A 378 33.19 13.60 23.33
C LYS A 378 32.33 13.54 22.06
N PRO A 379 32.51 12.51 21.20
CA PRO A 379 31.59 12.49 20.08
C PRO A 379 30.20 12.03 20.53
N ILE A 380 29.25 12.01 19.60
CA ILE A 380 27.88 11.58 19.87
C ILE A 380 27.57 10.46 18.88
N LYS A 381 27.74 9.22 19.28
CA LYS A 381 27.49 8.10 18.39
C LYS A 381 26.16 7.44 18.66
N THR A 382 25.33 7.36 17.63
CA THR A 382 24.10 6.63 17.66
C THR A 382 24.47 5.16 17.83
N ASN A 383 23.88 4.52 18.84
CA ASN A 383 24.05 3.08 19.05
C ASN A 383 22.70 2.38 19.13
N PHE A 384 22.09 2.16 17.96
CA PHE A 384 20.79 1.54 17.81
C PHE A 384 20.93 0.07 17.48
N LYS A 385 19.87 -0.70 17.75
CA LYS A 385 19.89 -2.15 17.54
C LYS A 385 20.13 -2.51 16.05
N GLY A 386 19.32 -1.90 15.15
CA GLY A 386 19.44 -2.06 13.68
C GLY A 386 18.94 -0.83 12.92
N SER A 387 18.69 -0.94 11.61
CA SER A 387 18.24 0.25 10.83
C SER A 387 17.10 0.11 9.81
N THR A 388 16.30 1.17 9.76
CA THR A 388 15.19 1.28 8.81
C THR A 388 15.51 2.26 7.67
N GLY A 389 16.61 3.00 7.82
CA GLY A 389 17.05 4.00 6.85
C GLY A 389 16.21 5.26 6.92
N LEU A 390 15.34 5.34 7.92
CA LEU A 390 14.60 6.55 8.14
C LEU A 390 15.03 7.17 9.46
N PHE A 391 15.89 8.17 9.42
CA PHE A 391 16.30 8.87 10.64
C PHE A 391 15.88 10.32 10.62
N ASP A 392 15.87 10.93 11.79
CA ASP A 392 15.71 12.38 11.87
C ASP A 392 16.61 12.90 13.00
N PHE A 393 16.90 14.20 13.00
CA PHE A 393 17.76 14.80 14.03
C PHE A 393 17.39 16.22 14.27
N ASN A 394 17.31 16.60 15.55
CA ASN A 394 16.76 17.87 15.91
C ASN A 394 17.73 18.52 16.91
N ILE A 395 18.35 19.65 16.52
CA ILE A 395 19.49 20.22 17.25
C ILE A 395 19.41 21.72 17.44
N THR A 396 19.51 22.15 18.70
CA THR A 396 19.76 23.56 19.02
C THR A 396 21.18 23.66 19.55
N PHE A 397 21.91 24.73 19.21
CA PHE A 397 23.29 24.89 19.65
C PHE A 397 23.76 26.31 19.88
N LYS A 398 24.77 26.42 20.73
CA LYS A 398 25.39 27.70 21.07
C LYS A 398 26.83 27.74 20.56
N VAL A 399 27.20 28.86 19.91
CA VAL A 399 28.60 29.06 19.52
C VAL A 399 29.35 29.90 20.59
N LEU A 400 30.36 29.25 21.17
CA LEU A 400 31.09 29.80 22.29
C LEU A 400 32.19 30.76 21.86
N ASN A 401 32.74 31.50 22.82
CA ASN A 401 33.94 32.31 22.63
C ASN A 401 35.19 31.55 22.95
N LEU A 402 35.77 30.97 21.90
CA LEU A 402 36.98 30.17 21.99
C LEU A 402 37.67 30.26 20.62
N ASN A 403 38.92 30.69 20.62
CA ASN A 403 39.62 30.89 19.38
C ASN A 403 40.30 29.61 18.98
N VAL A 404 40.02 29.18 17.75
CA VAL A 404 40.65 27.96 17.27
C VAL A 404 41.24 28.13 15.87
N SER A 405 42.18 27.26 15.52
CA SER A 405 42.82 27.28 14.21
C SER A 405 41.76 27.07 13.12
N PRO A 406 41.87 27.80 11.98
CA PRO A 406 40.82 27.93 10.95
C PRO A 406 40.25 26.62 10.40
N GLY A 407 41.00 25.53 10.53
CA GLY A 407 40.55 24.25 9.96
C GLY A 407 39.54 23.56 10.86
N LYS A 408 39.21 24.18 11.98
CA LYS A 408 38.43 23.50 13.00
C LYS A 408 37.15 24.21 13.46
N THR A 409 36.91 25.39 12.91
CA THR A 409 35.71 26.17 13.28
C THR A 409 34.38 25.54 12.81
N HIS A 410 34.33 24.21 12.75
CA HIS A 410 33.15 23.48 12.24
C HIS A 410 32.79 22.29 13.13
N PHE A 411 31.53 21.87 13.10
CA PHE A 411 31.12 20.51 13.56
C PHE A 411 30.30 19.82 12.46
N ASP A 412 30.21 18.49 12.53
CA ASP A 412 29.67 17.69 11.42
C ASP A 412 28.82 16.52 11.86
N ILE A 413 27.74 16.28 11.14
CA ILE A 413 26.90 15.16 11.35
C ILE A 413 27.21 14.22 10.23
N LEU A 414 27.67 13.02 10.58
CA LEU A 414 27.95 12.00 9.59
C LEU A 414 26.84 10.92 9.53
N ILE A 415 26.28 10.73 8.35
CA ILE A 415 25.24 9.77 8.16
C ILE A 415 25.84 8.61 7.42
N ASN A 416 26.20 7.58 8.19
CA ASN A 416 26.94 6.44 7.65
C ASN A 416 26.05 5.22 7.31
N SER A 417 26.38 4.55 6.23
CA SER A 417 25.81 3.26 5.94
C SER A 417 26.49 2.24 6.81
N GLN A 418 25.96 1.02 6.77
CA GLN A 418 26.67 -0.16 7.28
C GLN A 418 27.83 -0.46 6.36
N GLU A 419 28.90 -1.04 6.91
CA GLU A 419 30.03 -1.46 6.09
C GLU A 419 29.61 -2.60 5.15
N LEU A 420 29.76 -2.42 3.83
CA LEU A 420 29.62 -3.56 2.88
C LEU A 420 30.99 -3.99 2.34
N ASN A 421 31.28 -3.87 1.04
CA ASN A 421 32.60 -4.28 0.53
C ASN A 421 33.74 -3.70 1.38
N SER A 422 33.69 -3.95 2.69
CA SER A 422 34.53 -3.29 3.71
C SER A 422 34.72 -1.76 3.51
N SER A 423 33.61 -1.04 3.27
CA SER A 423 33.65 0.42 3.07
C SER A 423 32.34 1.08 3.50
N VAL A 424 32.44 2.15 4.29
CA VAL A 424 31.25 2.79 4.87
C VAL A 424 30.90 4.07 4.09
N ASP A 425 29.83 3.99 3.31
CA ASP A 425 29.34 5.16 2.56
C ASP A 425 28.78 6.20 3.54
N SER A 426 29.20 7.45 3.43
CA SER A 426 28.75 8.48 4.37
C SER A 426 28.41 9.81 3.69
N ILE A 427 27.46 10.57 4.25
CA ILE A 427 27.23 11.95 3.79
C ILE A 427 27.26 12.92 4.95
N LYS A 428 27.85 14.09 4.74
CA LYS A 428 28.15 15.01 5.85
C LYS A 428 27.21 16.20 5.87
N ILE A 429 26.82 16.65 7.08
CA ILE A 429 26.08 17.92 7.30
C ILE A 429 26.70 18.69 8.47
N GLY A 430 27.29 19.84 8.19
CA GLY A 430 27.98 20.62 9.20
C GLY A 430 27.58 22.09 9.29
N PHE A 431 28.29 22.79 10.16
CA PHE A 431 28.15 24.21 10.36
C PHE A 431 29.55 24.73 10.69
N ASP A 432 29.89 25.86 10.08
CA ASP A 432 31.15 26.53 10.33
C ASP A 432 30.83 27.86 10.96
N SER A 433 31.35 28.06 12.18
CA SER A 433 31.05 29.27 12.95
C SER A 433 31.69 30.53 12.33
N SER A 434 32.90 30.37 11.80
CA SER A 434 33.56 31.45 11.08
C SER A 434 32.78 31.89 9.84
N GLN A 435 31.88 31.05 9.35
CA GLN A 435 31.16 31.35 8.12
C GLN A 435 29.68 31.61 8.38
N SER A 436 29.21 31.19 9.55
CA SER A 436 27.82 31.32 9.95
C SER A 436 26.96 30.54 8.99
N SER A 437 27.53 29.49 8.39
CA SER A 437 26.88 28.82 7.29
C SER A 437 26.88 27.31 7.45
N PHE A 438 25.73 26.68 7.21
CA PHE A 438 25.60 25.23 7.19
C PHE A 438 26.00 24.72 5.85
N TYR A 439 26.25 23.41 5.79
CA TYR A 439 26.78 22.81 4.60
C TYR A 439 26.45 21.35 4.54
N ILE A 440 26.42 20.84 3.31
CA ILE A 440 26.19 19.44 3.07
C ILE A 440 27.28 19.00 2.13
N ASP A 441 27.70 17.75 2.25
CA ASP A 441 28.58 17.20 1.24
C ASP A 441 28.03 15.81 0.91
N ARG A 442 27.29 15.71 -0.19
CA ARG A 442 26.70 14.43 -0.53
C ARG A 442 27.59 13.51 -1.41
N HIS A 443 28.87 13.83 -1.51
CA HIS A 443 29.74 12.95 -2.29
C HIS A 443 29.78 11.53 -1.72
N ILE A 444 29.69 10.54 -2.60
CA ILE A 444 29.90 9.13 -2.27
C ILE A 444 30.74 8.50 -3.38
N PRO A 445 31.90 7.90 -3.04
CA PRO A 445 32.82 7.40 -4.06
C PRO A 445 32.28 6.16 -4.73
N ASN A 446 32.80 5.85 -5.91
CA ASN A 446 32.52 4.56 -6.58
C ASN A 446 31.14 4.36 -7.09
N VAL A 447 30.28 5.34 -6.90
CA VAL A 447 28.91 5.23 -7.39
C VAL A 447 28.90 6.14 -8.56
N GLU A 448 28.78 5.57 -9.76
CA GLU A 448 28.90 6.36 -10.98
C GLU A 448 27.66 6.16 -11.85
N PHE A 449 27.05 7.26 -12.29
CA PHE A 449 25.91 7.23 -13.19
C PHE A 449 25.97 8.36 -14.21
N PRO A 450 25.26 8.21 -15.34
CA PRO A 450 25.21 9.30 -16.33
C PRO A 450 24.75 10.70 -15.80
N ARG A 451 25.51 11.73 -16.22
CA ARG A 451 25.26 13.14 -15.90
C ARG A 451 25.62 13.59 -14.50
N LYS A 452 26.44 12.79 -13.82
CA LYS A 452 26.94 13.13 -12.51
C LYS A 452 27.89 14.32 -12.56
N GLN A 453 28.21 14.79 -13.76
CA GLN A 453 28.94 16.03 -13.88
C GLN A 453 28.10 17.19 -13.34
N PHE A 454 26.79 17.03 -13.34
CA PHE A 454 25.91 18.11 -12.86
C PHE A 454 25.45 17.82 -11.45
N PHE A 455 25.78 16.63 -10.96
CA PHE A 455 25.36 16.24 -9.63
C PHE A 455 26.27 16.90 -8.58
N THR A 456 25.94 18.15 -8.25
CA THR A 456 26.69 18.94 -7.30
C THR A 456 26.81 18.25 -5.93
N ASP A 457 27.99 18.27 -5.36
CA ASP A 457 28.22 17.59 -4.10
C ASP A 457 28.19 18.48 -2.89
N LYS A 458 28.71 19.70 -3.00
CA LYS A 458 28.82 20.63 -1.88
C LYS A 458 27.88 21.81 -2.05
N LEU A 459 27.06 22.09 -1.04
CA LEU A 459 26.17 23.27 -1.05
C LEU A 459 26.12 23.81 0.36
N ALA A 460 25.94 25.11 0.49
CA ALA A 460 25.96 25.73 1.81
C ALA A 460 24.81 26.75 1.94
N ALA A 461 24.47 27.12 3.18
CA ALA A 461 23.47 28.13 3.46
C ALA A 461 23.97 29.01 4.57
N TYR A 462 24.07 30.31 4.27
CA TYR A 462 24.42 31.29 5.26
C TYR A 462 23.16 31.69 6.01
N LEU A 463 23.24 31.63 7.35
CA LEU A 463 22.16 32.09 8.22
C LEU A 463 22.64 32.99 9.34
N GLU A 464 21.81 33.97 9.70
CA GLU A 464 22.01 34.76 10.90
C GLU A 464 21.56 33.98 12.15
N PRO A 465 22.12 34.28 13.34
CA PRO A 465 21.60 33.64 14.53
C PRO A 465 20.07 33.56 14.60
N LEU A 466 19.56 32.46 15.16
CA LEU A 466 18.18 32.32 15.55
C LEU A 466 17.99 33.22 16.77
N ASP A 467 18.92 33.11 17.70
CA ASP A 467 18.86 33.88 18.93
C ASP A 467 20.25 34.09 19.53
N TYR A 468 20.39 35.20 20.25
CA TYR A 468 21.56 35.42 21.07
C TYR A 468 21.19 35.10 22.51
N ASP A 469 21.88 34.12 23.08
CA ASP A 469 21.85 33.88 24.52
C ASP A 469 23.03 34.68 25.08
N GLN A 470 22.72 35.91 25.54
CA GLN A 470 23.72 36.84 26.05
C GLN A 470 24.45 37.44 24.86
N ASP A 471 25.69 37.05 24.70
CA ASP A 471 26.51 37.47 23.56
C ASP A 471 26.71 36.28 22.61
N LEU A 472 26.78 35.08 23.18
CA LEU A 472 26.86 33.81 22.44
C LEU A 472 25.73 33.61 21.42
N ARG A 473 26.05 32.93 20.33
CA ARG A 473 25.05 32.75 19.24
C ARG A 473 24.38 31.39 19.29
N VAL A 474 23.08 31.41 19.01
CA VAL A 474 22.26 30.19 19.04
C VAL A 474 21.71 29.86 17.64
N PHE A 475 21.96 28.63 17.17
CA PHE A 475 21.43 28.22 15.86
C PHE A 475 20.61 26.94 16.04
N SER A 476 19.71 26.64 15.11
CA SER A 476 18.94 25.39 15.21
C SER A 476 18.81 24.68 13.87
N LEU A 477 18.71 23.34 13.88
CA LEU A 477 18.56 22.54 12.65
C LEU A 477 17.87 21.20 12.87
N TYR A 478 16.77 21.00 12.15
CA TYR A 478 16.15 19.71 12.06
C TYR A 478 16.43 19.14 10.70
N GLY A 479 16.93 17.92 10.65
CA GLY A 479 17.04 17.23 9.37
C GLY A 479 16.42 15.86 9.44
N ILE A 480 15.83 15.39 8.35
CA ILE A 480 15.31 14.04 8.30
C ILE A 480 15.78 13.29 7.05
N VAL A 481 16.50 12.17 7.24
CA VAL A 481 17.03 11.31 6.18
C VAL A 481 16.01 10.21 5.82
N ASP A 482 15.89 9.86 4.54
CA ASP A 482 14.98 8.78 4.11
C ASP A 482 15.53 7.94 2.96
N LYS A 483 16.37 6.97 3.28
CA LYS A 483 16.98 6.05 2.31
C LYS A 483 17.69 6.68 1.10
N ASN A 484 17.12 7.71 0.48
CA ASN A 484 17.80 8.35 -0.67
C ASN A 484 17.66 9.88 -0.79
N ILE A 485 17.02 10.49 0.20
CA ILE A 485 16.71 11.90 0.23
C ILE A 485 16.99 12.46 1.63
N ILE A 486 17.44 13.72 1.68
CA ILE A 486 17.63 14.37 2.97
C ILE A 486 17.10 15.82 2.94
N GLU A 487 16.32 16.19 3.96
CA GLU A 487 15.72 17.52 4.02
C GLU A 487 16.27 18.25 5.24
N LEU A 488 16.81 19.44 5.05
CA LEU A 488 17.31 20.20 6.18
C LEU A 488 16.49 21.48 6.33
N TYR A 489 16.17 21.85 7.56
CA TYR A 489 15.46 23.09 7.88
C TYR A 489 16.32 23.82 8.92
N PHE A 490 16.87 24.97 8.54
CA PHE A 490 17.75 25.73 9.44
C PHE A 490 17.02 26.82 10.20
N ASN A 491 17.34 26.93 11.49
CA ASN A 491 16.74 27.93 12.36
C ASN A 491 15.25 27.96 12.16
N ASP A 492 14.64 26.83 12.55
CA ASP A 492 13.20 26.77 12.76
C ASP A 492 12.45 26.98 11.44
N GLY A 493 13.05 26.57 10.32
CA GLY A 493 12.40 26.71 9.02
C GLY A 493 12.62 28.03 8.28
N THR A 494 13.75 28.68 8.54
CA THR A 494 14.05 29.95 7.90
C THR A 494 14.67 29.70 6.52
N VAL A 495 15.50 28.66 6.40
CA VAL A 495 15.89 28.12 5.08
C VAL A 495 15.82 26.58 5.02
N ALA A 496 15.34 26.07 3.89
CA ALA A 496 15.23 24.66 3.66
C ALA A 496 16.09 24.22 2.47
N MET A 497 16.68 23.02 2.59
CA MET A 497 17.64 22.47 1.66
C MET A 497 17.33 20.95 1.36
N THR A 498 16.69 20.67 0.22
CA THR A 498 16.35 19.31 -0.19
C THR A 498 17.37 18.78 -1.20
N ASN A 499 17.81 17.53 -1.03
CA ASN A 499 18.87 16.93 -1.82
C ASN A 499 18.76 15.39 -1.81
N THR A 500 18.86 14.74 -2.97
CA THR A 500 18.83 13.29 -3.00
C THR A 500 20.25 12.77 -2.67
N PHE A 501 20.43 11.46 -2.46
CA PHE A 501 21.79 10.89 -2.33
C PHE A 501 21.86 9.42 -2.68
N PHE A 502 22.91 9.02 -3.35
CA PHE A 502 22.96 7.65 -3.83
C PHE A 502 24.18 6.84 -3.41
N MET A 503 23.99 6.15 -2.31
CA MET A 503 24.93 5.19 -1.79
C MET A 503 25.05 3.91 -2.64
N GLY A 504 26.15 3.19 -2.45
CA GLY A 504 26.43 1.98 -3.21
C GLY A 504 25.39 0.89 -3.00
N GLU A 505 25.20 0.09 -4.04
CA GLU A 505 24.28 -1.03 -4.03
C GLU A 505 24.22 -1.78 -2.69
N GLY A 506 23.02 -1.83 -2.11
CA GLY A 506 22.78 -2.47 -0.83
C GLY A 506 22.95 -1.58 0.38
N LYS A 507 23.68 -0.46 0.26
CA LYS A 507 23.96 0.39 1.43
C LYS A 507 22.91 1.48 1.68
N TYR A 508 22.59 1.70 2.97
CA TYR A 508 21.59 2.71 3.37
C TYR A 508 21.89 3.21 4.79
N PRO A 509 21.36 4.37 5.21
CA PRO A 509 21.79 4.82 6.55
C PRO A 509 21.63 3.78 7.67
N HIS A 510 22.63 3.66 8.54
CA HIS A 510 22.58 2.80 9.72
C HIS A 510 22.76 3.56 11.02
N ASP A 511 23.77 4.43 11.08
CA ASP A 511 24.07 5.20 12.31
C ASP A 511 24.41 6.64 12.00
N ILE A 512 24.43 7.47 13.05
CA ILE A 512 24.61 8.92 12.95
C ILE A 512 25.53 9.45 14.05
N GLN A 513 26.54 10.21 13.64
CA GLN A 513 27.51 10.78 14.58
C GLN A 513 27.42 12.29 14.59
N ILE A 514 27.75 12.93 15.72
CA ILE A 514 28.02 14.36 15.74
C ILE A 514 29.42 14.57 16.33
N VAL A 515 30.35 14.97 15.45
CA VAL A 515 31.76 15.05 15.81
C VAL A 515 32.30 16.47 15.58
N THR A 516 33.54 16.65 16.00
CA THR A 516 34.32 17.84 15.69
C THR A 516 35.82 17.53 15.86
N ASP A 517 36.69 18.42 15.39
CA ASP A 517 38.14 18.27 15.57
C ASP A 517 38.70 19.10 16.76
N THR A 518 37.95 20.10 17.24
CA THR A 518 38.43 21.01 18.30
C THR A 518 38.62 20.28 19.63
N GLU A 519 39.63 20.70 20.41
CA GLU A 519 39.90 20.08 21.72
C GLU A 519 39.11 20.66 22.86
N GLU A 520 38.95 21.97 22.84
CA GLU A 520 38.04 22.66 23.74
C GLU A 520 36.66 22.68 23.11
N PRO A 521 35.62 22.97 23.90
CA PRO A 521 34.32 23.09 23.28
C PRO A 521 34.18 24.42 22.53
N LEU A 522 33.89 24.31 21.24
CA LEU A 522 33.48 25.48 20.45
C LEU A 522 31.95 25.55 20.30
N PHE A 523 31.33 24.37 20.30
CA PHE A 523 29.88 24.28 20.23
C PHE A 523 29.27 23.61 21.44
N GLU A 524 28.25 24.26 21.98
CA GLU A 524 27.42 23.62 22.97
C GLU A 524 26.11 23.24 22.32
N LEU A 525 25.77 21.97 22.46
CA LEU A 525 24.52 21.42 21.98
C LEU A 525 23.49 21.47 23.11
N GLU A 526 22.73 22.54 23.15
CA GLU A 526 21.67 22.71 24.12
C GLU A 526 20.77 21.47 24.21
N SER A 527 20.31 21.00 23.05
CA SER A 527 19.47 19.81 22.93
C SER A 527 19.90 19.00 21.71
N VAL A 528 19.68 17.69 21.76
CA VAL A 528 19.96 16.80 20.62
C VAL A 528 18.92 15.67 20.68
N ILE A 529 18.29 15.33 19.54
CA ILE A 529 17.41 14.17 19.47
C ILE A 529 17.56 13.45 18.14
N ILE A 530 18.36 12.39 18.12
CA ILE A 530 18.51 11.52 16.94
C ILE A 530 17.49 10.41 17.07
N ARG A 531 16.79 10.09 16.00
CA ARG A 531 15.65 9.17 16.04
C ARG A 531 15.75 8.10 14.97
N GLU A 532 15.32 6.88 15.29
CA GLU A 532 15.05 5.90 14.26
C GLU A 532 13.55 5.88 14.04
N LEU A 533 13.11 6.04 12.79
CA LEU A 533 11.68 6.10 12.48
C LEU A 533 11.18 4.97 11.58
N ASN A 534 9.85 4.88 11.45
CA ASN A 534 9.18 3.79 10.77
C ASN A 534 7.72 4.07 10.37
N LYS A 535 7.12 3.14 9.62
CA LYS A 535 5.78 3.32 9.03
C LYS A 535 4.62 3.02 9.98
N SER B 24 50.51 38.09 10.89
CA SER B 24 51.62 38.92 10.30
C SER B 24 52.85 38.05 9.98
N ILE B 25 52.58 36.87 9.45
CA ILE B 25 53.62 35.87 9.21
C ILE B 25 54.32 36.15 7.86
N ASP B 26 55.00 35.13 7.33
CA ASP B 26 55.33 35.02 5.90
C ASP B 26 56.35 33.89 5.58
N LEU B 27 57.64 34.19 5.44
CA LEU B 27 58.73 33.17 5.56
C LEU B 27 59.43 32.60 4.29
N SER B 28 59.66 31.29 4.33
CA SER B 28 60.61 30.60 3.46
C SER B 28 59.90 29.85 2.38
N VAL B 29 58.61 29.64 2.60
CA VAL B 29 57.68 28.98 1.66
C VAL B 29 57.23 29.95 0.56
N ASP B 30 57.51 29.58 -0.69
CA ASP B 30 57.04 30.35 -1.86
C ASP B 30 56.50 29.40 -2.90
N THR B 31 55.27 29.63 -3.32
CA THR B 31 54.61 28.72 -4.26
C THR B 31 54.55 29.28 -5.69
N SER B 32 54.95 30.55 -5.87
CA SER B 32 54.93 31.19 -7.19
C SER B 32 55.36 30.24 -8.31
N GLU B 33 56.45 29.51 -8.10
CA GLU B 33 56.94 28.47 -9.02
C GLU B 33 55.80 27.74 -9.73
N TYR B 34 54.81 27.27 -8.97
CA TYR B 34 53.65 26.57 -9.55
C TYR B 34 52.25 27.20 -9.28
N ASN B 35 52.20 28.34 -8.62
CA ASN B 35 50.93 28.88 -8.13
C ASN B 35 50.64 30.29 -8.60
N ARG B 36 51.69 31.10 -8.78
CA ARG B 36 51.48 32.50 -9.14
C ARG B 36 51.16 32.60 -10.62
N PRO B 37 49.99 33.21 -10.94
CA PRO B 37 49.63 33.51 -12.31
C PRO B 37 50.66 34.42 -12.91
N LEU B 38 50.77 34.40 -14.24
CA LEU B 38 51.70 35.25 -14.98
C LEU B 38 51.07 36.58 -15.42
N ILE B 39 49.81 36.54 -15.85
CA ILE B 39 49.16 37.71 -16.50
C ILE B 39 47.90 38.19 -15.79
N HIS B 40 47.73 37.69 -14.57
CA HIS B 40 46.70 38.11 -13.66
C HIS B 40 47.41 38.82 -12.53
N PHE B 41 47.17 40.12 -12.37
CA PHE B 41 47.86 40.85 -11.30
C PHE B 41 47.79 40.15 -9.94
N THR B 42 48.84 40.36 -9.16
CA THR B 42 49.09 39.67 -7.93
C THR B 42 50.00 40.54 -7.07
N PRO B 43 49.63 40.79 -5.81
CA PRO B 43 50.60 41.52 -4.99
C PRO B 43 51.81 40.63 -4.68
N GLU B 44 53.00 41.22 -4.68
CA GLU B 44 54.23 40.47 -4.48
C GLU B 44 54.21 39.70 -3.15
N LYS B 45 53.73 40.36 -2.10
CA LYS B 45 53.49 39.67 -0.83
C LYS B 45 52.32 40.29 -0.07
N GLY B 46 51.57 39.45 0.64
CA GLY B 46 50.41 39.90 1.41
C GLY B 46 49.01 39.62 0.85
N TRP B 47 48.08 40.53 1.13
CA TRP B 47 46.67 40.26 0.94
C TRP B 47 45.99 41.31 0.09
N MET B 48 45.35 40.86 -0.98
CA MET B 48 44.61 41.70 -1.84
C MET B 48 43.15 41.28 -1.95
N ASN B 49 42.23 42.23 -1.78
CA ASN B 49 40.86 41.98 -2.17
C ASN B 49 40.39 42.96 -3.23
N ASP B 50 39.29 43.66 -2.95
CA ASP B 50 38.67 44.57 -3.89
C ASP B 50 39.63 45.43 -4.69
N PRO B 51 39.44 45.49 -6.03
CA PRO B 51 40.14 46.47 -6.83
C PRO B 51 39.48 47.86 -6.75
N ASN B 52 40.32 48.90 -6.72
CA ASN B 52 39.95 50.28 -6.41
C ASN B 52 40.58 51.28 -7.37
N GLY B 53 40.00 52.49 -7.43
CA GLY B 53 40.56 53.59 -8.21
C GLY B 53 40.96 53.30 -9.64
N LEU B 54 40.16 52.53 -10.37
CA LEU B 54 40.55 52.14 -11.70
C LEU B 54 40.38 53.30 -12.68
N PHE B 55 41.49 53.72 -13.30
CA PHE B 55 41.46 54.80 -14.32
C PHE B 55 42.52 54.65 -15.42
N TYR B 56 42.31 55.41 -16.51
CA TYR B 56 43.28 55.49 -17.61
C TYR B 56 43.94 56.88 -17.78
N ASP B 57 45.26 56.92 -17.77
CA ASP B 57 45.99 58.18 -17.84
C ASP B 57 46.39 58.43 -19.28
N LYS B 58 45.61 59.30 -19.92
CA LYS B 58 45.66 59.52 -21.36
C LYS B 58 46.97 60.12 -21.79
N THR B 59 47.54 60.97 -20.96
CA THR B 59 48.82 61.55 -21.36
C THR B 59 50.02 60.60 -21.09
N ALA B 60 50.06 59.94 -19.93
CA ALA B 60 51.05 58.86 -19.74
C ALA B 60 50.73 57.58 -20.53
N LYS B 61 49.60 57.58 -21.26
CA LYS B 61 49.05 56.35 -21.87
C LYS B 61 49.32 55.16 -20.94
N LEU B 62 48.68 55.18 -19.78
CA LEU B 62 48.97 54.22 -18.71
C LEU B 62 47.70 53.79 -17.92
N TRP B 63 47.58 52.48 -17.70
CA TRP B 63 46.45 51.92 -16.98
C TRP B 63 46.77 51.78 -15.50
N HIS B 64 45.86 52.22 -14.64
CA HIS B 64 46.09 52.14 -13.20
C HIS B 64 45.16 51.17 -12.47
N LEU B 65 45.73 50.47 -11.50
CA LEU B 65 44.99 49.53 -10.65
C LEU B 65 45.44 49.74 -9.22
N TYR B 66 44.49 49.92 -8.30
CA TYR B 66 44.72 50.02 -6.84
C TYR B 66 43.92 48.91 -6.22
N PHE B 67 44.15 48.61 -4.94
CA PHE B 67 43.51 47.46 -4.31
C PHE B 67 43.55 47.43 -2.77
N GLN B 68 42.52 46.83 -2.20
CA GLN B 68 42.53 46.55 -0.78
C GLN B 68 43.75 45.69 -0.40
N TYR B 69 44.60 46.29 0.42
CA TYR B 69 45.90 45.71 0.67
C TYR B 69 46.26 45.73 2.14
N ASN B 70 46.57 44.54 2.63
CA ASN B 70 47.22 44.36 3.89
C ASN B 70 48.57 43.73 3.62
N PRO B 71 49.62 44.57 3.66
CA PRO B 71 51.01 44.14 3.40
C PRO B 71 51.54 43.21 4.46
N ASN B 72 51.01 43.35 5.66
CA ASN B 72 51.56 42.70 6.84
C ASN B 72 51.14 41.22 6.96
N ALA B 73 49.96 40.89 6.45
CA ALA B 73 49.45 39.53 6.64
C ALA B 73 49.01 38.80 5.37
N THR B 74 48.85 37.50 5.50
CA THR B 74 48.38 36.61 4.42
C THR B 74 46.83 36.56 4.41
N ALA B 75 46.24 37.51 5.13
CA ALA B 75 44.79 37.61 5.37
C ALA B 75 44.39 39.07 5.64
N TRP B 76 43.10 39.39 5.54
CA TRP B 76 42.55 40.77 5.67
C TRP B 76 42.73 41.30 7.08
N GLY B 77 43.36 42.46 7.21
CA GLY B 77 43.61 43.06 8.52
C GLY B 77 43.87 44.55 8.43
N GLN B 78 43.64 45.23 9.54
CA GLN B 78 43.96 46.66 9.60
C GLN B 78 45.27 46.84 10.35
N PRO B 79 46.08 47.85 9.99
CA PRO B 79 45.73 48.91 9.04
C PRO B 79 45.58 48.39 7.62
N LEU B 80 44.68 49.02 6.86
CA LEU B 80 44.37 48.60 5.52
C LEU B 80 44.53 49.75 4.53
N TYR B 81 45.16 49.43 3.41
CA TYR B 81 45.68 50.41 2.46
C TYR B 81 45.15 50.17 1.06
N TRP B 82 45.28 51.18 0.21
CA TRP B 82 45.14 51.05 -1.25
C TRP B 82 46.51 50.70 -1.82
N GLY B 83 46.62 49.51 -2.38
CA GLY B 83 47.84 49.12 -3.12
C GLY B 83 47.85 49.88 -4.43
N HIS B 84 48.87 49.64 -5.24
CA HIS B 84 49.00 50.34 -6.53
C HIS B 84 49.91 49.58 -7.51
N ALA B 85 49.49 49.57 -8.77
CA ALA B 85 50.28 49.00 -9.88
C ALA B 85 49.74 49.51 -11.20
N THR B 86 50.64 49.76 -12.17
CA THR B 86 50.25 50.25 -13.50
C THR B 86 50.52 49.24 -14.62
N SER B 87 49.91 49.49 -15.77
CA SER B 87 50.12 48.66 -16.96
C SER B 87 49.87 49.54 -18.17
N ASN B 88 50.45 49.16 -19.31
CA ASN B 88 50.23 49.88 -20.57
C ASN B 88 49.47 48.99 -21.50
N ASP B 89 49.37 47.70 -21.14
CA ASP B 89 48.78 46.71 -22.02
C ASP B 89 47.73 45.86 -21.34
N LEU B 90 47.55 46.08 -20.04
CA LEU B 90 46.59 45.32 -19.20
C LEU B 90 46.93 43.85 -18.92
N VAL B 91 48.17 43.43 -19.16
CA VAL B 91 48.60 42.10 -18.73
C VAL B 91 50.02 42.07 -18.16
N HIS B 92 50.74 43.20 -18.22
CA HIS B 92 52.09 43.30 -17.66
C HIS B 92 52.00 44.34 -16.58
N TRP B 93 51.99 43.86 -15.34
CA TRP B 93 51.79 44.74 -14.19
C TRP B 93 53.11 45.03 -13.50
N ASP B 94 53.23 46.27 -13.01
CA ASP B 94 54.36 46.74 -12.25
C ASP B 94 53.82 47.22 -10.92
N GLU B 95 54.34 46.67 -9.85
CA GLU B 95 53.88 47.07 -8.54
C GLU B 95 54.65 48.30 -8.05
N HIS B 96 53.95 49.17 -7.34
CA HIS B 96 54.51 50.44 -6.86
C HIS B 96 54.28 50.61 -5.37
N GLU B 97 54.84 51.67 -4.80
CA GLU B 97 54.65 51.97 -3.38
C GLU B 97 53.18 52.32 -3.14
N ILE B 98 52.72 52.01 -1.94
CA ILE B 98 51.32 52.18 -1.55
C ILE B 98 50.85 53.60 -1.84
N ALA B 99 49.67 53.69 -2.45
CA ALA B 99 49.11 54.99 -2.80
C ALA B 99 48.49 55.68 -1.60
N ILE B 100 47.82 54.94 -0.73
CA ILE B 100 47.13 55.51 0.45
C ILE B 100 47.16 54.61 1.68
N GLY B 101 47.26 55.21 2.85
CA GLY B 101 47.10 54.51 4.14
C GLY B 101 46.20 55.24 5.16
N PRO B 102 45.83 54.55 6.24
CA PRO B 102 45.01 55.12 7.29
C PRO B 102 45.88 55.89 8.31
N GLU B 103 45.23 56.73 9.15
CA GLU B 103 45.96 57.46 10.22
C GLU B 103 46.51 56.57 11.34
N HIS B 104 45.68 55.65 11.84
CA HIS B 104 46.04 54.79 12.97
C HIS B 104 45.97 53.31 12.56
N ASP B 105 46.78 52.44 13.17
CA ASP B 105 46.71 51.00 12.88
C ASP B 105 45.27 50.47 13.04
N ASN B 106 44.42 51.28 13.68
CA ASN B 106 43.05 50.97 14.09
C ASN B 106 42.06 50.96 12.94
N GLU B 107 42.46 51.60 11.83
CA GLU B 107 41.55 52.00 10.75
C GLU B 107 42.01 51.47 9.38
N GLY B 108 41.34 51.91 8.31
CA GLY B 108 41.60 51.37 6.98
C GLY B 108 41.08 52.20 5.83
N ILE B 109 41.80 52.19 4.72
CA ILE B 109 41.27 52.82 3.53
C ILE B 109 40.56 51.72 2.79
N PHE B 110 39.23 51.79 2.80
CA PHE B 110 38.38 50.73 2.28
C PHE B 110 38.20 50.84 0.76
N SER B 111 37.20 50.20 0.20
CA SER B 111 37.00 50.30 -1.23
C SER B 111 36.59 51.71 -1.66
N GLY B 112 36.80 52.00 -2.96
CA GLY B 112 36.53 53.31 -3.56
C GLY B 112 37.03 53.40 -4.99
N SER B 113 36.97 54.60 -5.58
CA SER B 113 37.24 54.83 -7.01
C SER B 113 38.21 56.00 -7.28
N ILE B 114 38.44 56.28 -8.56
CA ILE B 114 39.10 57.52 -8.98
C ILE B 114 38.40 58.25 -10.15
N VAL B 115 38.44 59.56 -10.13
CA VAL B 115 38.02 60.34 -11.28
C VAL B 115 39.11 61.30 -11.67
N VAL B 116 39.11 61.72 -12.93
CA VAL B 116 40.03 62.72 -13.47
C VAL B 116 39.25 64.06 -13.60
N ASP B 117 39.59 65.04 -12.75
CA ASP B 117 38.92 66.35 -12.72
C ASP B 117 39.44 67.32 -13.77
N HIS B 118 39.04 67.09 -15.01
CA HIS B 118 39.52 67.91 -16.11
C HIS B 118 39.42 69.43 -15.82
N ASN B 119 38.21 69.93 -15.55
CA ASN B 119 37.98 71.38 -15.39
C ASN B 119 38.15 71.90 -13.95
N ASN B 120 38.92 71.15 -13.15
CA ASN B 120 39.30 71.60 -11.80
C ASN B 120 38.09 72.14 -11.00
N THR B 121 36.96 71.45 -11.11
CA THR B 121 35.81 71.71 -10.24
C THR B 121 36.22 71.60 -8.77
N SER B 122 37.21 70.74 -8.49
CA SER B 122 37.64 70.47 -7.11
C SER B 122 38.58 71.53 -6.54
N GLY B 123 39.36 72.14 -7.42
CA GLY B 123 40.19 73.27 -7.03
C GLY B 123 41.49 72.87 -6.36
N PHE B 124 41.86 71.61 -6.47
CA PHE B 124 43.18 71.21 -6.01
C PHE B 124 44.23 71.52 -7.06
N PHE B 125 43.78 71.92 -8.26
CA PHE B 125 44.61 71.76 -9.44
C PHE B 125 45.13 73.04 -10.07
N ASN B 126 46.44 73.25 -9.97
CA ASN B 126 47.17 74.27 -10.74
C ASN B 126 47.01 74.23 -12.24
N SER B 127 47.67 75.18 -12.88
CA SER B 127 47.74 75.26 -14.33
C SER B 127 48.88 74.38 -14.84
N SER B 128 49.80 74.04 -13.93
CA SER B 128 50.96 73.20 -14.25
C SER B 128 50.67 71.71 -14.22
N ILE B 129 49.39 71.34 -14.06
CA ILE B 129 48.96 69.95 -13.99
C ILE B 129 48.08 69.59 -15.19
N ASP B 130 48.49 68.60 -15.96
CA ASP B 130 47.78 68.18 -17.17
C ASP B 130 46.31 67.91 -16.85
N PRO B 131 45.36 68.39 -17.68
CA PRO B 131 43.97 68.06 -17.32
C PRO B 131 43.74 66.56 -17.15
N ASN B 132 44.36 65.74 -18.01
CA ASN B 132 44.22 64.28 -17.94
C ASN B 132 45.02 63.62 -16.80
N GLN B 133 45.60 64.44 -15.91
CA GLN B 133 46.31 63.93 -14.73
C GLN B 133 45.77 64.55 -13.41
N ARG B 134 44.63 65.25 -13.52
CA ARG B 134 43.99 65.86 -12.36
C ARG B 134 43.20 64.86 -11.50
N ILE B 135 43.93 63.90 -10.93
CA ILE B 135 43.35 62.73 -10.28
C ILE B 135 42.74 63.03 -8.90
N VAL B 136 41.54 62.50 -8.66
CA VAL B 136 40.92 62.53 -7.31
C VAL B 136 40.41 61.13 -7.00
N ALA B 137 40.63 60.70 -5.76
CA ALA B 137 40.17 59.40 -5.30
C ALA B 137 39.06 59.62 -4.31
N ILE B 138 37.94 58.90 -4.46
CA ILE B 138 36.93 58.85 -3.41
C ILE B 138 36.91 57.47 -2.80
N TYR B 139 37.04 57.38 -1.49
CA TYR B 139 37.24 56.11 -0.82
C TYR B 139 36.49 56.09 0.48
N THR B 140 36.20 54.91 1.00
CA THR B 140 35.56 54.84 2.31
C THR B 140 36.63 54.84 3.43
N ASN B 141 36.50 55.80 4.35
CA ASN B 141 37.36 55.86 5.51
C ASN B 141 36.68 55.11 6.61
N ASN B 142 37.30 54.02 7.06
CA ASN B 142 36.71 53.17 8.08
C ASN B 142 37.41 53.37 9.43
N ILE B 143 36.62 53.90 10.37
CA ILE B 143 36.99 54.17 11.77
C ILE B 143 36.25 53.14 12.66
N PRO B 144 36.79 52.85 13.87
CA PRO B 144 35.97 52.06 14.80
C PRO B 144 34.60 52.72 15.00
N ASP B 145 33.55 52.01 14.60
CA ASP B 145 32.18 52.50 14.72
C ASP B 145 31.79 53.61 13.71
N ASN B 146 32.64 53.91 12.75
CA ASN B 146 32.31 54.91 11.74
C ASN B 146 32.89 54.62 10.37
N GLN B 147 32.14 54.97 9.34
CA GLN B 147 32.52 54.74 7.92
C GLN B 147 32.03 55.94 7.11
N THR B 148 32.96 56.64 6.47
CA THR B 148 32.61 57.89 5.81
C THR B 148 33.16 57.93 4.39
N GLN B 149 32.71 58.90 3.61
CA GLN B 149 33.20 59.04 2.25
C GLN B 149 34.21 60.19 2.12
N ASP B 150 35.48 59.82 1.98
CA ASP B 150 36.57 60.80 2.00
C ASP B 150 37.21 60.84 0.63
N ILE B 151 37.96 61.92 0.38
CA ILE B 151 38.60 62.15 -0.92
C ILE B 151 40.02 62.68 -0.77
N ALA B 152 40.82 62.49 -1.82
CA ALA B 152 42.25 62.72 -1.81
C ALA B 152 42.74 62.90 -3.25
N PHE B 153 43.81 63.66 -3.43
CA PHE B 153 44.27 64.04 -4.76
C PHE B 153 45.76 63.78 -4.96
N SER B 154 46.15 63.55 -6.20
CA SER B 154 47.52 63.29 -6.51
C SER B 154 48.00 64.34 -7.50
N LEU B 155 49.19 64.86 -7.24
CA LEU B 155 49.83 65.82 -8.14
C LEU B 155 50.82 65.17 -9.11
N ASP B 156 51.29 63.96 -8.77
CA ASP B 156 52.32 63.27 -9.55
C ASP B 156 51.76 62.13 -10.43
N GLY B 157 50.58 62.30 -11.00
CA GLY B 157 50.04 61.26 -11.88
C GLY B 157 49.55 59.97 -11.21
N GLY B 158 49.22 60.06 -9.92
CA GLY B 158 48.49 59.01 -9.24
C GLY B 158 49.30 58.19 -8.26
N TYR B 159 50.45 58.69 -7.84
CA TYR B 159 51.35 57.81 -7.13
C TYR B 159 51.37 58.15 -5.66
N THR B 160 51.06 59.40 -5.34
CA THR B 160 51.01 59.84 -3.96
C THR B 160 49.81 60.76 -3.78
N PHE B 161 49.21 60.72 -2.60
CA PHE B 161 47.93 61.41 -2.41
C PHE B 161 47.94 62.36 -1.21
N THR B 162 47.06 63.36 -1.25
CA THR B 162 46.91 64.29 -0.14
C THR B 162 45.45 64.28 0.24
N LYS B 163 45.17 64.03 1.52
CA LYS B 163 43.80 64.05 2.02
C LYS B 163 43.20 65.46 1.89
N TYR B 164 41.91 65.52 1.55
CA TYR B 164 41.25 66.80 1.29
C TYR B 164 41.53 67.86 2.38
N GLU B 165 41.23 67.54 3.65
CA GLU B 165 41.43 68.47 4.78
C GLU B 165 40.14 68.69 5.53
N ASN B 166 39.05 68.89 4.78
CA ASN B 166 37.71 68.86 5.36
C ASN B 166 37.01 67.52 5.13
N ASN B 167 37.81 66.45 5.09
CA ASN B 167 37.26 65.11 5.14
C ASN B 167 36.60 64.97 6.50
N PRO B 168 35.51 64.18 6.61
CA PRO B 168 34.83 63.48 5.50
C PRO B 168 33.92 64.39 4.68
N VAL B 169 33.64 63.97 3.46
CA VAL B 169 32.78 64.74 2.58
C VAL B 169 31.36 64.19 2.60
N ILE B 170 31.21 62.89 2.92
CA ILE B 170 29.89 62.34 3.26
C ILE B 170 29.94 61.55 4.57
N ASP B 171 29.10 61.95 5.52
CA ASP B 171 28.94 61.23 6.78
C ASP B 171 27.45 61.22 7.14
N VAL B 172 26.91 60.02 7.33
CA VAL B 172 25.51 59.90 7.72
C VAL B 172 25.37 59.19 9.09
N SER B 173 26.42 59.28 9.90
CA SER B 173 26.46 58.60 11.20
C SER B 173 26.28 57.06 11.09
N SER B 174 26.84 56.47 10.04
CA SER B 174 26.70 55.02 9.87
C SER B 174 27.98 54.19 9.96
N ASN B 175 27.78 53.01 10.49
CA ASN B 175 28.79 52.02 10.69
C ASN B 175 28.86 51.07 9.45
N GLN B 176 27.93 51.25 8.51
CA GLN B 176 27.76 50.41 7.32
C GLN B 176 27.40 51.27 6.11
N PHE B 177 28.42 51.87 5.50
CA PHE B 177 28.21 52.87 4.44
C PHE B 177 29.54 53.03 3.72
N ARG B 178 29.67 52.35 2.59
CA ARG B 178 30.97 52.18 1.98
C ARG B 178 30.94 51.87 0.50
N ASP B 179 32.08 52.11 -0.15
CA ASP B 179 32.44 51.67 -1.53
C ASP B 179 31.80 52.50 -2.62
N PRO B 180 32.28 53.74 -2.80
CA PRO B 180 31.63 54.59 -3.77
C PRO B 180 32.30 54.61 -5.11
N LYS B 181 31.55 54.35 -6.16
CA LYS B 181 32.03 54.59 -7.51
C LYS B 181 31.52 55.94 -8.00
N VAL B 182 32.41 56.77 -8.52
CA VAL B 182 32.07 58.15 -8.93
C VAL B 182 32.35 58.44 -10.43
N PHE B 183 31.49 59.24 -11.07
CA PHE B 183 31.67 59.56 -12.47
C PHE B 183 31.06 60.92 -12.89
N TRP B 184 31.49 61.42 -14.06
CA TRP B 184 31.02 62.71 -14.55
C TRP B 184 29.84 62.53 -15.50
N HIS B 185 28.68 63.04 -15.06
CA HIS B 185 27.47 62.95 -15.86
C HIS B 185 27.29 64.25 -16.66
N GLU B 186 27.60 64.21 -17.94
CA GLU B 186 27.39 65.39 -18.80
C GLU B 186 25.95 65.88 -18.63
N ASP B 187 25.04 64.95 -18.87
CA ASP B 187 23.64 65.27 -19.08
C ASP B 187 23.06 65.99 -17.88
N SER B 188 23.49 65.69 -16.67
CA SER B 188 22.95 66.46 -15.55
C SER B 188 23.95 67.51 -15.05
N ASN B 189 25.12 67.54 -15.70
CA ASN B 189 26.22 68.43 -15.33
C ASN B 189 26.65 68.34 -13.83
N GLN B 190 27.06 67.13 -13.42
CA GLN B 190 27.52 66.85 -12.06
C GLN B 190 28.36 65.56 -11.93
N TRP B 191 28.88 65.36 -10.72
CA TRP B 191 29.60 64.15 -10.34
C TRP B 191 28.62 63.26 -9.65
N ILE B 192 28.52 62.00 -10.11
CA ILE B 192 27.56 61.07 -9.52
C ILE B 192 28.30 60.12 -8.61
N MET B 193 27.61 59.66 -7.56
CA MET B 193 28.17 58.66 -6.65
C MET B 193 27.20 57.50 -6.37
N VAL B 194 27.60 56.29 -6.76
CA VAL B 194 26.88 55.12 -6.26
C VAL B 194 27.66 54.57 -5.08
N VAL B 195 27.06 54.62 -3.90
CA VAL B 195 27.66 54.05 -2.69
C VAL B 195 26.62 53.18 -2.01
N SER B 196 27.09 52.14 -1.33
CA SER B 196 26.19 51.17 -0.74
C SER B 196 25.90 51.42 0.75
N LYS B 197 24.61 51.60 1.07
CA LYS B 197 24.18 51.63 2.48
C LYS B 197 24.04 50.17 2.89
N SER B 198 25.15 49.60 3.32
CA SER B 198 25.41 48.17 3.10
C SER B 198 24.35 47.24 3.62
N GLN B 199 23.96 47.43 4.88
CA GLN B 199 22.99 46.54 5.52
C GLN B 199 21.56 47.05 5.43
N GLU B 200 21.34 48.10 4.66
CA GLU B 200 19.99 48.62 4.41
C GLU B 200 19.52 48.15 3.04
N TYR B 201 20.40 47.43 2.34
CA TYR B 201 20.19 47.07 0.93
C TYR B 201 19.71 48.27 0.17
N LYS B 202 20.44 49.36 0.31
CA LYS B 202 20.23 50.46 -0.60
C LYS B 202 21.55 50.73 -1.28
N ILE B 203 21.49 50.93 -2.59
CA ILE B 203 22.49 51.66 -3.32
C ILE B 203 22.02 53.11 -3.28
N GLN B 204 22.90 54.01 -2.87
CA GLN B 204 22.57 55.43 -2.78
C GLN B 204 23.25 56.24 -3.91
N ILE B 205 22.49 57.21 -4.43
CA ILE B 205 22.93 57.96 -5.57
C ILE B 205 23.05 59.41 -5.15
N PHE B 206 24.27 59.89 -4.89
CA PHE B 206 24.48 61.29 -4.61
C PHE B 206 24.93 62.02 -5.86
N GLY B 207 24.59 63.31 -5.93
CA GLY B 207 25.17 64.21 -6.93
C GLY B 207 25.92 65.38 -6.30
N SER B 208 26.90 65.88 -7.05
CA SER B 208 27.72 67.06 -6.66
C SER B 208 28.42 67.73 -7.85
N ALA B 209 28.42 69.07 -7.88
CA ALA B 209 29.19 69.84 -8.90
C ALA B 209 30.66 70.05 -8.53
N ASN B 210 31.05 69.46 -7.40
CA ASN B 210 32.13 69.92 -6.56
C ASN B 210 33.09 68.78 -6.07
N LEU B 211 32.57 67.56 -5.92
CA LEU B 211 33.27 66.42 -5.31
C LEU B 211 33.50 66.54 -3.81
N LYS B 212 33.06 67.66 -3.23
CA LYS B 212 33.23 67.94 -1.79
C LYS B 212 31.91 68.07 -1.09
N ASN B 213 30.93 68.66 -1.78
CA ASN B 213 29.56 68.79 -1.25
C ASN B 213 28.65 67.83 -1.97
N TRP B 214 27.83 67.10 -1.21
CA TRP B 214 27.01 66.02 -1.79
C TRP B 214 25.55 66.05 -1.42
N VAL B 215 24.69 65.88 -2.43
CA VAL B 215 23.24 65.83 -2.23
C VAL B 215 22.71 64.48 -2.67
N LEU B 216 22.03 63.81 -1.74
CA LEU B 216 21.30 62.58 -1.99
C LEU B 216 20.14 62.74 -3.02
N ASN B 217 20.13 61.85 -4.02
CA ASN B 217 19.15 61.95 -5.08
C ASN B 217 18.10 60.83 -5.01
N SER B 218 18.56 59.58 -4.86
CA SER B 218 17.68 58.42 -4.75
C SER B 218 18.31 57.17 -4.09
N ASN B 219 17.44 56.26 -3.66
CA ASN B 219 17.83 54.93 -3.21
C ASN B 219 17.35 53.85 -4.19
N PHE B 220 18.13 52.77 -4.30
CA PHE B 220 17.78 51.70 -5.23
C PHE B 220 17.95 50.35 -4.56
N SER B 221 16.85 49.58 -4.48
CA SER B 221 16.88 48.21 -3.94
C SER B 221 16.28 47.18 -4.92
N SER B 222 17.08 46.18 -5.27
CA SER B 222 16.64 45.18 -6.23
C SER B 222 17.59 43.98 -6.32
N GLY B 223 17.23 43.02 -7.19
CA GLY B 223 17.98 41.80 -7.40
C GLY B 223 18.04 40.91 -6.19
N TYR B 224 19.08 40.07 -6.15
CA TYR B 224 19.32 39.18 -5.01
C TYR B 224 19.92 39.97 -3.86
N TYR B 225 19.29 39.89 -2.68
CA TYR B 225 19.75 40.68 -1.54
C TYR B 225 20.98 40.11 -0.88
N GLY B 226 20.97 38.83 -0.57
CA GLY B 226 22.10 38.22 0.13
C GLY B 226 22.18 38.85 1.51
N ASN B 227 23.38 39.00 2.05
CA ASN B 227 23.53 39.58 3.38
C ASN B 227 23.84 41.11 3.37
N GLN B 228 24.33 41.59 2.23
CA GLN B 228 24.92 42.90 2.12
C GLN B 228 25.08 43.26 0.64
N TYR B 229 24.66 44.50 0.34
CA TYR B 229 25.01 45.20 -0.86
C TYR B 229 26.46 45.69 -0.65
N ALA B 230 27.20 45.90 -1.74
CA ALA B 230 28.58 46.38 -1.69
C ALA B 230 29.18 46.70 -3.08
N CYS B 231 30.24 47.50 -3.11
CA CYS B 231 30.88 47.86 -4.37
C CYS B 231 29.88 47.95 -5.52
N PRO B 232 28.92 48.91 -5.47
CA PRO B 232 28.07 49.24 -6.61
C PRO B 232 28.84 49.82 -7.82
N GLY B 233 28.14 50.07 -8.92
CA GLY B 233 28.74 50.62 -10.14
C GLY B 233 27.67 50.91 -11.17
N LEU B 234 27.81 52.03 -11.88
CA LEU B 234 26.82 52.56 -12.81
C LEU B 234 27.56 53.21 -13.96
N ILE B 235 27.21 52.87 -15.18
CA ILE B 235 28.06 53.16 -16.33
C ILE B 235 27.28 52.90 -17.63
N GLU B 236 27.64 53.57 -18.72
CA GLU B 236 26.93 53.41 -19.98
C GLU B 236 27.63 52.38 -20.86
N VAL B 237 26.91 51.33 -21.24
CA VAL B 237 27.48 50.21 -21.96
C VAL B 237 26.86 50.17 -23.37
N PRO B 238 27.71 50.13 -24.40
CA PRO B 238 27.23 50.19 -25.76
C PRO B 238 26.53 48.91 -26.25
N ILE B 239 25.31 49.02 -26.77
CA ILE B 239 24.66 47.93 -27.51
C ILE B 239 25.46 47.73 -28.78
N GLU B 240 25.68 46.47 -29.16
CA GLU B 240 26.57 46.15 -30.29
C GLU B 240 25.91 46.55 -31.61
N ASN B 241 26.71 46.68 -32.68
CA ASN B 241 26.19 46.98 -34.02
C ASN B 241 25.12 48.07 -33.99
N SER B 242 25.38 49.21 -33.34
CA SER B 242 24.39 50.26 -33.11
C SER B 242 24.94 51.53 -32.45
N ASP B 243 24.33 52.66 -32.79
CA ASP B 243 24.56 53.93 -32.11
C ASP B 243 24.16 53.84 -30.63
N LYS B 244 23.19 52.98 -30.33
CA LYS B 244 22.54 52.97 -29.02
C LYS B 244 23.27 52.26 -27.86
N SER B 245 22.96 52.69 -26.64
CA SER B 245 23.53 52.11 -25.43
C SER B 245 22.50 51.99 -24.31
N LYS B 246 22.90 51.40 -23.19
CA LYS B 246 22.06 51.36 -21.98
C LYS B 246 22.87 51.65 -20.72
N TRP B 247 22.18 51.86 -19.63
CA TRP B 247 22.81 52.23 -18.37
C TRP B 247 22.74 51.06 -17.42
N VAL B 248 23.91 50.57 -17.04
CA VAL B 248 24.05 49.28 -16.33
C VAL B 248 24.53 49.44 -14.89
N MET B 249 23.71 48.94 -13.97
CA MET B 249 23.96 49.04 -12.54
C MET B 249 24.57 47.74 -12.02
N PHE B 250 25.83 47.79 -11.60
CA PHE B 250 26.48 46.61 -11.04
C PHE B 250 26.33 46.64 -9.55
N LEU B 251 26.46 45.47 -8.93
CA LEU B 251 26.25 45.27 -7.50
C LEU B 251 26.89 43.95 -7.09
N ALA B 252 27.60 44.00 -5.97
CA ALA B 252 28.27 42.84 -5.44
C ALA B 252 27.62 42.46 -4.11
N ILE B 253 27.55 41.15 -3.86
CA ILE B 253 26.93 40.73 -2.62
C ILE B 253 27.73 39.65 -1.93
N ASN B 254 28.03 39.88 -0.66
CA ASN B 254 28.64 38.89 0.18
C ASN B 254 28.28 39.13 1.65
N PRO B 255 28.07 38.04 2.42
CA PRO B 255 27.84 36.66 1.97
C PRO B 255 26.38 36.40 1.54
N GLY B 256 26.05 35.13 1.35
CA GLY B 256 24.73 34.70 0.89
C GLY B 256 24.50 34.71 -0.63
N SER B 257 25.58 34.65 -1.41
CA SER B 257 25.47 34.34 -2.85
C SER B 257 24.69 33.04 -2.98
N PRO B 258 23.80 32.95 -3.97
CA PRO B 258 23.01 31.75 -4.02
C PRO B 258 23.94 30.59 -4.31
N LEU B 259 25.11 30.88 -4.87
CA LEU B 259 26.14 29.86 -5.12
C LEU B 259 27.03 29.60 -3.92
N GLY B 260 26.84 30.39 -2.87
CA GLY B 260 27.64 30.30 -1.67
C GLY B 260 28.64 31.41 -1.73
N GLY B 261 28.84 32.08 -0.61
CA GLY B 261 29.79 33.17 -0.48
C GLY B 261 29.39 34.44 -1.23
N SER B 262 30.25 34.84 -2.18
CA SER B 262 30.27 36.14 -2.83
C SER B 262 30.04 36.08 -4.35
N ILE B 263 29.40 37.14 -4.88
CA ILE B 263 29.06 37.18 -6.30
C ILE B 263 28.75 38.58 -6.80
N ASN B 264 28.68 38.74 -8.12
CA ASN B 264 28.37 40.01 -8.74
C ASN B 264 27.11 39.97 -9.66
N GLN B 265 26.32 41.04 -9.66
CA GLN B 265 25.06 41.02 -10.38
C GLN B 265 24.79 42.33 -11.04
N TYR B 266 23.84 42.37 -11.96
CA TYR B 266 23.60 43.58 -12.69
C TYR B 266 22.17 43.81 -13.03
N PHE B 267 21.89 45.04 -13.45
CA PHE B 267 20.57 45.47 -13.93
C PHE B 267 20.72 46.45 -15.10
N VAL B 268 19.89 46.30 -16.13
CA VAL B 268 20.01 47.05 -17.38
C VAL B 268 18.82 48.01 -17.60
N GLY B 269 19.09 49.31 -17.60
CA GLY B 269 18.04 50.31 -17.68
C GLY B 269 18.42 51.74 -18.04
N ASP B 270 17.88 52.70 -17.29
CA ASP B 270 18.02 54.11 -17.69
C ASP B 270 18.25 55.11 -16.57
N PHE B 271 19.22 55.99 -16.79
CA PHE B 271 19.72 56.94 -15.78
C PHE B 271 19.53 58.33 -16.31
N ASP B 272 19.07 59.23 -15.46
CA ASP B 272 18.84 60.60 -15.87
C ASP B 272 19.77 61.49 -15.02
N GLY B 273 20.54 60.85 -14.12
CA GLY B 273 21.41 61.56 -13.16
C GLY B 273 20.84 61.67 -11.75
N PHE B 274 19.64 61.13 -11.57
CA PHE B 274 18.95 61.20 -10.30
C PHE B 274 18.42 59.87 -9.85
N GLN B 275 17.94 59.07 -10.81
CA GLN B 275 17.55 57.70 -10.52
C GLN B 275 17.79 56.72 -11.68
N PHE B 276 18.20 55.52 -11.29
CA PHE B 276 18.31 54.39 -12.18
C PHE B 276 16.98 53.65 -12.21
N VAL B 277 16.48 53.45 -13.41
CA VAL B 277 15.27 52.70 -13.66
C VAL B 277 15.67 51.50 -14.49
N PRO B 278 15.54 50.29 -13.93
CA PRO B 278 15.73 49.10 -14.76
C PRO B 278 14.59 48.88 -15.75
N ASP B 279 14.97 48.59 -17.01
CA ASP B 279 14.01 48.20 -18.04
C ASP B 279 13.05 47.11 -17.54
N ASP B 280 13.60 46.04 -16.99
CA ASP B 280 12.79 45.04 -16.32
C ASP B 280 13.22 44.89 -14.86
N SER B 281 12.60 43.97 -14.14
CA SER B 281 13.02 43.67 -12.78
C SER B 281 13.66 42.25 -12.61
N GLN B 282 14.44 41.77 -13.56
CA GLN B 282 15.00 40.44 -13.36
C GLN B 282 16.33 40.50 -12.65
N THR B 283 16.73 39.37 -12.07
CA THR B 283 18.04 39.19 -11.47
C THR B 283 18.94 38.48 -12.45
N ARG B 284 20.11 39.05 -12.68
CA ARG B 284 21.12 38.42 -13.54
C ARG B 284 22.52 38.63 -12.96
N PHE B 285 23.34 37.59 -13.08
CA PHE B 285 24.67 37.60 -12.52
C PHE B 285 25.76 37.83 -13.57
N VAL B 286 26.74 38.64 -13.20
CA VAL B 286 27.83 39.06 -14.08
C VAL B 286 28.76 37.90 -14.43
N ASP B 287 28.91 36.96 -13.51
CA ASP B 287 29.78 35.81 -13.69
C ASP B 287 29.27 34.70 -12.75
N ILE B 288 28.89 33.55 -13.33
CA ILE B 288 28.34 32.45 -12.57
C ILE B 288 29.39 31.47 -12.13
N GLY B 289 30.64 31.91 -12.16
CA GLY B 289 31.70 31.17 -11.52
C GLY B 289 31.65 31.47 -10.04
N LYS B 290 32.57 30.90 -9.31
CA LYS B 290 32.60 31.02 -7.89
C LYS B 290 33.48 32.19 -7.42
N ASP B 291 34.39 32.66 -8.29
CA ASP B 291 35.46 33.57 -7.88
C ASP B 291 35.51 34.83 -8.73
N PHE B 292 34.47 35.66 -8.59
CA PHE B 292 34.38 36.91 -9.31
C PHE B 292 33.55 37.97 -8.53
N TYR B 293 34.23 38.64 -7.59
CA TYR B 293 33.63 39.60 -6.65
C TYR B 293 34.25 40.95 -6.78
N ALA B 294 33.43 41.98 -6.52
CA ALA B 294 33.87 43.39 -6.41
C ALA B 294 34.42 43.90 -7.72
N PHE B 295 33.67 43.61 -8.77
CA PHE B 295 33.92 44.14 -10.09
C PHE B 295 33.83 45.68 -10.01
N GLN B 296 34.69 46.34 -10.78
CA GLN B 296 34.68 47.77 -10.95
C GLN B 296 35.18 48.08 -12.38
N THR B 297 34.58 49.10 -13.02
CA THR B 297 34.98 49.52 -14.37
C THR B 297 36.11 50.59 -14.33
N PHE B 298 36.83 50.76 -15.44
CA PHE B 298 37.84 51.82 -15.56
C PHE B 298 37.27 53.19 -15.92
N SER B 299 37.68 54.23 -15.19
CA SER B 299 37.44 55.63 -15.62
C SER B 299 38.33 56.03 -16.81
N GLU B 300 37.86 57.00 -17.58
CA GLU B 300 38.64 57.58 -18.69
C GLU B 300 38.85 56.67 -19.88
N VAL B 301 38.12 55.58 -19.98
CA VAL B 301 38.34 54.69 -21.12
C VAL B 301 37.74 55.33 -22.35
N GLU B 302 38.58 55.53 -23.35
CA GLU B 302 38.15 56.09 -24.60
C GLU B 302 37.81 54.88 -25.46
N HIS B 303 36.51 54.66 -25.68
CA HIS B 303 35.95 53.50 -26.43
C HIS B 303 35.70 52.25 -25.60
N GLY B 304 34.43 52.10 -25.18
CA GLY B 304 33.87 50.86 -24.62
C GLY B 304 33.76 50.94 -23.12
N VAL B 305 33.32 49.83 -22.50
CA VAL B 305 33.41 49.69 -21.04
C VAL B 305 34.36 48.54 -20.64
N LEU B 306 35.35 48.88 -19.82
CA LEU B 306 36.37 47.94 -19.37
C LEU B 306 36.34 47.80 -17.85
N GLY B 307 36.50 46.58 -17.34
CA GLY B 307 36.58 46.35 -15.90
C GLY B 307 37.30 45.05 -15.55
N LEU B 308 37.63 44.91 -14.27
CA LEU B 308 38.06 43.63 -13.71
C LEU B 308 37.52 43.45 -12.29
N ALA B 309 37.56 42.22 -11.78
CA ALA B 309 37.13 41.99 -10.40
C ALA B 309 38.22 41.37 -9.52
N TRP B 310 37.86 41.12 -8.27
CA TRP B 310 38.64 40.28 -7.40
C TRP B 310 38.24 38.82 -7.63
N ALA B 311 39.25 38.03 -8.02
CA ALA B 311 39.09 36.67 -8.45
C ALA B 311 39.22 35.66 -7.33
N SER B 312 38.33 35.76 -6.34
CA SER B 312 38.22 34.73 -5.31
C SER B 312 36.89 34.84 -4.60
N ASN B 313 36.61 33.90 -3.70
CA ASN B 313 35.39 33.92 -2.88
C ASN B 313 35.65 34.13 -1.38
N TRP B 314 34.95 35.07 -0.78
CA TRP B 314 35.12 35.32 0.66
C TRP B 314 34.94 34.10 1.57
N GLN B 315 34.35 33.04 1.07
CA GLN B 315 34.23 31.85 1.88
C GLN B 315 35.58 31.19 2.17
N TYR B 316 36.58 31.38 1.30
CA TYR B 316 37.81 30.61 1.45
C TYR B 316 39.02 31.32 0.92
N ALA B 317 38.87 32.59 0.58
CA ALA B 317 39.99 33.38 0.11
C ALA B 317 41.21 33.38 1.02
N ASP B 318 41.03 33.48 2.33
CA ASP B 318 42.20 33.55 3.21
C ASP B 318 42.79 32.20 3.64
N GLN B 319 42.35 31.10 3.02
CA GLN B 319 42.86 29.80 3.40
C GLN B 319 43.52 29.03 2.27
N VAL B 320 43.38 29.55 1.05
CA VAL B 320 43.96 28.91 -0.15
C VAL B 320 45.48 28.76 -0.02
N PRO B 321 46.04 27.68 -0.58
CA PRO B 321 47.44 27.40 -0.43
C PRO B 321 48.36 28.17 -1.40
N THR B 322 48.36 29.50 -1.28
CA THR B 322 49.38 30.34 -1.93
C THR B 322 50.15 31.07 -0.82
N ASN B 323 51.43 31.33 -1.07
CA ASN B 323 52.34 32.00 -0.13
C ASN B 323 53.49 32.55 -0.93
N PRO B 324 53.88 33.81 -0.72
CA PRO B 324 53.55 34.77 0.35
C PRO B 324 52.48 35.82 0.02
N TRP B 325 51.68 35.58 -1.01
CA TRP B 325 50.58 36.47 -1.33
C TRP B 325 49.32 35.62 -1.26
N ARG B 326 48.17 36.27 -1.44
CA ARG B 326 46.93 35.57 -1.67
C ARG B 326 46.09 36.45 -2.52
N SER B 327 45.51 35.84 -3.55
CA SER B 327 44.61 36.52 -4.48
C SER B 327 45.33 37.08 -5.68
N SER B 328 44.70 36.85 -6.84
CA SER B 328 44.90 37.55 -8.07
C SER B 328 43.60 38.32 -8.45
N THR B 329 43.70 39.11 -9.52
CA THR B 329 42.52 39.75 -10.08
C THR B 329 42.22 38.91 -11.28
N SER B 330 41.08 39.20 -11.91
CA SER B 330 40.68 38.58 -13.14
C SER B 330 41.45 39.34 -14.21
N LEU B 331 41.39 38.84 -15.44
CA LEU B 331 41.79 39.64 -16.56
C LEU B 331 40.83 40.83 -16.65
N ALA B 332 41.26 41.87 -17.35
CA ALA B 332 40.34 42.93 -17.67
C ALA B 332 39.45 42.41 -18.78
N ARG B 333 38.22 42.90 -18.83
CA ARG B 333 37.27 42.47 -19.83
C ARG B 333 36.55 43.65 -20.49
N ASN B 334 36.14 43.43 -21.74
CA ASN B 334 35.43 44.42 -22.52
C ASN B 334 33.94 44.10 -22.49
N TYR B 335 33.16 45.09 -22.13
CA TYR B 335 31.76 44.87 -21.85
C TYR B 335 30.83 45.54 -22.83
N THR B 336 29.97 44.71 -23.42
CA THR B 336 28.91 45.20 -24.29
C THR B 336 27.55 44.56 -23.97
N LEU B 337 26.51 45.02 -24.66
CA LEU B 337 25.17 44.46 -24.60
C LEU B 337 24.76 43.92 -25.98
N ARG B 338 24.24 42.69 -25.99
CA ARG B 338 23.89 41.98 -27.24
C ARG B 338 22.53 41.32 -27.06
N TYR B 339 21.70 41.38 -28.10
CA TYR B 339 20.47 40.60 -28.12
C TYR B 339 20.86 39.15 -28.35
N VAL B 340 20.53 38.28 -27.37
CA VAL B 340 20.90 36.86 -27.35
C VAL B 340 19.67 36.02 -26.98
N HIS B 341 19.64 34.78 -27.49
CA HIS B 341 18.60 33.83 -27.22
C HIS B 341 18.79 33.12 -25.89
N THR B 342 17.84 33.32 -24.97
CA THR B 342 17.87 32.68 -23.64
C THR B 342 17.03 31.38 -23.59
N ASN B 343 15.97 31.32 -24.41
CA ASN B 343 15.30 30.06 -24.75
C ASN B 343 15.27 29.97 -26.26
N ALA B 344 14.35 29.22 -26.83
CA ALA B 344 14.23 29.20 -28.30
C ALA B 344 13.39 30.34 -28.90
N GLU B 345 12.43 30.87 -28.16
CA GLU B 345 11.52 31.88 -28.70
C GLU B 345 11.99 33.30 -28.52
N THR B 346 12.68 33.56 -27.42
CA THR B 346 12.92 34.90 -26.91
C THR B 346 14.38 35.25 -26.79
N LYS B 347 14.68 36.49 -27.14
CA LYS B 347 15.98 37.06 -26.97
C LYS B 347 15.87 38.12 -25.89
N GLN B 348 16.99 38.38 -25.22
CA GLN B 348 17.04 39.33 -24.12
C GLN B 348 18.25 40.19 -24.32
N LEU B 349 18.13 41.48 -24.00
CA LEU B 349 19.31 42.36 -23.97
C LEU B 349 20.15 41.92 -22.80
N THR B 350 21.41 41.61 -23.06
CA THR B 350 22.25 40.80 -22.17
C THR B 350 23.68 41.25 -22.14
N LEU B 351 24.22 41.38 -20.93
CA LEU B 351 25.63 41.78 -20.74
C LEU B 351 26.56 40.67 -21.23
N ILE B 352 27.44 41.12 -22.14
CA ILE B 352 28.44 40.33 -22.82
C ILE B 352 29.82 40.86 -22.43
N GLN B 353 30.75 39.96 -22.15
CA GLN B 353 32.10 40.32 -21.71
C GLN B 353 33.10 39.41 -22.35
N ASN B 354 34.18 39.98 -22.88
CA ASN B 354 35.27 39.23 -23.51
C ASN B 354 36.62 39.71 -22.97
N PRO B 355 37.62 38.82 -22.97
CA PRO B 355 38.84 39.10 -22.22
C PRO B 355 39.73 40.06 -22.96
N VAL B 356 40.66 40.70 -22.26
CA VAL B 356 41.60 41.54 -22.96
C VAL B 356 42.93 40.84 -23.12
N LEU B 357 43.32 40.65 -24.39
CA LEU B 357 44.59 40.05 -24.72
C LEU B 357 45.20 40.83 -25.86
N PRO B 358 46.22 41.67 -25.57
CA PRO B 358 46.90 42.30 -26.70
C PRO B 358 47.87 41.33 -27.38
N ASP B 359 48.26 41.67 -28.60
CA ASP B 359 49.24 40.87 -29.36
C ASP B 359 50.59 40.91 -28.63
N SER B 360 50.76 41.91 -27.76
CA SER B 360 51.97 41.96 -26.96
C SER B 360 52.21 40.72 -26.07
N ILE B 361 51.42 39.65 -26.29
CA ILE B 361 51.55 38.39 -25.54
C ILE B 361 52.23 37.30 -26.37
N ASN B 362 53.37 36.84 -25.89
CA ASN B 362 54.09 35.77 -26.55
C ASN B 362 53.26 34.53 -26.76
N VAL B 363 53.25 34.02 -27.99
CA VAL B 363 52.79 32.66 -28.23
C VAL B 363 54.04 31.79 -28.19
N VAL B 364 54.18 31.00 -27.14
CA VAL B 364 55.31 30.05 -27.07
C VAL B 364 55.20 28.91 -28.09
N ASP B 365 54.05 28.25 -28.16
CA ASP B 365 53.77 27.17 -29.11
C ASP B 365 52.27 27.07 -29.23
N LYS B 366 51.77 26.47 -30.32
CA LYS B 366 50.32 26.23 -30.47
C LYS B 366 49.93 25.06 -31.35
N LEU B 367 48.79 24.48 -31.03
CA LEU B 367 48.16 23.44 -31.81
C LEU B 367 46.88 24.05 -32.43
N LYS B 368 46.81 24.00 -33.76
CA LYS B 368 45.65 24.45 -34.53
C LYS B 368 45.00 23.29 -35.31
N LYS B 369 43.66 23.31 -35.39
CA LYS B 369 42.93 22.25 -36.10
C LYS B 369 41.62 22.72 -36.71
N LYS B 370 41.20 22.06 -37.78
CA LYS B 370 40.08 22.48 -38.61
C LYS B 370 39.13 21.36 -38.94
N ASN B 371 37.83 21.58 -38.78
CA ASN B 371 36.80 20.59 -39.15
C ASN B 371 37.06 19.12 -38.73
N VAL B 372 37.32 18.90 -37.44
CA VAL B 372 37.62 17.55 -36.95
C VAL B 372 36.45 16.92 -36.24
N LYS B 373 36.27 15.61 -36.50
CA LYS B 373 35.22 14.82 -35.89
C LYS B 373 35.80 14.28 -34.58
N LEU B 374 35.00 14.34 -33.52
CA LEU B 374 35.43 13.82 -32.22
C LEU B 374 34.87 12.44 -31.91
N THR B 375 35.78 11.52 -31.63
CA THR B 375 35.45 10.18 -31.23
C THR B 375 36.56 9.71 -30.30
N ASN B 376 36.26 8.68 -29.48
CA ASN B 376 37.22 8.13 -28.52
C ASN B 376 38.54 7.66 -29.13
N LYS B 377 38.62 7.53 -30.43
CA LYS B 377 39.90 7.16 -31.03
C LYS B 377 40.64 8.32 -31.65
N LYS B 378 39.95 9.42 -31.87
CA LYS B 378 40.59 10.65 -32.32
C LYS B 378 40.76 11.72 -31.20
N PRO B 379 41.54 11.44 -30.14
CA PRO B 379 41.62 12.56 -29.21
C PRO B 379 42.47 13.70 -29.77
N ILE B 380 42.58 14.77 -29.00
CA ILE B 380 43.35 15.96 -29.38
C ILE B 380 44.31 16.17 -28.24
N LYS B 381 45.54 15.70 -28.37
CA LYS B 381 46.51 15.81 -27.31
C LYS B 381 47.53 16.89 -27.62
N THR B 382 47.61 17.89 -26.76
CA THR B 382 48.68 18.88 -26.83
C THR B 382 49.99 18.17 -26.65
N ASN B 383 50.93 18.42 -27.56
CA ASN B 383 52.29 17.89 -27.45
C ASN B 383 53.28 19.04 -27.61
N PHE B 384 53.53 19.75 -26.51
CA PHE B 384 54.43 20.90 -26.49
C PHE B 384 55.74 20.51 -25.84
N LYS B 385 56.77 21.33 -26.05
CA LYS B 385 58.12 21.00 -25.60
C LYS B 385 58.22 21.00 -24.05
N GLY B 386 57.71 22.06 -23.41
CA GLY B 386 57.59 22.18 -21.94
C GLY B 386 56.44 23.11 -21.52
N SER B 387 56.40 23.55 -20.25
CA SER B 387 55.27 24.38 -19.81
C SER B 387 55.52 25.67 -19.03
N THR B 388 54.64 26.64 -19.23
CA THR B 388 54.68 27.90 -18.53
C THR B 388 53.51 28.03 -17.56
N GLY B 389 52.57 27.10 -17.64
CA GLY B 389 51.33 27.19 -16.88
C GLY B 389 50.38 28.32 -17.31
N LEU B 390 50.63 28.91 -18.47
CA LEU B 390 49.71 29.85 -19.07
C LEU B 390 49.22 29.30 -20.39
N PHE B 391 48.02 28.73 -20.41
CA PHE B 391 47.41 28.26 -21.66
C PHE B 391 46.14 29.00 -22.04
N ASP B 392 45.77 28.96 -23.31
CA ASP B 392 44.41 29.33 -23.67
C ASP B 392 43.87 28.36 -24.71
N PHE B 393 42.55 28.36 -24.87
CA PHE B 393 41.88 27.51 -25.83
C PHE B 393 40.63 28.12 -26.42
N ASN B 394 40.56 28.02 -27.74
CA ASN B 394 39.54 28.70 -28.48
C ASN B 394 38.87 27.70 -29.40
N ILE B 395 37.58 27.40 -29.15
CA ILE B 395 36.86 26.34 -29.85
C ILE B 395 35.43 26.70 -30.31
N THR B 396 35.16 26.46 -31.59
CA THR B 396 33.81 26.51 -32.15
C THR B 396 33.44 25.09 -32.58
N PHE B 397 32.21 24.67 -32.23
CA PHE B 397 31.78 23.29 -32.49
C PHE B 397 30.32 23.13 -32.90
N LYS B 398 30.08 22.02 -33.62
CA LYS B 398 28.75 21.64 -34.12
C LYS B 398 28.33 20.39 -33.40
N VAL B 399 27.07 20.37 -32.96
CA VAL B 399 26.49 19.15 -32.41
C VAL B 399 25.70 18.43 -33.50
N LEU B 400 26.14 17.20 -33.79
CA LEU B 400 25.58 16.39 -34.87
C LEU B 400 24.33 15.60 -34.47
N ASN B 401 23.63 15.05 -35.47
CA ASN B 401 22.51 14.12 -35.25
C ASN B 401 23.00 12.71 -35.21
N LEU B 402 23.19 12.22 -33.99
CA LEU B 402 23.68 10.88 -33.75
C LEU B 402 23.19 10.52 -32.35
N ASN B 403 22.42 9.46 -32.24
CA ASN B 403 21.89 9.04 -30.96
C ASN B 403 22.91 8.18 -30.24
N VAL B 404 23.21 8.54 -28.99
CA VAL B 404 24.14 7.77 -28.22
C VAL B 404 23.61 7.54 -26.80
N SER B 405 24.15 6.54 -26.11
CA SER B 405 23.72 6.19 -24.77
C SER B 405 24.05 7.34 -23.84
N PRO B 406 23.14 7.68 -22.89
CA PRO B 406 23.12 8.91 -22.06
C PRO B 406 24.43 9.27 -21.34
N GLY B 407 25.31 8.29 -21.14
CA GLY B 407 26.56 8.51 -20.43
C GLY B 407 27.59 9.20 -21.29
N LYS B 408 27.25 9.41 -22.55
CA LYS B 408 28.25 9.78 -23.52
C LYS B 408 27.96 11.06 -24.27
N THR B 409 26.83 11.70 -23.98
CA THR B 409 26.46 12.92 -24.69
C THR B 409 27.32 14.13 -24.31
N HIS B 410 28.60 13.90 -24.05
CA HIS B 410 29.52 14.95 -23.62
C HIS B 410 30.90 14.81 -24.25
N PHE B 411 31.58 15.95 -24.41
CA PHE B 411 33.03 15.98 -24.60
C PHE B 411 33.70 16.81 -23.48
N ASP B 412 35.01 16.63 -23.29
CA ASP B 412 35.71 17.22 -22.17
C ASP B 412 37.10 17.73 -22.53
N ILE B 413 37.49 18.82 -21.91
CA ILE B 413 38.85 19.31 -21.99
C ILE B 413 39.48 19.04 -20.66
N LEU B 414 40.58 18.31 -20.68
CA LEU B 414 41.33 17.96 -19.47
C LEU B 414 42.59 18.76 -19.40
N ILE B 415 42.80 19.40 -18.26
CA ILE B 415 43.93 20.30 -18.13
C ILE B 415 44.77 19.68 -17.09
N ASN B 416 45.77 18.96 -17.55
CA ASN B 416 46.58 18.12 -16.70
C ASN B 416 47.87 18.77 -16.25
N SER B 417 48.27 18.48 -15.02
CA SER B 417 49.60 18.82 -14.55
C SER B 417 50.54 17.77 -15.09
N GLN B 418 51.84 18.03 -14.92
CA GLN B 418 52.89 17.02 -15.07
C GLN B 418 52.72 16.00 -13.96
N GLU B 419 53.18 14.77 -14.18
CA GLU B 419 53.17 13.73 -13.13
C GLU B 419 54.19 14.09 -12.01
N LEU B 420 53.73 14.25 -10.77
CA LEU B 420 54.67 14.31 -9.66
C LEU B 420 54.65 12.98 -8.87
N ASN B 421 54.23 12.99 -7.60
CA ASN B 421 54.18 11.74 -6.79
C ASN B 421 53.51 10.59 -7.55
N SER B 422 54.03 10.29 -8.75
CA SER B 422 53.37 9.44 -9.76
C SER B 422 51.84 9.68 -9.88
N SER B 423 51.43 10.94 -9.98
CA SER B 423 50.00 11.27 -10.09
C SER B 423 49.80 12.59 -10.83
N VAL B 424 48.87 12.58 -11.78
CA VAL B 424 48.59 13.73 -12.61
C VAL B 424 47.33 14.45 -12.13
N ASP B 425 47.51 15.63 -11.55
CA ASP B 425 46.40 16.49 -11.15
C ASP B 425 45.75 17.02 -12.43
N SER B 426 44.42 17.01 -12.51
CA SER B 426 43.71 17.52 -13.69
C SER B 426 42.44 18.26 -13.34
N ILE B 427 42.03 19.22 -14.16
CA ILE B 427 40.69 19.79 -14.04
C ILE B 427 39.93 19.72 -15.36
N LYS B 428 38.62 19.48 -15.29
CA LYS B 428 37.83 19.20 -16.49
C LYS B 428 36.88 20.36 -16.92
N ILE B 429 36.77 20.56 -18.22
CA ILE B 429 35.80 21.51 -18.76
C ILE B 429 35.07 20.82 -19.92
N GLY B 430 33.79 20.55 -19.75
CA GLY B 430 33.04 19.84 -20.78
C GLY B 430 31.79 20.54 -21.25
N PHE B 431 31.09 19.89 -22.19
CA PHE B 431 29.77 20.30 -22.68
C PHE B 431 28.95 19.02 -22.89
N ASP B 432 27.68 19.06 -22.50
CA ASP B 432 26.79 17.91 -22.62
C ASP B 432 25.67 18.32 -23.54
N SER B 433 25.58 17.64 -24.69
CA SER B 433 24.65 18.07 -25.72
C SER B 433 23.22 17.83 -25.30
N SER B 434 23.00 16.77 -24.52
CA SER B 434 21.68 16.52 -24.00
C SER B 434 21.21 17.60 -23.02
N GLN B 435 22.14 18.42 -22.53
CA GLN B 435 21.82 19.38 -21.47
C GLN B 435 21.98 20.80 -21.94
N SER B 436 22.65 20.94 -23.11
CA SER B 436 22.98 22.25 -23.72
C SER B 436 23.77 23.11 -22.75
N SER B 437 24.60 22.47 -21.93
CA SER B 437 25.21 23.15 -20.80
C SER B 437 26.66 22.77 -20.65
N PHE B 438 27.52 23.78 -20.50
CA PHE B 438 28.92 23.53 -20.21
C PHE B 438 29.10 23.26 -18.74
N TYR B 439 30.28 22.80 -18.39
CA TYR B 439 30.53 22.40 -17.03
C TYR B 439 32.02 22.38 -16.72
N ILE B 440 32.31 22.60 -15.45
CA ILE B 440 33.65 22.54 -14.94
C ILE B 440 33.60 21.58 -13.76
N ASP B 441 34.67 20.81 -13.59
CA ASP B 441 34.88 20.07 -12.35
C ASP B 441 36.31 20.35 -11.84
N ARG B 442 36.43 21.24 -10.85
CA ARG B 442 37.76 21.63 -10.37
C ARG B 442 38.27 20.81 -9.19
N HIS B 443 37.59 19.72 -8.87
CA HIS B 443 38.10 18.80 -7.88
C HIS B 443 39.54 18.35 -8.17
N ILE B 444 40.37 18.34 -7.13
CA ILE B 444 41.71 17.78 -7.15
C ILE B 444 41.94 17.06 -5.83
N PRO B 445 42.29 15.75 -5.87
CA PRO B 445 42.47 14.95 -4.65
C PRO B 445 43.69 15.32 -3.83
N ASN B 446 43.64 14.99 -2.54
CA ASN B 446 44.79 15.10 -1.65
C ASN B 446 45.23 16.53 -1.36
N VAL B 447 44.48 17.49 -1.85
CA VAL B 447 44.86 18.86 -1.59
C VAL B 447 43.82 19.34 -0.63
N GLU B 448 44.22 19.46 0.63
CA GLU B 448 43.29 19.84 1.67
C GLU B 448 43.67 21.18 2.32
N PHE B 449 42.70 22.09 2.42
CA PHE B 449 42.87 23.35 3.14
C PHE B 449 41.61 23.73 3.91
N PRO B 450 41.74 24.57 4.96
CA PRO B 450 40.57 25.04 5.70
C PRO B 450 39.44 25.63 4.84
N ARG B 451 38.22 25.24 5.16
CA ARG B 451 36.96 25.74 4.56
C ARG B 451 36.67 25.20 3.18
N LYS B 452 37.42 24.17 2.77
CA LYS B 452 37.13 23.46 1.53
C LYS B 452 35.75 22.79 1.50
N GLN B 453 34.96 22.93 2.58
CA GLN B 453 33.57 22.48 2.54
C GLN B 453 32.73 23.40 1.68
N PHE B 454 33.16 24.66 1.56
CA PHE B 454 32.46 25.63 0.72
C PHE B 454 33.12 25.76 -0.65
N PHE B 455 34.18 24.98 -0.88
CA PHE B 455 34.91 25.09 -2.15
C PHE B 455 34.25 24.17 -3.19
N THR B 456 33.17 24.64 -3.79
CA THR B 456 32.38 23.87 -4.75
C THR B 456 33.24 23.37 -5.92
N ASP B 457 33.02 22.13 -6.31
CA ASP B 457 33.85 21.56 -7.36
C ASP B 457 33.20 21.50 -8.71
N LYS B 458 31.87 21.45 -8.72
CA LYS B 458 31.10 21.31 -9.94
C LYS B 458 30.19 22.51 -10.14
N LEU B 459 30.32 23.18 -11.29
CA LEU B 459 29.44 24.26 -11.69
C LEU B 459 29.10 24.07 -13.15
N ALA B 460 27.94 24.59 -13.57
CA ALA B 460 27.51 24.46 -14.97
C ALA B 460 26.82 25.72 -15.48
N ALA B 461 26.77 25.88 -16.81
CA ALA B 461 26.05 26.98 -17.42
C ALA B 461 25.27 26.48 -18.59
N TYR B 462 23.96 26.71 -18.54
CA TYR B 462 23.06 26.47 -19.66
C TYR B 462 23.12 27.62 -20.66
N LEU B 463 23.35 27.29 -21.93
CA LEU B 463 23.33 28.25 -23.00
C LEU B 463 22.53 27.73 -24.18
N GLU B 464 21.93 28.66 -24.91
CA GLU B 464 21.30 28.37 -26.19
C GLU B 464 22.38 28.34 -27.29
N PRO B 465 22.07 27.74 -28.46
CA PRO B 465 23.04 27.84 -29.58
C PRO B 465 23.50 29.26 -29.88
N LEU B 466 24.78 29.41 -30.18
CA LEU B 466 25.30 30.63 -30.77
C LEU B 466 24.68 30.77 -32.14
N ASP B 467 24.71 29.66 -32.88
CA ASP B 467 24.17 29.63 -34.23
C ASP B 467 23.68 28.24 -34.61
N TYR B 468 22.78 28.22 -35.60
CA TYR B 468 22.40 26.99 -36.26
C TYR B 468 23.03 26.98 -37.64
N ASP B 469 23.79 25.92 -37.92
CA ASP B 469 24.30 25.68 -39.26
C ASP B 469 23.37 24.63 -39.78
N GLN B 470 22.34 25.10 -40.50
CA GLN B 470 21.27 24.25 -41.02
C GLN B 470 20.34 23.92 -39.83
N ASP B 471 20.37 22.66 -39.40
CA ASP B 471 19.58 22.21 -38.28
C ASP B 471 20.52 21.91 -37.13
N LEU B 472 21.79 21.61 -37.46
CA LEU B 472 22.84 21.36 -36.48
C LEU B 472 23.13 22.58 -35.62
N ARG B 473 23.45 22.35 -34.35
CA ARG B 473 23.73 23.44 -33.42
C ARG B 473 25.22 23.75 -33.32
N VAL B 474 25.52 25.04 -33.19
CA VAL B 474 26.88 25.52 -33.14
C VAL B 474 27.13 26.26 -31.82
N PHE B 475 28.15 25.83 -31.07
CA PHE B 475 28.51 26.47 -29.81
C PHE B 475 29.96 26.97 -29.88
N SER B 476 30.35 27.92 -29.02
CA SER B 476 31.75 28.39 -28.96
C SER B 476 32.25 28.60 -27.56
N LEU B 477 33.55 28.41 -27.33
CA LEU B 477 34.11 28.64 -26.02
C LEU B 477 35.59 29.02 -26.03
N TYR B 478 35.90 30.11 -25.35
CA TYR B 478 37.28 30.48 -25.13
C TYR B 478 37.56 30.40 -23.66
N GLY B 479 38.61 29.66 -23.32
CA GLY B 479 39.07 29.57 -21.95
C GLY B 479 40.55 29.84 -21.85
N ILE B 480 40.97 30.47 -20.75
CA ILE B 480 42.38 30.75 -20.49
C ILE B 480 42.78 30.37 -19.06
N VAL B 481 43.71 29.40 -18.95
CA VAL B 481 44.22 28.88 -17.68
C VAL B 481 45.52 29.60 -17.31
N ASP B 482 45.67 29.97 -16.03
CA ASP B 482 46.83 30.71 -15.55
C ASP B 482 47.31 30.22 -14.18
N LYS B 483 48.08 29.14 -14.16
CA LYS B 483 48.67 28.58 -12.92
C LYS B 483 47.71 28.32 -11.74
N ASN B 484 46.78 29.23 -11.48
CA ASN B 484 45.81 29.01 -10.40
C ASN B 484 44.35 29.47 -10.64
N ILE B 485 44.11 30.04 -11.80
CA ILE B 485 42.83 30.63 -12.15
C ILE B 485 42.43 30.24 -13.58
N ILE B 486 41.13 30.02 -13.79
CA ILE B 486 40.63 29.70 -15.12
C ILE B 486 39.37 30.51 -15.46
N GLU B 487 39.41 31.14 -16.63
CA GLU B 487 38.32 31.99 -17.09
C GLU B 487 37.67 31.35 -18.33
N LEU B 488 36.36 31.18 -18.30
CA LEU B 488 35.64 30.62 -19.43
C LEU B 488 34.67 31.65 -20.01
N TYR B 489 34.63 31.79 -21.33
CA TYR B 489 33.66 32.66 -22.00
C TYR B 489 32.83 31.85 -23.00
N PHE B 490 31.56 31.65 -22.70
CA PHE B 490 30.72 30.84 -23.58
C PHE B 490 29.97 31.61 -24.65
N ASN B 491 29.98 31.03 -25.85
CA ASN B 491 29.33 31.61 -27.03
C ASN B 491 29.70 33.09 -27.13
N ASP B 492 30.99 33.34 -27.37
CA ASP B 492 31.44 34.66 -27.77
C ASP B 492 31.22 35.69 -26.64
N GLY B 493 31.31 35.24 -25.38
CA GLY B 493 31.12 36.13 -24.21
C GLY B 493 29.68 36.36 -23.77
N THR B 494 28.81 35.37 -23.98
CA THR B 494 27.41 35.45 -23.56
C THR B 494 27.27 35.09 -22.08
N VAL B 495 28.04 34.09 -21.62
CA VAL B 495 28.27 33.91 -20.18
C VAL B 495 29.74 33.67 -19.87
N ALA B 496 30.16 34.17 -18.71
CA ALA B 496 31.52 34.01 -18.26
C ALA B 496 31.56 33.35 -16.88
N MET B 497 32.60 32.55 -16.65
CA MET B 497 32.73 31.70 -15.47
C MET B 497 34.19 31.69 -14.98
N THR B 498 34.46 32.48 -13.94
CA THR B 498 35.77 32.53 -13.29
C THR B 498 35.83 31.60 -12.07
N ASN B 499 36.94 30.87 -11.93
CA ASN B 499 37.12 29.93 -10.82
C ASN B 499 38.60 29.66 -10.52
N THR B 500 39.01 29.66 -9.26
CA THR B 500 40.40 29.37 -8.95
C THR B 500 40.57 27.84 -8.90
N PHE B 501 41.80 27.35 -8.90
CA PHE B 501 42.03 25.88 -8.71
C PHE B 501 43.35 25.61 -8.03
N PHE B 502 43.37 24.66 -7.11
CA PHE B 502 44.60 24.40 -6.41
C PHE B 502 45.12 22.96 -6.50
N MET B 503 46.09 22.80 -7.38
CA MET B 503 46.81 21.52 -7.56
C MET B 503 47.80 21.29 -6.42
N GLY B 504 48.23 20.04 -6.28
CA GLY B 504 49.29 19.64 -5.35
C GLY B 504 50.61 20.38 -5.50
N GLU B 505 51.25 20.66 -4.38
CA GLU B 505 52.55 21.35 -4.30
C GLU B 505 53.47 20.98 -5.44
N GLY B 506 53.90 21.98 -6.20
CA GLY B 506 54.82 21.76 -7.31
C GLY B 506 54.18 21.54 -8.65
N LYS B 507 52.90 21.12 -8.69
CA LYS B 507 52.20 20.81 -9.96
C LYS B 507 51.46 22.01 -10.55
N TYR B 508 51.52 22.14 -11.89
CA TYR B 508 50.88 23.22 -12.63
C TYR B 508 50.61 22.78 -14.07
N PRO B 509 49.64 23.39 -14.77
CA PRO B 509 49.31 22.81 -16.09
C PRO B 509 50.52 22.55 -17.00
N HIS B 510 50.52 21.41 -17.69
CA HIS B 510 51.56 21.02 -18.65
C HIS B 510 51.01 20.75 -20.05
N ASP B 511 49.90 20.01 -20.12
CA ASP B 511 49.28 19.67 -21.41
C ASP B 511 47.74 19.77 -21.39
N ILE B 512 47.13 19.70 -22.57
CA ILE B 512 45.69 19.86 -22.71
C ILE B 512 45.16 18.82 -23.72
N GLN B 513 44.04 18.20 -23.38
CA GLN B 513 43.42 17.19 -24.22
C GLN B 513 41.99 17.56 -24.53
N ILE B 514 41.48 17.13 -25.66
CA ILE B 514 40.06 17.20 -25.89
C ILE B 514 39.63 15.81 -26.29
N VAL B 515 38.84 15.18 -25.41
CA VAL B 515 38.48 13.77 -25.53
C VAL B 515 36.97 13.58 -25.48
N THR B 516 36.54 12.36 -25.79
CA THR B 516 35.15 11.93 -25.67
C THR B 516 35.06 10.40 -25.55
N ASP B 517 33.94 9.88 -25.04
CA ASP B 517 33.72 8.42 -24.98
C ASP B 517 32.98 7.82 -26.19
N THR B 518 32.39 8.66 -27.04
CA THR B 518 31.55 8.17 -28.16
C THR B 518 32.39 7.58 -29.28
N GLU B 519 31.86 6.55 -29.96
CA GLU B 519 32.60 5.92 -31.07
C GLU B 519 32.42 6.57 -32.43
N GLU B 520 31.19 7.02 -32.70
CA GLU B 520 30.88 7.86 -33.87
C GLU B 520 31.07 9.30 -33.43
N PRO B 521 31.19 10.22 -34.40
CA PRO B 521 31.30 11.62 -34.01
C PRO B 521 29.94 12.16 -33.58
N LEU B 522 29.88 12.70 -32.36
CA LEU B 522 28.73 13.49 -31.88
C LEU B 522 29.05 14.99 -31.96
N PHE B 523 30.33 15.33 -31.81
CA PHE B 523 30.77 16.71 -31.94
C PHE B 523 31.75 16.90 -33.07
N GLU B 524 31.49 17.91 -33.90
CA GLU B 524 32.47 18.37 -34.86
C GLU B 524 33.07 19.69 -34.37
N LEU B 525 34.40 19.70 -34.28
CA LEU B 525 35.16 20.89 -33.94
C LEU B 525 35.55 21.67 -35.20
N GLU B 526 34.73 22.65 -35.57
CA GLU B 526 35.00 23.51 -36.73
C GLU B 526 36.39 24.10 -36.65
N SER B 527 36.70 24.70 -35.52
CA SER B 527 38.03 25.27 -35.26
C SER B 527 38.51 24.98 -33.83
N VAL B 528 39.83 24.82 -33.66
CA VAL B 528 40.45 24.58 -32.35
C VAL B 528 41.78 25.34 -32.34
N ILE B 529 42.09 26.03 -31.26
CA ILE B 529 43.44 26.59 -31.10
C ILE B 529 43.84 26.56 -29.65
N ILE B 530 44.74 25.63 -29.31
CA ILE B 530 45.32 25.52 -27.99
C ILE B 530 46.65 26.23 -28.05
N ARG B 531 46.92 27.11 -27.09
CA ARG B 531 48.14 27.93 -27.10
C ARG B 531 48.96 27.87 -25.85
N GLU B 532 50.27 27.84 -25.98
CA GLU B 532 51.11 28.11 -24.83
C GLU B 532 51.47 29.60 -24.84
N LEU B 533 51.38 30.25 -23.69
CA LEU B 533 51.58 31.69 -23.64
C LEU B 533 52.62 32.10 -22.60
N ASN B 534 53.07 33.35 -22.70
CA ASN B 534 54.14 33.90 -21.86
C ASN B 534 54.13 35.43 -21.73
N LYS B 535 55.04 35.94 -20.92
CA LYS B 535 55.14 37.36 -20.61
C LYS B 535 55.86 38.24 -21.65
N SER C 24 -20.64 -3.58 29.45
CA SER C 24 -21.12 -3.17 30.82
C SER C 24 -22.58 -2.68 30.87
N ILE C 25 -23.28 -2.76 29.73
CA ILE C 25 -24.70 -2.38 29.67
C ILE C 25 -25.58 -3.37 30.50
N ASP C 26 -26.88 -3.08 30.64
CA ASP C 26 -27.88 -4.07 31.07
C ASP C 26 -29.34 -3.52 31.12
N LEU C 27 -29.44 -2.20 31.20
CA LEU C 27 -30.72 -1.50 31.41
C LEU C 27 -32.00 -2.25 31.93
N SER C 28 -33.11 -2.00 31.21
CA SER C 28 -34.48 -2.05 31.71
C SER C 28 -35.41 -2.55 30.60
N VAL C 29 -34.83 -2.75 29.42
CA VAL C 29 -35.46 -3.52 28.37
C VAL C 29 -35.42 -4.97 28.86
N ASP C 30 -36.60 -5.54 29.07
CA ASP C 30 -36.75 -6.95 29.49
C ASP C 30 -37.55 -7.60 28.36
N THR C 31 -37.12 -8.77 27.89
CA THR C 31 -37.88 -9.50 26.88
C THR C 31 -38.37 -10.87 27.40
N SER C 32 -38.43 -11.01 28.72
CA SER C 32 -38.70 -12.31 29.30
C SER C 32 -40.09 -12.77 28.86
N GLU C 33 -41.06 -11.85 28.84
CA GLU C 33 -42.47 -12.18 28.73
C GLU C 33 -42.87 -12.88 27.47
N TYR C 34 -42.15 -12.66 26.37
CA TYR C 34 -42.29 -13.46 25.14
C TYR C 34 -41.05 -14.37 24.77
N ASN C 35 -39.84 -14.00 25.22
CA ASN C 35 -38.58 -14.57 24.71
C ASN C 35 -37.98 -15.60 25.66
N ARG C 36 -38.06 -15.35 26.97
CA ARG C 36 -37.46 -16.25 27.99
C ARG C 36 -38.16 -17.60 28.13
N PRO C 37 -37.39 -18.71 28.02
CA PRO C 37 -37.97 -20.05 28.11
C PRO C 37 -38.44 -20.34 29.51
N LEU C 38 -39.37 -21.27 29.68
CA LEU C 38 -39.84 -21.65 31.02
C LEU C 38 -39.05 -22.82 31.61
N ILE C 39 -38.67 -23.77 30.76
CA ILE C 39 -38.14 -25.06 31.28
C ILE C 39 -36.77 -25.47 30.78
N HIS C 40 -36.11 -24.57 30.04
CA HIS C 40 -34.70 -24.66 29.70
C HIS C 40 -33.99 -23.65 30.59
N PHE C 41 -32.82 -23.99 31.12
CA PHE C 41 -32.19 -23.09 32.06
C PHE C 41 -31.78 -21.78 31.46
N THR C 42 -31.88 -20.73 32.27
CA THR C 42 -31.50 -19.43 31.90
C THR C 42 -30.92 -18.70 33.11
N PRO C 43 -29.80 -17.97 32.93
CA PRO C 43 -29.35 -17.07 33.97
C PRO C 43 -30.27 -15.84 34.06
N GLU C 44 -30.51 -15.35 35.28
CA GLU C 44 -31.48 -14.27 35.48
C GLU C 44 -31.06 -12.94 34.78
N LYS C 45 -29.78 -12.57 34.86
CA LYS C 45 -29.16 -11.53 33.99
C LYS C 45 -27.75 -11.93 33.48
N GLY C 46 -27.45 -11.61 32.23
CA GLY C 46 -26.11 -11.78 31.69
C GLY C 46 -25.90 -12.83 30.61
N TRP C 47 -24.66 -13.29 30.53
CA TRP C 47 -24.23 -14.17 29.48
C TRP C 47 -23.89 -15.54 30.04
N MET C 48 -24.45 -16.58 29.44
CA MET C 48 -24.06 -17.97 29.74
C MET C 48 -23.66 -18.76 28.50
N ASN C 49 -22.51 -19.43 28.53
CA ASN C 49 -22.24 -20.44 27.48
C ASN C 49 -22.09 -21.83 28.08
N ASP C 50 -20.97 -22.49 27.81
CA ASP C 50 -20.79 -23.93 28.11
C ASP C 50 -21.22 -24.33 29.51
N PRO C 51 -22.09 -25.34 29.60
CA PRO C 51 -22.45 -25.99 30.90
C PRO C 51 -21.26 -26.67 31.58
N ASN C 52 -21.12 -26.41 32.89
CA ASN C 52 -19.96 -26.89 33.62
C ASN C 52 -20.31 -27.70 34.85
N GLY C 53 -19.37 -28.57 35.25
CA GLY C 53 -19.47 -29.28 36.51
C GLY C 53 -20.77 -29.99 36.77
N LEU C 54 -21.33 -30.66 35.76
CA LEU C 54 -22.59 -31.35 35.92
C LEU C 54 -22.46 -32.55 36.87
N PHE C 55 -23.26 -32.53 37.93
CA PHE C 55 -23.32 -33.65 38.89
C PHE C 55 -24.66 -33.78 39.64
N TYR C 56 -24.93 -35.00 40.07
CA TYR C 56 -26.09 -35.32 40.89
C TYR C 56 -25.66 -35.78 42.31
N ASP C 57 -26.28 -35.15 43.31
CA ASP C 57 -26.05 -35.38 44.74
C ASP C 57 -27.05 -36.39 45.34
N LYS C 58 -26.63 -37.65 45.48
CA LYS C 58 -27.51 -38.77 45.90
C LYS C 58 -28.14 -38.70 47.32
N THR C 59 -27.46 -38.00 48.22
CA THR C 59 -27.98 -37.77 49.56
C THR C 59 -28.90 -36.55 49.59
N ALA C 60 -28.60 -35.51 48.82
CA ALA C 60 -29.48 -34.35 48.77
C ALA C 60 -30.56 -34.50 47.71
N LYS C 61 -30.56 -35.65 47.02
CA LYS C 61 -31.46 -35.86 45.88
C LYS C 61 -31.58 -34.55 45.07
N LEU C 62 -30.48 -34.15 44.42
CA LEU C 62 -30.37 -32.83 43.76
C LEU C 62 -29.43 -32.84 42.55
N TRP C 63 -29.82 -32.20 41.45
CA TRP C 63 -28.96 -32.13 40.25
C TRP C 63 -28.26 -30.78 40.21
N HIS C 64 -26.99 -30.76 39.83
CA HIS C 64 -26.30 -29.48 39.81
C HIS C 64 -26.04 -29.03 38.41
N LEU C 65 -26.13 -27.72 38.20
CA LEU C 65 -25.74 -27.10 36.92
C LEU C 65 -24.88 -25.87 37.19
N TYR C 66 -23.82 -25.74 36.40
CA TYR C 66 -22.98 -24.57 36.37
C TYR C 66 -22.68 -24.32 34.88
N PHE C 67 -22.05 -23.19 34.58
CA PHE C 67 -21.98 -22.72 33.23
C PHE C 67 -21.12 -21.48 33.17
N GLN C 68 -20.44 -21.30 32.04
CA GLN C 68 -19.63 -20.14 31.79
C GLN C 68 -20.45 -18.87 31.96
N TYR C 69 -20.05 -18.06 32.91
CA TYR C 69 -20.93 -17.00 33.32
C TYR C 69 -20.18 -15.71 33.40
N ASN C 70 -20.81 -14.68 32.83
CA ASN C 70 -20.44 -13.32 33.08
C ASN C 70 -21.69 -12.44 33.24
N PRO C 71 -21.82 -11.77 34.38
CA PRO C 71 -23.05 -11.09 34.75
C PRO C 71 -23.03 -9.59 34.45
N ASN C 72 -21.90 -9.12 33.92
CA ASN C 72 -21.65 -7.70 33.64
C ASN C 72 -22.04 -7.38 32.20
N ALA C 73 -21.98 -8.39 31.35
CA ALA C 73 -22.34 -8.18 29.95
C ALA C 73 -23.37 -9.16 29.42
N THR C 74 -23.92 -8.78 28.29
CA THR C 74 -24.88 -9.57 27.55
C THR C 74 -24.08 -10.27 26.43
N ALA C 75 -22.78 -10.46 26.70
CA ALA C 75 -21.78 -11.06 25.80
C ALA C 75 -20.62 -11.70 26.59
N TRP C 76 -19.96 -12.73 26.05
CA TRP C 76 -18.78 -13.38 26.70
C TRP C 76 -17.69 -12.35 26.95
N GLY C 77 -17.03 -12.42 28.11
CA GLY C 77 -16.08 -11.37 28.50
C GLY C 77 -15.59 -11.58 29.91
N GLN C 78 -14.44 -11.02 30.24
CA GLN C 78 -13.75 -11.40 31.48
C GLN C 78 -13.69 -10.23 32.44
N PRO C 79 -13.80 -10.48 33.75
CA PRO C 79 -13.65 -11.76 34.34
C PRO C 79 -14.88 -12.58 34.05
N LEU C 80 -14.63 -13.86 33.86
CA LEU C 80 -15.67 -14.82 33.57
C LEU C 80 -15.64 -15.85 34.68
N TYR C 81 -16.81 -16.41 34.96
CA TYR C 81 -17.04 -17.12 36.20
C TYR C 81 -17.60 -18.53 35.90
N TRP C 82 -18.01 -19.26 36.95
CA TRP C 82 -18.93 -20.35 36.82
C TRP C 82 -20.16 -19.99 37.64
N GLY C 83 -21.29 -19.70 36.99
CA GLY C 83 -22.57 -19.57 37.68
C GLY C 83 -23.05 -20.92 38.18
N HIS C 84 -24.15 -20.94 38.92
CA HIS C 84 -24.59 -22.19 39.56
C HIS C 84 -26.11 -22.31 39.70
N ALA C 85 -26.65 -23.50 39.46
CA ALA C 85 -28.09 -23.74 39.70
C ALA C 85 -28.41 -25.19 39.97
N THR C 86 -29.38 -25.43 40.86
CA THR C 86 -29.84 -26.79 41.16
C THR C 86 -31.32 -27.07 40.77
N SER C 87 -31.66 -28.35 40.69
CA SER C 87 -33.00 -28.80 40.35
C SER C 87 -33.18 -30.22 40.87
N ASN C 88 -34.37 -30.52 41.39
CA ASN C 88 -34.67 -31.87 41.82
C ASN C 88 -35.20 -32.72 40.68
N ASP C 89 -35.66 -32.07 39.61
CA ASP C 89 -36.32 -32.77 38.53
C ASP C 89 -35.78 -32.48 37.12
N LEU C 90 -34.75 -31.63 37.03
CA LEU C 90 -34.20 -31.22 35.73
C LEU C 90 -35.20 -30.47 34.82
N VAL C 91 -36.22 -29.78 35.39
CA VAL C 91 -37.09 -28.84 34.64
C VAL C 91 -37.44 -27.54 35.43
N HIS C 92 -37.38 -27.59 36.75
CA HIS C 92 -37.53 -26.40 37.58
C HIS C 92 -36.16 -26.11 38.14
N TRP C 93 -35.57 -24.98 37.74
CA TRP C 93 -34.19 -24.65 38.12
C TRP C 93 -34.17 -23.47 39.05
N ASP C 94 -33.39 -23.60 40.12
CA ASP C 94 -33.16 -22.49 41.07
C ASP C 94 -31.77 -21.90 40.88
N GLU C 95 -31.70 -20.60 40.58
CA GLU C 95 -30.42 -19.92 40.37
C GLU C 95 -29.67 -19.60 41.68
N HIS C 96 -28.34 -19.66 41.67
CA HIS C 96 -27.57 -19.58 42.91
C HIS C 96 -26.40 -18.62 42.81
N GLU C 97 -25.97 -18.07 43.95
CA GLU C 97 -24.74 -17.28 43.99
C GLU C 97 -23.62 -18.05 43.27
N ILE C 98 -22.78 -17.31 42.54
CA ILE C 98 -21.69 -17.87 41.74
C ILE C 98 -20.80 -18.91 42.45
N ALA C 99 -20.61 -20.07 41.84
CA ALA C 99 -19.77 -21.10 42.46
C ALA C 99 -18.24 -20.75 42.48
N ILE C 100 -17.65 -20.37 41.34
CA ILE C 100 -16.21 -20.01 41.26
C ILE C 100 -15.90 -18.67 40.53
N GLY C 101 -14.98 -17.88 41.08
CA GLY C 101 -14.53 -16.66 40.43
C GLY C 101 -13.03 -16.73 40.14
N PRO C 102 -12.53 -15.89 39.21
CA PRO C 102 -11.08 -15.84 38.98
C PRO C 102 -10.39 -14.82 39.88
N GLU C 103 -9.06 -14.94 40.00
CA GLU C 103 -8.29 -14.04 40.84
C GLU C 103 -8.35 -12.58 40.37
N HIS C 104 -8.07 -12.30 39.10
CA HIS C 104 -8.03 -10.91 38.62
C HIS C 104 -8.95 -10.65 37.43
N ASP C 105 -9.44 -9.40 37.32
CA ASP C 105 -10.30 -8.94 36.20
C ASP C 105 -9.80 -9.40 34.84
N ASN C 106 -8.48 -9.59 34.80
CA ASN C 106 -7.72 -9.94 33.61
C ASN C 106 -7.88 -11.42 33.21
N GLU C 107 -8.47 -12.23 34.11
CA GLU C 107 -8.55 -13.69 33.98
C GLU C 107 -9.99 -14.30 34.00
N GLY C 108 -10.06 -15.63 34.19
CA GLY C 108 -11.34 -16.39 34.15
C GLY C 108 -11.26 -17.91 34.38
N ILE C 109 -12.37 -18.49 34.84
CA ILE C 109 -12.51 -19.95 35.04
C ILE C 109 -13.24 -20.62 33.88
N PHE C 110 -12.47 -21.17 32.95
CA PHE C 110 -13.05 -21.76 31.73
C PHE C 110 -13.67 -23.13 32.05
N SER C 111 -14.40 -23.70 31.08
CA SER C 111 -15.11 -24.97 31.26
C SER C 111 -14.34 -26.14 31.95
N GLY C 112 -15.11 -26.97 32.67
CA GLY C 112 -14.62 -28.12 33.41
C GLY C 112 -15.77 -28.99 33.87
N SER C 113 -15.43 -30.17 34.42
CA SER C 113 -16.41 -31.09 35.03
C SER C 113 -16.47 -30.96 36.56
N ILE C 114 -17.17 -31.93 37.17
CA ILE C 114 -17.07 -32.26 38.59
C ILE C 114 -17.07 -33.78 38.88
N VAL C 115 -16.34 -34.17 39.91
CA VAL C 115 -16.45 -35.52 40.43
C VAL C 115 -16.74 -35.46 41.93
N VAL C 116 -17.45 -36.45 42.45
CA VAL C 116 -17.53 -36.69 43.89
C VAL C 116 -16.41 -37.68 44.31
N ASP C 117 -15.62 -37.29 45.33
CA ASP C 117 -14.49 -38.11 45.82
C ASP C 117 -14.89 -39.00 46.99
N HIS C 118 -15.70 -40.01 46.69
CA HIS C 118 -16.20 -40.95 47.71
C HIS C 118 -15.14 -41.38 48.72
N ASN C 119 -13.98 -41.83 48.23
CA ASN C 119 -12.87 -42.28 49.06
C ASN C 119 -11.85 -41.19 49.36
N ASN C 120 -12.28 -39.94 49.41
CA ASN C 120 -11.36 -38.83 49.69
C ASN C 120 -9.92 -39.27 49.42
N THR C 121 -9.58 -39.37 48.14
CA THR C 121 -8.25 -39.81 47.71
C THR C 121 -7.42 -38.55 47.55
N SER C 122 -8.09 -37.41 47.68
CA SER C 122 -7.47 -36.11 47.52
C SER C 122 -7.12 -35.53 48.89
N GLY C 123 -7.56 -36.20 49.94
CA GLY C 123 -7.36 -35.73 51.30
C GLY C 123 -8.03 -34.39 51.60
N PHE C 124 -9.00 -34.00 50.78
CA PHE C 124 -9.77 -32.78 51.06
C PHE C 124 -10.86 -32.92 52.12
N PHE C 125 -11.11 -34.13 52.60
CA PHE C 125 -12.41 -34.44 53.22
C PHE C 125 -12.43 -35.16 54.61
N ASN C 126 -12.85 -34.42 55.63
CA ASN C 126 -13.14 -34.93 56.99
C ASN C 126 -13.98 -36.19 57.10
N SER C 127 -14.33 -36.50 58.33
CA SER C 127 -15.34 -37.48 58.64
C SER C 127 -16.71 -36.83 58.38
N SER C 128 -16.76 -35.50 58.57
CA SER C 128 -18.03 -34.73 58.56
C SER C 128 -18.65 -34.48 57.17
N ILE C 129 -17.82 -34.50 56.14
CA ILE C 129 -18.31 -34.35 54.78
C ILE C 129 -18.75 -35.73 54.31
N ASP C 130 -20.04 -35.86 53.98
CA ASP C 130 -20.59 -37.11 53.43
C ASP C 130 -19.81 -37.56 52.17
N PRO C 131 -19.54 -38.87 52.03
CA PRO C 131 -18.92 -39.38 50.78
C PRO C 131 -19.55 -38.81 49.49
N ASN C 132 -20.87 -38.98 49.35
CA ASN C 132 -21.68 -38.52 48.22
C ASN C 132 -21.78 -37.01 48.03
N GLN C 133 -20.97 -36.27 48.78
CA GLN C 133 -20.95 -34.81 48.74
C GLN C 133 -19.50 -34.36 48.74
N ARG C 134 -18.59 -35.32 48.63
CA ARG C 134 -17.16 -35.00 48.59
C ARG C 134 -16.77 -34.45 47.22
N ILE C 135 -17.41 -33.31 46.90
CA ILE C 135 -17.42 -32.69 45.57
C ILE C 135 -16.07 -32.06 45.26
N VAL C 136 -15.64 -32.24 44.02
CA VAL C 136 -14.41 -31.66 43.52
C VAL C 136 -14.65 -31.12 42.11
N ALA C 137 -14.12 -29.94 41.84
CA ALA C 137 -14.33 -29.31 40.57
C ALA C 137 -13.01 -29.21 39.86
N ILE C 138 -12.90 -29.84 38.69
CA ILE C 138 -11.72 -29.68 37.84
C ILE C 138 -11.97 -28.77 36.61
N TYR C 139 -11.31 -27.60 36.58
CA TYR C 139 -11.59 -26.57 35.58
C TYR C 139 -10.33 -26.05 34.94
N THR C 140 -10.52 -25.24 33.92
CA THR C 140 -9.42 -24.67 33.17
C THR C 140 -9.28 -23.25 33.66
N ASN C 141 -8.04 -22.88 33.99
CA ASN C 141 -7.71 -21.60 34.53
C ASN C 141 -7.11 -20.86 33.38
N ASN C 142 -7.77 -19.78 32.97
CA ASN C 142 -7.32 -18.97 31.85
C ASN C 142 -6.67 -17.69 32.35
N ILE C 143 -5.45 -17.44 31.91
CA ILE C 143 -4.63 -16.27 32.28
C ILE C 143 -4.14 -15.61 30.98
N PRO C 144 -3.88 -14.29 31.00
CA PRO C 144 -3.18 -13.87 29.78
C PRO C 144 -1.95 -14.75 29.50
N ASP C 145 -1.85 -15.19 28.24
CA ASP C 145 -0.72 -15.97 27.69
C ASP C 145 -0.50 -17.33 28.41
N ASN C 146 -1.53 -17.82 29.10
CA ASN C 146 -1.47 -19.14 29.75
C ASN C 146 -2.80 -19.79 30.15
N GLN C 147 -2.93 -21.08 29.86
CA GLN C 147 -4.13 -21.85 30.18
C GLN C 147 -3.72 -23.17 30.84
N THR C 148 -4.24 -23.41 32.04
CA THR C 148 -3.87 -24.57 32.86
C THR C 148 -5.10 -25.28 33.43
N GLN C 149 -4.90 -26.48 33.96
CA GLN C 149 -5.92 -27.20 34.71
C GLN C 149 -5.74 -27.01 36.23
N ASP C 150 -6.70 -26.31 36.86
CA ASP C 150 -6.71 -26.07 38.31
C ASP C 150 -7.97 -26.64 38.95
N ILE C 151 -7.85 -27.05 40.21
CA ILE C 151 -8.89 -27.81 40.93
C ILE C 151 -9.19 -27.23 42.30
N ALA C 152 -10.45 -27.42 42.71
CA ALA C 152 -10.97 -26.89 43.96
C ALA C 152 -11.96 -27.88 44.53
N PHE C 153 -12.17 -27.80 45.86
CA PHE C 153 -13.17 -28.60 46.58
C PHE C 153 -14.31 -27.76 47.18
N SER C 154 -15.48 -28.41 47.33
CA SER C 154 -16.66 -27.84 48.00
C SER C 154 -16.95 -28.58 49.30
N LEU C 155 -17.17 -27.78 50.35
CA LEU C 155 -17.48 -28.33 51.68
C LEU C 155 -19.00 -28.35 51.92
N ASP C 156 -19.72 -27.42 51.27
CA ASP C 156 -21.14 -27.22 51.50
C ASP C 156 -22.07 -27.80 50.43
N GLY C 157 -21.65 -28.88 49.76
CA GLY C 157 -22.54 -29.48 48.77
C GLY C 157 -22.56 -28.76 47.43
N GLY C 158 -21.46 -28.10 47.07
CA GLY C 158 -21.28 -27.53 45.75
C GLY C 158 -21.69 -26.08 45.55
N TYR C 159 -21.65 -25.29 46.61
CA TYR C 159 -22.10 -23.92 46.49
C TYR C 159 -20.93 -22.95 46.63
N THR C 160 -19.90 -23.39 47.33
CA THR C 160 -18.65 -22.62 47.34
C THR C 160 -17.55 -23.66 47.43
N PHE C 161 -16.33 -23.21 47.14
CA PHE C 161 -15.22 -24.08 46.80
C PHE C 161 -13.89 -23.49 47.20
N THR C 162 -12.98 -24.31 47.72
CA THR C 162 -11.65 -23.83 48.07
C THR C 162 -10.74 -24.31 46.97
N LYS C 163 -9.97 -23.41 46.37
CA LYS C 163 -8.90 -23.78 45.43
C LYS C 163 -7.79 -24.60 46.11
N TYR C 164 -7.21 -25.52 45.36
CA TYR C 164 -6.20 -26.43 45.87
C TYR C 164 -5.17 -25.71 46.72
N GLU C 165 -4.42 -24.80 46.10
CA GLU C 165 -3.32 -24.10 46.78
C GLU C 165 -2.05 -24.37 46.00
N ASN C 166 -1.81 -25.66 45.70
CA ASN C 166 -0.72 -26.06 44.82
C ASN C 166 -1.15 -26.12 43.35
N ASN C 167 -2.19 -25.35 43.03
CA ASN C 167 -2.62 -25.17 41.66
C ASN C 167 -1.57 -24.37 40.90
N PRO C 168 -1.42 -24.63 39.56
CA PRO C 168 -2.15 -25.59 38.69
C PRO C 168 -1.83 -27.05 38.99
N VAL C 169 -2.71 -27.96 38.55
CA VAL C 169 -2.47 -29.41 38.65
C VAL C 169 -1.99 -30.04 37.34
N ILE C 170 -2.21 -29.34 36.22
CA ILE C 170 -1.50 -29.60 34.95
C ILE C 170 -1.19 -28.31 34.19
N ASP C 171 0.06 -28.17 33.80
CA ASP C 171 0.50 -27.03 32.98
C ASP C 171 1.51 -27.54 31.97
N VAL C 172 1.19 -27.42 30.67
CA VAL C 172 2.12 -27.78 29.59
C VAL C 172 2.68 -26.57 28.83
N SER C 173 2.63 -25.41 29.47
CA SER C 173 3.04 -24.15 28.89
C SER C 173 2.24 -23.79 27.62
N SER C 174 1.08 -24.42 27.48
CA SER C 174 0.25 -24.11 26.34
C SER C 174 -0.62 -22.88 26.56
N ASN C 175 -0.99 -22.27 25.47
CA ASN C 175 -1.90 -21.18 25.53
C ASN C 175 -3.30 -21.62 25.11
N GLN C 176 -3.39 -22.90 24.72
CA GLN C 176 -4.57 -23.47 24.07
C GLN C 176 -4.80 -24.89 24.62
N PHE C 177 -5.31 -24.98 25.84
CA PHE C 177 -5.29 -26.22 26.63
C PHE C 177 -6.33 -26.12 27.73
N ARG C 178 -7.51 -26.64 27.44
CA ARG C 178 -8.70 -26.36 28.23
C ARG C 178 -9.74 -27.45 28.02
N ASP C 179 -10.61 -27.60 29.01
CA ASP C 179 -11.89 -28.31 28.90
C ASP C 179 -11.87 -29.71 29.47
N PRO C 180 -11.47 -29.84 30.74
CA PRO C 180 -11.26 -31.14 31.30
C PRO C 180 -12.58 -31.78 31.73
N LYS C 181 -12.70 -33.08 31.50
CA LYS C 181 -13.80 -33.85 32.02
C LYS C 181 -13.22 -35.13 32.66
N VAL C 182 -13.70 -35.41 33.89
CA VAL C 182 -13.10 -36.44 34.74
C VAL C 182 -14.13 -37.47 35.19
N PHE C 183 -13.66 -38.70 35.40
CA PHE C 183 -14.47 -39.76 35.95
C PHE C 183 -13.57 -40.81 36.59
N TRP C 184 -14.07 -41.45 37.63
CA TRP C 184 -13.37 -42.58 38.23
C TRP C 184 -13.57 -43.75 37.30
N HIS C 185 -12.53 -44.55 37.15
CA HIS C 185 -12.59 -45.68 36.26
C HIS C 185 -12.16 -46.95 37.02
N GLU C 186 -13.10 -47.90 37.10
CA GLU C 186 -12.93 -49.11 37.91
C GLU C 186 -11.82 -50.03 37.41
N ASP C 187 -12.03 -50.57 36.19
CA ASP C 187 -11.10 -51.47 35.49
C ASP C 187 -9.63 -51.17 35.80
N SER C 188 -9.23 -49.91 35.67
CA SER C 188 -7.82 -49.50 35.78
C SER C 188 -7.56 -48.78 37.10
N ASN C 189 -8.59 -48.67 37.92
CA ASN C 189 -8.43 -48.17 39.30
C ASN C 189 -7.89 -46.72 39.41
N GLN C 190 -8.22 -45.85 38.46
CA GLN C 190 -7.74 -44.48 38.55
C GLN C 190 -8.82 -43.45 38.17
N TRP C 191 -8.49 -42.17 38.30
CA TRP C 191 -9.29 -41.07 37.76
C TRP C 191 -8.78 -40.83 36.37
N ILE C 192 -9.71 -40.55 35.47
CA ILE C 192 -9.42 -40.34 34.06
C ILE C 192 -9.75 -38.89 33.72
N MET C 193 -8.94 -38.26 32.86
CA MET C 193 -9.18 -36.88 32.34
C MET C 193 -9.04 -36.76 30.83
N VAL C 194 -10.09 -36.24 30.19
CA VAL C 194 -10.02 -35.94 28.78
C VAL C 194 -10.11 -34.42 28.62
N VAL C 195 -9.05 -33.86 28.02
CA VAL C 195 -8.93 -32.42 27.79
C VAL C 195 -8.38 -32.19 26.39
N SER C 196 -8.61 -30.98 25.85
CA SER C 196 -8.37 -30.67 24.45
C SER C 196 -7.10 -29.82 24.23
N LYS C 197 -6.35 -30.19 23.20
CA LYS C 197 -5.18 -29.45 22.76
C LYS C 197 -5.77 -28.78 21.55
N SER C 198 -6.59 -27.79 21.87
CA SER C 198 -7.59 -27.28 20.97
C SER C 198 -7.02 -27.02 19.58
N GLN C 199 -5.97 -26.25 19.49
CA GLN C 199 -5.44 -25.97 18.15
C GLN C 199 -4.53 -27.08 17.62
N GLU C 200 -4.38 -28.16 18.38
CA GLU C 200 -3.55 -29.30 17.97
C GLU C 200 -4.42 -30.48 17.55
N TYR C 201 -5.73 -30.36 17.78
CA TYR C 201 -6.69 -31.42 17.43
C TYR C 201 -6.41 -32.76 18.13
N LYS C 202 -5.77 -32.74 19.30
CA LYS C 202 -5.68 -33.94 20.14
C LYS C 202 -6.66 -33.81 21.30
N ILE C 203 -7.12 -34.98 21.79
CA ILE C 203 -7.87 -35.10 23.03
C ILE C 203 -6.97 -35.97 23.86
N GLN C 204 -6.48 -35.37 24.94
CA GLN C 204 -5.43 -35.94 25.72
C GLN C 204 -6.00 -36.67 26.95
N ILE C 205 -5.63 -37.95 27.08
CA ILE C 205 -6.12 -38.75 28.17
C ILE C 205 -5.06 -38.81 29.25
N PHE C 206 -5.36 -38.18 30.38
CA PHE C 206 -4.51 -38.20 31.54
C PHE C 206 -5.09 -39.12 32.60
N GLY C 207 -4.25 -39.90 33.26
CA GLY C 207 -4.66 -40.75 34.38
C GLY C 207 -4.15 -40.23 35.71
N SER C 208 -4.91 -40.50 36.77
CA SER C 208 -4.48 -40.12 38.12
C SER C 208 -5.17 -40.85 39.26
N ALA C 209 -4.44 -41.01 40.36
CA ALA C 209 -5.00 -41.56 41.60
C ALA C 209 -5.27 -40.40 42.56
N ASN C 210 -4.82 -39.22 42.15
CA ASN C 210 -4.58 -38.10 43.04
C ASN C 210 -5.58 -36.95 42.88
N LEU C 211 -6.02 -36.75 41.64
CA LEU C 211 -6.59 -35.49 41.18
C LEU C 211 -5.59 -34.35 41.24
N LYS C 212 -4.40 -34.61 41.80
CA LYS C 212 -3.35 -33.57 41.93
C LYS C 212 -2.24 -33.77 40.92
N ASN C 213 -1.84 -35.03 40.76
CA ASN C 213 -0.77 -35.44 39.88
C ASN C 213 -1.33 -36.28 38.78
N TRP C 214 -1.05 -35.88 37.55
CA TRP C 214 -1.61 -36.50 36.36
C TRP C 214 -0.52 -37.03 35.44
N VAL C 215 -0.83 -38.11 34.75
CA VAL C 215 0.03 -38.62 33.70
C VAL C 215 -0.70 -38.64 32.36
N LEU C 216 0.02 -38.33 31.29
CA LEU C 216 -0.46 -38.53 29.93
C LEU C 216 -0.39 -40.01 29.53
N ASN C 217 -1.53 -40.55 29.09
CA ASN C 217 -1.60 -41.92 28.61
C ASN C 217 -1.66 -42.02 27.07
N SER C 218 -2.30 -41.03 26.40
CA SER C 218 -2.52 -41.03 24.93
C SER C 218 -3.09 -39.74 24.25
N ASN C 219 -3.10 -39.75 22.92
CA ASN C 219 -3.70 -38.70 22.10
C ASN C 219 -4.68 -39.25 21.10
N PHE C 220 -5.78 -38.55 20.93
CA PHE C 220 -6.81 -38.99 20.02
C PHE C 220 -7.23 -37.86 19.08
N SER C 221 -7.10 -38.14 17.79
CA SER C 221 -7.46 -37.18 16.75
C SER C 221 -8.35 -37.93 15.76
N SER C 222 -9.58 -37.45 15.51
CA SER C 222 -10.42 -38.01 14.44
C SER C 222 -11.62 -37.13 14.12
N GLY C 223 -12.48 -37.61 13.20
CA GLY C 223 -13.73 -36.95 12.84
C GLY C 223 -13.53 -35.60 12.20
N TYR C 224 -14.59 -34.80 12.13
CA TYR C 224 -14.53 -33.43 11.58
C TYR C 224 -13.66 -32.50 12.45
N TYR C 225 -12.63 -31.89 11.86
CA TYR C 225 -11.70 -31.07 12.63
C TYR C 225 -12.26 -29.70 12.90
N GLY C 226 -12.83 -29.08 11.87
CA GLY C 226 -13.16 -27.65 11.90
C GLY C 226 -12.00 -26.85 12.46
N ASN C 227 -12.30 -25.68 13.05
CA ASN C 227 -11.28 -24.79 13.58
C ASN C 227 -10.55 -25.35 14.80
N GLN C 228 -11.35 -25.76 15.81
CA GLN C 228 -10.86 -26.11 17.15
C GLN C 228 -11.61 -27.31 17.73
N TYR C 229 -10.82 -28.21 18.33
CA TYR C 229 -11.30 -29.12 19.35
C TYR C 229 -11.69 -28.32 20.60
N ALA C 230 -12.79 -28.72 21.26
CA ALA C 230 -13.26 -28.12 22.55
C ALA C 230 -14.19 -29.02 23.38
N CYS C 231 -14.26 -28.78 24.69
CA CYS C 231 -15.18 -29.53 25.57
C CYS C 231 -15.33 -31.05 25.26
N PRO C 232 -14.22 -31.83 25.19
CA PRO C 232 -14.39 -33.29 25.07
C PRO C 232 -15.20 -33.97 26.20
N GLY C 233 -15.46 -35.26 26.02
CA GLY C 233 -16.18 -36.08 26.97
C GLY C 233 -15.98 -37.54 26.59
N LEU C 234 -16.04 -38.43 27.58
CA LEU C 234 -15.86 -39.89 27.43
C LEU C 234 -16.54 -40.54 28.65
N ILE C 235 -17.43 -41.48 28.39
CA ILE C 235 -18.33 -42.07 29.38
C ILE C 235 -18.90 -43.38 28.82
N GLU C 236 -19.57 -44.17 29.64
CA GLU C 236 -20.01 -45.49 29.17
C GLU C 236 -21.53 -45.56 28.92
N VAL C 237 -21.89 -45.74 27.65
CA VAL C 237 -23.27 -45.65 27.19
C VAL C 237 -23.86 -47.05 26.99
N PRO C 238 -25.09 -47.26 27.47
CA PRO C 238 -25.70 -48.59 27.38
C PRO C 238 -26.47 -48.87 26.06
N ILE C 239 -26.26 -50.07 25.53
CA ILE C 239 -26.97 -50.56 24.36
C ILE C 239 -28.32 -51.07 24.82
N GLU C 240 -29.39 -50.61 24.19
CA GLU C 240 -30.75 -50.99 24.56
C GLU C 240 -30.93 -52.54 24.58
N ASN C 241 -31.86 -53.07 25.40
CA ASN C 241 -32.06 -54.54 25.59
C ASN C 241 -30.77 -55.38 25.58
N SER C 242 -29.85 -55.07 26.48
CA SER C 242 -28.60 -55.83 26.61
C SER C 242 -27.83 -55.54 27.90
N ASP C 243 -27.11 -56.56 28.38
CA ASP C 243 -26.13 -56.43 29.45
C ASP C 243 -24.98 -55.59 28.89
N LYS C 244 -24.82 -55.62 27.57
CA LYS C 244 -23.71 -54.95 26.85
C LYS C 244 -23.83 -53.40 26.70
N SER C 245 -22.68 -52.75 26.53
CA SER C 245 -22.63 -51.32 26.32
C SER C 245 -21.40 -50.96 25.49
N LYS C 246 -21.20 -49.66 25.25
CA LYS C 246 -20.00 -49.16 24.59
C LYS C 246 -19.45 -47.89 25.25
N TRP C 247 -18.19 -47.56 24.95
CA TRP C 247 -17.64 -46.25 25.27
C TRP C 247 -17.87 -45.27 24.14
N VAL C 248 -18.28 -44.04 24.47
CA VAL C 248 -18.56 -43.00 23.46
C VAL C 248 -17.75 -41.74 23.74
N MET C 249 -16.95 -41.33 22.74
CA MET C 249 -16.11 -40.10 22.83
C MET C 249 -16.85 -38.89 22.32
N PHE C 250 -16.80 -37.80 23.06
CA PHE C 250 -17.52 -36.60 22.63
C PHE C 250 -16.54 -35.47 22.35
N LEU C 251 -16.94 -34.60 21.41
CA LEU C 251 -16.08 -33.56 20.88
C LEU C 251 -16.91 -32.35 20.43
N ALA C 252 -16.52 -31.18 20.91
CA ALA C 252 -17.08 -29.97 20.39
C ALA C 252 -16.06 -29.40 19.41
N ILE C 253 -16.56 -28.71 18.39
CA ILE C 253 -15.71 -28.05 17.41
C ILE C 253 -16.38 -26.79 16.97
N ASN C 254 -15.67 -25.68 17.15
CA ASN C 254 -16.13 -24.37 16.72
C ASN C 254 -14.92 -23.45 16.55
N PRO C 255 -14.91 -22.63 15.47
CA PRO C 255 -15.87 -22.75 14.39
C PRO C 255 -15.40 -23.78 13.34
N GLY C 256 -15.89 -23.69 12.10
CA GLY C 256 -15.60 -24.73 11.10
C GLY C 256 -16.59 -25.90 11.18
N SER C 257 -17.81 -25.63 11.62
CA SER C 257 -18.86 -26.64 11.57
C SER C 257 -19.38 -26.60 10.16
N PRO C 258 -19.53 -27.78 9.52
CA PRO C 258 -20.00 -27.87 8.14
C PRO C 258 -21.39 -27.29 7.97
N LEU C 259 -22.24 -27.40 8.98
CA LEU C 259 -23.53 -26.64 8.93
C LEU C 259 -23.29 -25.19 9.28
N GLY C 260 -22.02 -24.83 9.51
CA GLY C 260 -21.62 -23.50 9.88
C GLY C 260 -21.53 -23.35 11.36
N GLY C 261 -20.44 -22.73 11.81
CA GLY C 261 -20.33 -22.24 13.17
C GLY C 261 -19.82 -23.33 14.06
N SER C 262 -20.64 -23.63 15.08
CA SER C 262 -20.36 -24.55 16.19
C SER C 262 -21.21 -25.85 16.21
N ILE C 263 -20.61 -26.98 16.63
CA ILE C 263 -21.27 -28.31 16.62
C ILE C 263 -20.64 -29.35 17.58
N ASN C 264 -21.42 -30.37 17.99
CA ASN C 264 -20.95 -31.55 18.79
C ASN C 264 -21.06 -32.91 18.08
N GLN C 265 -20.05 -33.76 18.23
CA GLN C 265 -19.92 -34.99 17.42
C GLN C 265 -19.36 -36.08 18.31
N TYR C 266 -19.39 -37.33 17.82
CA TYR C 266 -19.09 -38.48 18.65
C TYR C 266 -18.52 -39.71 17.97
N PHE C 267 -17.88 -40.56 18.77
CA PHE C 267 -17.27 -41.78 18.25
C PHE C 267 -17.63 -42.97 19.13
N VAL C 268 -18.05 -44.06 18.50
CA VAL C 268 -18.44 -45.25 19.25
C VAL C 268 -17.27 -46.24 19.23
N GLY C 269 -16.89 -46.69 20.43
CA GLY C 269 -15.73 -47.55 20.54
C GLY C 269 -15.50 -48.16 21.89
N ASP C 270 -14.22 -48.29 22.24
CA ASP C 270 -13.75 -48.99 23.43
C ASP C 270 -12.62 -48.23 24.15
N PHE C 271 -12.60 -48.34 25.48
CA PHE C 271 -11.64 -47.62 26.35
C PHE C 271 -11.06 -48.63 27.34
N ASP C 272 -9.78 -48.52 27.64
CA ASP C 272 -9.17 -49.47 28.56
C ASP C 272 -8.52 -48.72 29.72
N GLY C 273 -8.87 -47.43 29.83
CA GLY C 273 -8.30 -46.55 30.86
C GLY C 273 -7.12 -45.73 30.33
N PHE C 274 -6.84 -45.88 29.05
CA PHE C 274 -5.55 -45.46 28.50
C PHE C 274 -5.75 -44.82 27.15
N GLN C 275 -6.25 -45.60 26.19
CA GLN C 275 -6.51 -45.08 24.87
C GLN C 275 -7.91 -45.43 24.41
N PHE C 276 -8.55 -44.51 23.66
CA PHE C 276 -9.86 -44.77 23.08
C PHE C 276 -9.72 -45.30 21.67
N VAL C 277 -10.11 -46.55 21.47
CA VAL C 277 -10.13 -47.18 20.16
C VAL C 277 -11.56 -47.06 19.70
N PRO C 278 -11.82 -46.39 18.55
CA PRO C 278 -13.20 -46.52 18.09
C PRO C 278 -13.41 -47.80 17.26
N ASP C 279 -14.66 -48.22 17.19
CA ASP C 279 -15.01 -49.44 16.49
C ASP C 279 -14.86 -49.26 14.98
N ASP C 280 -15.34 -48.13 14.47
CA ASP C 280 -15.01 -47.71 13.11
C ASP C 280 -14.41 -46.30 13.11
N SER C 281 -13.95 -45.84 11.95
CA SER C 281 -13.51 -44.43 11.82
C SER C 281 -14.49 -43.41 11.19
N GLN C 282 -15.80 -43.58 11.31
CA GLN C 282 -16.73 -42.54 10.73
C GLN C 282 -17.00 -41.30 11.60
N THR C 283 -17.25 -40.17 10.94
CA THR C 283 -17.64 -38.89 11.57
C THR C 283 -19.14 -38.91 11.77
N ARG C 284 -19.61 -38.58 12.98
CA ARG C 284 -21.05 -38.46 13.23
C ARG C 284 -21.30 -37.36 14.23
N PHE C 285 -22.38 -36.62 13.99
CA PHE C 285 -22.76 -35.49 14.82
C PHE C 285 -23.79 -35.89 15.85
N VAL C 286 -23.74 -35.29 17.04
CA VAL C 286 -24.71 -35.57 18.12
C VAL C 286 -26.07 -34.89 17.86
N ASP C 287 -26.06 -33.67 17.30
CA ASP C 287 -27.28 -32.93 16.96
C ASP C 287 -27.16 -32.01 15.69
N ILE C 288 -28.01 -32.25 14.69
CA ILE C 288 -27.96 -31.55 13.42
C ILE C 288 -28.81 -30.24 13.31
N GLY C 289 -29.14 -29.66 14.47
CA GLY C 289 -29.55 -28.25 14.54
C GLY C 289 -28.29 -27.38 14.57
N LYS C 290 -28.44 -26.10 14.27
CA LYS C 290 -27.36 -25.16 14.41
C LYS C 290 -26.96 -25.01 15.91
N ASP C 291 -27.94 -25.19 16.81
CA ASP C 291 -27.83 -24.72 18.23
C ASP C 291 -27.70 -25.79 19.34
N PHE C 292 -26.65 -26.62 19.26
CA PHE C 292 -26.38 -27.69 20.22
C PHE C 292 -24.92 -27.96 20.28
N TYR C 293 -24.24 -27.07 20.99
CA TYR C 293 -22.81 -27.09 21.21
C TYR C 293 -22.57 -27.26 22.71
N ALA C 294 -21.34 -27.68 23.05
CA ALA C 294 -20.82 -27.73 24.42
C ALA C 294 -21.53 -28.68 25.38
N PHE C 295 -22.19 -29.67 24.82
CA PHE C 295 -22.61 -30.90 25.51
C PHE C 295 -21.59 -31.43 26.53
N GLN C 296 -22.14 -31.89 27.68
CA GLN C 296 -21.42 -32.47 28.79
C GLN C 296 -22.40 -33.46 29.39
N THR C 297 -21.94 -34.63 29.90
CA THR C 297 -22.79 -35.54 30.68
C THR C 297 -22.72 -35.24 32.20
N PHE C 298 -23.69 -35.75 32.93
CA PHE C 298 -23.67 -35.69 34.40
C PHE C 298 -22.80 -36.78 35.08
N SER C 299 -22.22 -36.43 36.23
CA SER C 299 -21.55 -37.42 37.08
C SER C 299 -22.54 -38.05 38.13
N GLU C 300 -22.16 -39.22 38.65
CA GLU C 300 -22.92 -39.89 39.70
C GLU C 300 -24.36 -40.18 39.27
N VAL C 301 -24.59 -40.22 37.96
CA VAL C 301 -25.86 -40.72 37.46
C VAL C 301 -25.83 -42.24 37.62
N GLU C 302 -26.59 -42.75 38.57
CA GLU C 302 -26.82 -44.18 38.62
C GLU C 302 -28.05 -44.33 37.76
N HIS C 303 -28.03 -45.35 36.90
CA HIS C 303 -29.09 -45.64 35.88
C HIS C 303 -29.15 -44.66 34.69
N GLY C 304 -28.43 -45.04 33.63
CA GLY C 304 -28.51 -44.40 32.31
C GLY C 304 -27.34 -43.49 32.02
N VAL C 305 -27.33 -42.89 30.83
CA VAL C 305 -26.43 -41.75 30.63
C VAL C 305 -27.21 -40.45 30.34
N LEU C 306 -27.08 -39.46 31.23
CA LEU C 306 -27.75 -38.15 31.09
C LEU C 306 -26.79 -37.03 30.66
N GLY C 307 -27.34 -36.04 29.95
CA GLY C 307 -26.56 -34.87 29.57
C GLY C 307 -27.38 -33.66 29.11
N LEU C 308 -26.70 -32.52 29.01
CA LEU C 308 -27.24 -31.37 28.28
C LEU C 308 -26.13 -30.54 27.70
N ALA C 309 -26.50 -29.58 26.86
CA ALA C 309 -25.52 -28.78 26.16
C ALA C 309 -25.92 -27.30 26.10
N TRP C 310 -25.14 -26.51 25.39
CA TRP C 310 -25.44 -25.08 25.23
C TRP C 310 -26.27 -24.88 23.96
N ALA C 311 -27.40 -24.17 24.10
CA ALA C 311 -28.48 -24.11 23.09
C ALA C 311 -28.43 -22.86 22.24
N SER C 312 -27.32 -22.70 21.54
CA SER C 312 -27.11 -21.63 20.61
C SER C 312 -25.86 -21.93 19.80
N ASN C 313 -25.53 -21.08 18.83
CA ASN C 313 -24.34 -21.25 18.01
C ASN C 313 -23.38 -20.05 18.12
N TRP C 314 -22.08 -20.31 18.14
CA TRP C 314 -21.11 -19.20 18.31
C TRP C 314 -21.18 -18.08 17.26
N GLN C 315 -21.72 -18.38 16.08
CA GLN C 315 -21.84 -17.37 15.03
C GLN C 315 -22.68 -16.16 15.41
N TYR C 316 -23.81 -16.36 16.07
CA TYR C 316 -24.71 -15.26 16.35
C TYR C 316 -25.16 -15.17 17.82
N ALA C 317 -24.66 -16.09 18.63
CA ALA C 317 -25.07 -16.22 20.04
C ALA C 317 -24.98 -15.00 20.90
N ASP C 318 -24.19 -13.99 20.55
CA ASP C 318 -24.17 -12.79 21.42
C ASP C 318 -24.96 -11.61 20.84
N GLN C 319 -25.60 -11.82 19.69
CA GLN C 319 -26.31 -10.74 19.00
C GLN C 319 -27.81 -10.94 18.95
N VAL C 320 -28.29 -12.12 19.35
CA VAL C 320 -29.74 -12.42 19.39
C VAL C 320 -30.53 -11.45 20.30
N PRO C 321 -31.82 -11.19 19.95
CA PRO C 321 -32.56 -10.07 20.54
C PRO C 321 -33.23 -10.45 21.81
N THR C 322 -32.44 -10.90 22.78
CA THR C 322 -32.93 -11.05 24.14
C THR C 322 -32.20 -10.10 25.13
N ASN C 323 -32.95 -9.62 26.12
CA ASN C 323 -32.40 -8.85 27.22
C ASN C 323 -33.20 -9.21 28.47
N PRO C 324 -32.58 -9.18 29.64
CA PRO C 324 -31.22 -8.88 30.04
C PRO C 324 -30.33 -10.15 30.30
N TRP C 325 -30.67 -11.27 29.66
CA TRP C 325 -29.81 -12.44 29.63
C TRP C 325 -29.53 -12.79 28.14
N ARG C 326 -28.72 -13.83 27.92
CA ARG C 326 -28.57 -14.49 26.64
C ARG C 326 -28.06 -15.89 26.86
N SER C 327 -28.71 -16.81 26.12
CA SER C 327 -28.45 -18.25 26.08
C SER C 327 -29.29 -19.04 27.04
N SER C 328 -29.62 -20.25 26.62
CA SER C 328 -30.27 -21.23 27.44
C SER C 328 -29.52 -22.55 27.23
N THR C 329 -29.91 -23.58 28.00
CA THR C 329 -29.38 -24.91 27.85
C THR C 329 -30.45 -25.66 27.14
N SER C 330 -30.10 -26.82 26.59
CA SER C 330 -31.11 -27.68 26.03
C SER C 330 -31.71 -28.35 27.26
N LEU C 331 -32.87 -29.00 27.12
CA LEU C 331 -33.32 -29.92 28.17
C LEU C 331 -32.28 -31.02 28.42
N ALA C 332 -32.31 -31.64 29.60
CA ALA C 332 -31.50 -32.82 29.89
C ALA C 332 -31.93 -33.89 28.93
N ARG C 333 -31.01 -34.78 28.56
CA ARG C 333 -31.37 -35.84 27.65
C ARG C 333 -30.76 -37.17 28.08
N ASN C 334 -31.54 -38.23 27.87
CA ASN C 334 -31.16 -39.59 28.23
C ASN C 334 -30.67 -40.31 26.98
N TYR C 335 -29.51 -40.98 27.12
CA TYR C 335 -28.72 -41.51 26.00
C TYR C 335 -28.43 -43.02 26.11
N THR C 336 -28.61 -43.69 24.97
CA THR C 336 -28.45 -45.12 24.85
C THR C 336 -27.99 -45.39 23.43
N LEU C 337 -27.41 -46.56 23.19
CA LEU C 337 -27.06 -46.98 21.84
C LEU C 337 -28.06 -47.98 21.29
N ARG C 338 -28.38 -47.87 20.00
CA ARG C 338 -29.42 -48.68 19.38
C ARG C 338 -28.99 -49.02 17.96
N TYR C 339 -29.31 -50.25 17.55
CA TYR C 339 -29.16 -50.71 16.20
C TYR C 339 -30.33 -50.23 15.32
N VAL C 340 -30.01 -49.35 14.37
CA VAL C 340 -30.99 -48.72 13.48
C VAL C 340 -30.58 -48.84 12.01
N HIS C 341 -31.57 -48.86 11.10
CA HIS C 341 -31.29 -48.87 9.68
C HIS C 341 -30.82 -47.46 9.29
N THR C 342 -29.68 -47.35 8.61
CA THR C 342 -29.31 -46.05 8.05
C THR C 342 -29.68 -46.01 6.59
N ASN C 343 -29.51 -47.16 5.94
CA ASN C 343 -30.21 -47.44 4.68
C ASN C 343 -31.16 -48.64 4.83
N ALA C 344 -31.80 -49.08 3.75
CA ALA C 344 -32.69 -50.26 3.82
C ALA C 344 -31.99 -51.60 4.16
N GLU C 345 -30.70 -51.70 3.82
CA GLU C 345 -29.92 -52.93 4.08
C GLU C 345 -29.28 -52.99 5.45
N THR C 346 -28.62 -51.91 5.86
CA THR C 346 -27.66 -51.97 6.95
C THR C 346 -28.11 -51.17 8.18
N LYS C 347 -28.17 -51.89 9.30
CA LYS C 347 -28.31 -51.32 10.62
C LYS C 347 -26.92 -50.91 11.15
N GLN C 348 -26.89 -49.87 11.99
CA GLN C 348 -25.66 -49.31 12.57
C GLN C 348 -25.90 -48.88 14.03
N LEU C 349 -24.96 -49.21 14.92
CA LEU C 349 -25.09 -48.85 16.33
C LEU C 349 -25.02 -47.34 16.45
N THR C 350 -26.02 -46.75 17.12
CA THR C 350 -26.33 -45.33 16.96
C THR C 350 -26.71 -44.59 18.27
N LEU C 351 -26.07 -43.43 18.49
CA LEU C 351 -26.46 -42.52 19.56
C LEU C 351 -27.91 -42.08 19.38
N ILE C 352 -28.72 -42.58 20.28
CA ILE C 352 -30.10 -42.17 20.44
C ILE C 352 -30.18 -41.36 21.73
N GLN C 353 -31.16 -40.47 21.78
CA GLN C 353 -31.32 -39.51 22.86
C GLN C 353 -32.77 -39.02 22.86
N ASN C 354 -33.36 -38.95 24.06
CA ASN C 354 -34.73 -38.57 24.27
C ASN C 354 -34.80 -37.68 25.47
N PRO C 355 -35.78 -36.75 25.46
CA PRO C 355 -35.84 -35.62 26.38
C PRO C 355 -36.36 -36.00 27.75
N VAL C 356 -35.75 -35.40 28.75
CA VAL C 356 -36.16 -35.56 30.11
C VAL C 356 -37.30 -34.58 30.39
N LEU C 357 -38.50 -35.13 30.47
CA LEU C 357 -39.66 -34.45 31.03
C LEU C 357 -40.27 -35.36 32.08
N PRO C 358 -40.33 -34.87 33.34
CA PRO C 358 -41.01 -35.65 34.37
C PRO C 358 -42.45 -35.25 34.48
N ASP C 359 -43.26 -36.15 35.01
CA ASP C 359 -44.69 -35.88 35.32
C ASP C 359 -44.97 -34.54 36.02
N SER C 360 -43.94 -33.97 36.65
CA SER C 360 -44.06 -32.80 37.48
C SER C 360 -44.38 -31.52 36.68
N ILE C 361 -44.63 -31.69 35.39
CA ILE C 361 -44.98 -30.58 34.49
C ILE C 361 -46.46 -30.56 34.32
N ASN C 362 -47.01 -29.37 34.52
CA ASN C 362 -48.41 -29.08 34.32
C ASN C 362 -48.84 -29.17 32.87
N VAL C 363 -49.58 -30.21 32.53
CA VAL C 363 -50.40 -30.13 31.32
C VAL C 363 -51.52 -29.10 31.57
N VAL C 364 -51.40 -27.89 31.02
CA VAL C 364 -52.52 -26.95 31.12
C VAL C 364 -53.71 -27.44 30.28
N ASP C 365 -53.54 -27.55 28.96
CA ASP C 365 -54.51 -28.18 28.09
C ASP C 365 -53.81 -29.18 27.14
N LYS C 366 -54.59 -29.90 26.35
CA LYS C 366 -54.02 -30.70 25.28
C LYS C 366 -55.02 -31.06 24.19
N LEU C 367 -54.47 -31.56 23.09
CA LEU C 367 -55.25 -32.03 21.98
C LEU C 367 -54.70 -33.42 21.74
N LYS C 368 -55.61 -34.37 21.66
CA LYS C 368 -55.28 -35.75 21.39
C LYS C 368 -56.08 -36.31 20.20
N LYS C 369 -55.40 -36.98 19.28
CA LYS C 369 -56.07 -37.57 18.13
C LYS C 369 -55.46 -38.91 17.73
N LYS C 370 -56.22 -39.67 16.95
CA LYS C 370 -55.98 -41.08 16.79
C LYS C 370 -56.45 -41.48 15.39
N ASN C 371 -55.77 -42.46 14.78
CA ASN C 371 -55.94 -42.82 13.36
C ASN C 371 -56.60 -41.75 12.45
N VAL C 372 -55.91 -40.64 12.16
CA VAL C 372 -56.48 -39.59 11.29
C VAL C 372 -55.77 -39.46 9.94
N LYS C 373 -56.55 -39.54 8.87
CA LYS C 373 -56.02 -39.26 7.55
C LYS C 373 -55.96 -37.72 7.42
N LEU C 374 -54.81 -37.20 6.96
CA LEU C 374 -54.58 -35.77 6.70
C LEU C 374 -54.88 -35.40 5.25
N THR C 375 -55.68 -34.34 5.08
CA THR C 375 -55.94 -33.73 3.80
C THR C 375 -56.07 -32.22 4.03
N ASN C 376 -56.10 -31.43 2.94
CA ASN C 376 -56.27 -29.97 3.03
C ASN C 376 -57.56 -29.53 3.68
N LYS C 377 -58.53 -30.45 3.73
CA LYS C 377 -59.82 -30.16 4.32
C LYS C 377 -59.92 -30.65 5.75
N LYS C 378 -58.90 -31.37 6.19
CA LYS C 378 -58.89 -31.90 7.56
C LYS C 378 -57.64 -31.47 8.31
N PRO C 379 -57.42 -30.14 8.49
CA PRO C 379 -56.24 -29.74 9.28
C PRO C 379 -56.43 -30.12 10.77
N ILE C 380 -55.32 -30.45 11.43
CA ILE C 380 -55.27 -30.54 12.90
C ILE C 380 -54.99 -29.13 13.47
N LYS C 381 -55.85 -28.64 14.37
CA LYS C 381 -55.79 -27.25 14.85
C LYS C 381 -56.03 -27.12 16.34
N THR C 382 -54.93 -26.93 17.05
CA THR C 382 -54.94 -26.44 18.42
C THR C 382 -55.90 -25.31 18.63
N ASN C 383 -56.73 -25.46 19.66
CA ASN C 383 -57.71 -24.46 20.07
C ASN C 383 -57.68 -24.29 21.60
N PHE C 384 -56.57 -23.80 22.14
CA PHE C 384 -56.41 -23.66 23.59
C PHE C 384 -56.92 -22.34 24.13
N LYS C 385 -57.17 -22.31 25.43
CA LYS C 385 -57.72 -21.15 26.09
C LYS C 385 -56.83 -19.91 25.86
N GLY C 386 -55.59 -19.96 26.36
CA GLY C 386 -54.58 -18.91 26.13
C GLY C 386 -53.29 -19.63 25.78
N SER C 387 -52.13 -19.00 26.04
CA SER C 387 -50.80 -19.65 25.84
C SER C 387 -49.81 -19.42 26.98
N THR C 388 -48.92 -20.40 27.16
CA THR C 388 -47.76 -20.31 28.06
C THR C 388 -46.45 -20.06 27.30
N GLY C 389 -46.41 -20.48 26.04
CA GLY C 389 -45.23 -20.31 25.22
C GLY C 389 -44.46 -21.62 25.21
N LEU C 390 -44.97 -22.61 25.91
CA LEU C 390 -44.31 -23.89 25.98
C LEU C 390 -45.23 -24.97 25.44
N PHE C 391 -44.96 -25.41 24.22
CA PHE C 391 -45.73 -26.52 23.68
C PHE C 391 -44.86 -27.78 23.43
N ASP C 392 -45.53 -28.92 23.24
CA ASP C 392 -44.86 -30.10 22.67
C ASP C 392 -45.87 -30.80 21.76
N PHE C 393 -45.42 -31.91 21.14
CA PHE C 393 -46.17 -32.62 20.11
C PHE C 393 -45.50 -33.90 19.72
N ASN C 394 -46.23 -35.00 19.94
CA ASN C 394 -45.76 -36.38 19.82
C ASN C 394 -46.59 -37.12 18.77
N ILE C 395 -46.07 -37.17 17.54
CA ILE C 395 -46.74 -37.80 16.37
C ILE C 395 -46.14 -39.14 15.88
N THR C 396 -47.01 -40.12 15.63
CA THR C 396 -46.65 -41.31 14.85
C THR C 396 -47.54 -41.35 13.60
N PHE C 397 -46.90 -41.54 12.43
CA PHE C 397 -47.56 -41.64 11.13
C PHE C 397 -47.05 -42.78 10.19
N LYS C 398 -47.91 -43.17 9.23
CA LYS C 398 -47.57 -44.03 8.11
C LYS C 398 -47.67 -43.21 6.86
N VAL C 399 -46.80 -43.51 5.89
CA VAL C 399 -46.90 -42.93 4.53
C VAL C 399 -47.66 -43.93 3.65
N LEU C 400 -48.81 -43.47 3.16
CA LEU C 400 -49.73 -44.31 2.38
C LEU C 400 -49.33 -44.35 0.89
N ASN C 401 -50.02 -45.22 0.13
CA ASN C 401 -49.82 -45.30 -1.32
C ASN C 401 -50.77 -44.41 -2.09
N LEU C 402 -50.18 -43.34 -2.59
CA LEU C 402 -50.88 -42.32 -3.30
C LEU C 402 -49.85 -41.56 -4.13
N ASN C 403 -49.98 -41.64 -5.45
CA ASN C 403 -49.31 -40.69 -6.32
C ASN C 403 -49.96 -39.31 -6.15
N VAL C 404 -49.13 -38.30 -5.87
CA VAL C 404 -49.54 -36.89 -6.02
C VAL C 404 -48.40 -36.04 -6.57
N SER C 405 -48.70 -34.84 -7.09
CA SER C 405 -47.72 -33.95 -7.74
C SER C 405 -46.58 -33.59 -6.80
N PRO C 406 -45.30 -33.81 -7.21
CA PRO C 406 -44.06 -33.67 -6.40
C PRO C 406 -44.03 -32.47 -5.46
N GLY C 407 -44.75 -31.41 -5.79
CA GLY C 407 -44.80 -30.21 -4.95
C GLY C 407 -45.45 -30.45 -3.60
N LYS C 408 -46.18 -31.57 -3.52
CA LYS C 408 -47.18 -31.77 -2.49
C LYS C 408 -46.93 -32.98 -1.59
N THR C 409 -45.75 -33.58 -1.73
CA THR C 409 -45.39 -34.85 -1.10
C THR C 409 -44.98 -34.67 0.38
N HIS C 410 -45.62 -33.71 1.03
CA HIS C 410 -45.25 -33.35 2.39
C HIS C 410 -46.47 -32.94 3.24
N PHE C 411 -46.26 -32.87 4.56
CA PHE C 411 -47.06 -32.11 5.53
C PHE C 411 -46.17 -31.25 6.43
N ASP C 412 -46.79 -30.36 7.19
CA ASP C 412 -46.06 -29.37 7.96
C ASP C 412 -46.80 -29.07 9.21
N ILE C 413 -46.05 -29.00 10.30
CA ILE C 413 -46.55 -28.56 11.57
C ILE C 413 -46.19 -27.09 11.59
N LEU C 414 -47.16 -26.27 11.97
CA LEU C 414 -47.01 -24.82 11.91
C LEU C 414 -47.12 -24.21 13.31
N ILE C 415 -46.15 -23.38 13.69
CA ILE C 415 -46.07 -22.89 15.06
C ILE C 415 -46.28 -21.40 15.06
N ASN C 416 -47.52 -20.99 15.26
CA ASN C 416 -47.89 -19.62 15.00
C ASN C 416 -47.85 -18.75 16.22
N SER C 417 -47.30 -17.56 16.05
CA SER C 417 -47.47 -16.50 17.06
C SER C 417 -48.94 -16.09 17.13
N GLN C 418 -49.28 -15.34 18.17
CA GLN C 418 -50.55 -14.59 18.24
C GLN C 418 -50.50 -13.46 17.21
N GLU C 419 -51.67 -12.94 16.85
CA GLU C 419 -51.68 -11.78 15.97
C GLU C 419 -51.25 -10.57 16.77
N LEU C 420 -50.32 -9.79 16.22
CA LEU C 420 -49.86 -8.51 16.84
C LEU C 420 -50.08 -7.21 16.02
N ASN C 421 -49.03 -6.64 15.40
CA ASN C 421 -49.28 -5.54 14.46
C ASN C 421 -50.04 -6.15 13.28
N SER C 422 -51.14 -6.86 13.55
CA SER C 422 -51.81 -7.72 12.56
C SER C 422 -50.84 -8.57 11.71
N SER C 423 -50.07 -9.43 12.37
CA SER C 423 -49.03 -10.18 11.69
C SER C 423 -48.81 -11.46 12.46
N VAL C 424 -48.70 -12.56 11.75
CA VAL C 424 -48.49 -13.79 12.47
C VAL C 424 -47.11 -14.35 12.08
N ASP C 425 -46.27 -14.44 13.09
CA ASP C 425 -44.98 -15.10 12.98
C ASP C 425 -45.16 -16.59 13.22
N SER C 426 -44.49 -17.40 12.40
CA SER C 426 -44.54 -18.85 12.55
C SER C 426 -43.25 -19.56 12.13
N ILE C 427 -42.93 -20.66 12.79
CA ILE C 427 -41.91 -21.52 12.27
C ILE C 427 -42.59 -22.77 11.67
N LYS C 428 -41.84 -23.68 11.06
CA LYS C 428 -42.45 -24.77 10.31
C LYS C 428 -41.63 -26.05 10.37
N ILE C 429 -42.23 -27.10 10.92
CA ILE C 429 -41.59 -28.41 10.95
C ILE C 429 -42.41 -29.30 10.02
N GLY C 430 -41.73 -29.95 9.06
CA GLY C 430 -42.43 -30.68 8.02
C GLY C 430 -41.79 -32.02 7.72
N PHE C 431 -42.47 -32.80 6.88
CA PHE C 431 -41.93 -34.07 6.39
C PHE C 431 -42.27 -34.25 4.92
N ASP C 432 -41.26 -34.70 4.14
CA ASP C 432 -41.48 -34.97 2.72
C ASP C 432 -41.32 -36.43 2.43
N SER C 433 -42.34 -36.98 1.79
CA SER C 433 -42.38 -38.42 1.58
C SER C 433 -41.42 -38.81 0.48
N SER C 434 -41.21 -37.90 -0.47
CA SER C 434 -40.34 -38.19 -1.60
C SER C 434 -38.87 -38.20 -1.19
N GLN C 435 -38.59 -37.78 0.04
CA GLN C 435 -37.20 -37.53 0.52
C GLN C 435 -36.80 -38.35 1.74
N SER C 436 -37.83 -38.93 2.38
CA SER C 436 -37.73 -39.66 3.63
C SER C 436 -37.01 -38.78 4.65
N SER C 437 -37.25 -37.47 4.55
CA SER C 437 -36.52 -36.52 5.31
C SER C 437 -37.42 -35.46 5.88
N PHE C 438 -37.07 -35.07 7.10
CA PHE C 438 -37.79 -34.08 7.88
C PHE C 438 -37.07 -32.78 7.65
N TYR C 439 -37.72 -31.68 8.04
CA TYR C 439 -37.17 -30.37 7.80
C TYR C 439 -37.73 -29.30 8.73
N ILE C 440 -37.04 -28.17 8.76
CA ILE C 440 -37.46 -27.08 9.58
C ILE C 440 -37.22 -25.82 8.80
N ASP C 441 -38.19 -24.92 8.77
CA ASP C 441 -37.92 -23.57 8.29
C ASP C 441 -38.30 -22.54 9.37
N ARG C 442 -37.26 -22.10 10.07
CA ARG C 442 -37.41 -21.15 11.16
C ARG C 442 -37.30 -19.69 10.77
N HIS C 443 -37.27 -19.40 9.48
CA HIS C 443 -37.29 -18.00 9.04
C HIS C 443 -38.48 -17.23 9.62
N ILE C 444 -38.22 -16.08 10.19
CA ILE C 444 -39.27 -15.17 10.54
C ILE C 444 -39.00 -13.82 9.83
N PRO C 445 -40.05 -13.14 9.35
CA PRO C 445 -39.75 -11.88 8.64
C PRO C 445 -39.68 -10.72 9.60
N ASN C 446 -38.89 -9.71 9.24
CA ASN C 446 -38.90 -8.41 9.94
C ASN C 446 -38.25 -8.48 11.30
N VAL C 447 -37.54 -9.57 11.57
CA VAL C 447 -36.73 -9.59 12.79
C VAL C 447 -35.33 -9.37 12.27
N GLU C 448 -34.62 -8.39 12.84
CA GLU C 448 -33.32 -7.99 12.33
C GLU C 448 -32.25 -7.75 13.40
N PHE C 449 -31.33 -8.70 13.51
CA PHE C 449 -30.27 -8.59 14.49
C PHE C 449 -28.91 -8.87 13.85
N PRO C 450 -27.82 -8.32 14.39
CA PRO C 450 -26.51 -8.52 13.77
C PRO C 450 -26.11 -10.01 13.58
N ARG C 451 -25.49 -10.31 12.44
CA ARG C 451 -25.05 -11.68 12.06
C ARG C 451 -26.13 -12.69 11.62
N LYS C 452 -27.32 -12.16 11.32
CA LYS C 452 -28.44 -12.90 10.78
C LYS C 452 -28.11 -13.45 9.39
N GLN C 453 -26.87 -13.26 8.96
CA GLN C 453 -26.35 -13.89 7.74
C GLN C 453 -26.02 -15.34 8.02
N PHE C 454 -25.36 -15.61 9.15
CA PHE C 454 -25.01 -16.99 9.45
C PHE C 454 -26.15 -17.72 10.15
N PHE C 455 -27.31 -17.06 10.26
CA PHE C 455 -28.46 -17.64 10.96
C PHE C 455 -29.35 -18.45 10.02
N THR C 456 -28.85 -19.61 9.53
CA THR C 456 -29.61 -20.53 8.65
C THR C 456 -31.10 -20.72 9.04
N ASP C 457 -31.98 -20.51 8.07
CA ASP C 457 -33.40 -20.75 8.27
C ASP C 457 -33.90 -22.13 7.89
N LYS C 458 -33.26 -22.79 6.93
CA LYS C 458 -33.73 -24.09 6.45
C LYS C 458 -32.79 -25.25 6.80
N LEU C 459 -33.30 -26.25 7.55
CA LEU C 459 -32.49 -27.42 7.85
C LEU C 459 -33.30 -28.70 7.64
N ALA C 460 -32.62 -29.81 7.36
CA ALA C 460 -33.27 -31.10 7.14
C ALA C 460 -32.48 -32.24 7.73
N ALA C 461 -33.17 -33.37 7.92
CA ALA C 461 -32.57 -34.63 8.36
C ALA C 461 -33.18 -35.85 7.64
N TYR C 462 -32.31 -36.75 7.17
CA TYR C 462 -32.77 -37.95 6.49
C TYR C 462 -32.87 -39.15 7.45
N LEU C 463 -34.06 -39.76 7.57
CA LEU C 463 -34.23 -40.95 8.39
C LEU C 463 -34.91 -42.03 7.60
N GLU C 464 -34.46 -43.27 7.79
CA GLU C 464 -35.17 -44.45 7.29
C GLU C 464 -36.47 -44.62 8.10
N PRO C 465 -37.42 -45.43 7.61
CA PRO C 465 -38.58 -45.82 8.40
C PRO C 465 -38.25 -46.31 9.83
N LEU C 466 -38.98 -45.83 10.82
CA LEU C 466 -38.89 -46.40 12.18
C LEU C 466 -39.28 -47.87 12.11
N ASP C 467 -40.28 -48.11 11.27
CA ASP C 467 -40.94 -49.39 11.22
C ASP C 467 -41.78 -49.48 9.95
N TYR C 468 -42.23 -50.70 9.62
CA TYR C 468 -43.23 -50.92 8.57
C TYR C 468 -44.50 -51.52 9.13
N ASP C 469 -45.62 -51.15 8.52
CA ASP C 469 -46.92 -51.74 8.78
C ASP C 469 -47.42 -52.28 7.46
N GLN C 470 -47.18 -53.58 7.28
CA GLN C 470 -47.33 -54.26 5.99
C GLN C 470 -46.26 -53.72 5.05
N ASP C 471 -46.65 -52.88 4.08
CA ASP C 471 -45.67 -52.33 3.14
C ASP C 471 -45.48 -50.83 3.28
N LEU C 472 -46.46 -50.17 3.89
CA LEU C 472 -46.38 -48.75 4.13
C LEU C 472 -45.35 -48.47 5.22
N ARG C 473 -44.75 -47.28 5.24
CA ARG C 473 -43.68 -47.02 6.20
C ARG C 473 -44.16 -46.17 7.38
N VAL C 474 -43.46 -46.28 8.49
CA VAL C 474 -43.81 -45.56 9.70
C VAL C 474 -42.67 -44.62 10.19
N PHE C 475 -43.05 -43.41 10.57
CA PHE C 475 -42.10 -42.44 11.10
C PHE C 475 -42.73 -41.83 12.33
N SER C 476 -41.91 -41.37 13.28
CA SER C 476 -42.40 -40.73 14.50
C SER C 476 -41.60 -39.53 14.87
N LEU C 477 -42.31 -38.51 15.34
CA LEU C 477 -41.71 -37.24 15.62
C LEU C 477 -42.26 -36.68 16.95
N TYR C 478 -41.35 -36.38 17.89
CA TYR C 478 -41.66 -35.59 19.08
C TYR C 478 -40.89 -34.29 19.10
N GLY C 479 -41.60 -33.19 19.29
CA GLY C 479 -40.94 -31.90 19.45
C GLY C 479 -41.45 -31.07 20.61
N ILE C 480 -40.53 -30.32 21.23
CA ILE C 480 -40.87 -29.40 22.33
C ILE C 480 -40.41 -27.97 22.05
N VAL C 481 -41.37 -27.03 22.09
CA VAL C 481 -41.17 -25.60 21.78
C VAL C 481 -41.31 -24.77 23.07
N ASP C 482 -40.30 -23.95 23.36
CA ASP C 482 -40.23 -23.22 24.62
C ASP C 482 -39.78 -21.79 24.34
N LYS C 483 -40.78 -20.97 24.02
CA LYS C 483 -40.64 -19.53 23.83
C LYS C 483 -39.56 -19.03 22.85
N ASN C 484 -38.35 -19.56 22.89
CA ASN C 484 -37.33 -19.16 21.90
C ASN C 484 -36.43 -20.31 21.46
N ILE C 485 -36.79 -21.52 21.86
CA ILE C 485 -36.09 -22.73 21.43
C ILE C 485 -37.07 -23.84 21.02
N ILE C 486 -36.81 -24.51 19.89
CA ILE C 486 -37.51 -25.77 19.56
C ILE C 486 -36.54 -26.98 19.51
N GLU C 487 -36.86 -28.12 20.15
CA GLU C 487 -36.04 -29.41 20.00
C GLU C 487 -36.76 -30.62 19.36
N LEU C 488 -36.26 -31.13 18.23
CA LEU C 488 -36.88 -32.29 17.60
C LEU C 488 -36.15 -33.68 17.73
N TYR C 489 -36.97 -34.71 17.98
CA TYR C 489 -36.51 -36.09 18.12
C TYR C 489 -37.28 -36.90 17.11
N PHE C 490 -36.56 -37.37 16.08
CA PHE C 490 -37.11 -38.19 14.98
C PHE C 490 -36.93 -39.69 15.25
N ASN C 491 -38.00 -40.45 15.02
CA ASN C 491 -37.96 -41.91 15.25
C ASN C 491 -37.30 -42.31 16.56
N ASP C 492 -38.04 -42.13 17.67
CA ASP C 492 -37.58 -42.36 19.07
C ASP C 492 -36.16 -41.87 19.39
N GLY C 493 -35.95 -40.57 19.17
CA GLY C 493 -34.63 -39.96 19.28
C GLY C 493 -33.51 -40.65 18.51
N THR C 494 -33.76 -41.03 17.25
CA THR C 494 -32.73 -41.62 16.36
C THR C 494 -31.87 -40.51 15.80
N VAL C 495 -32.49 -39.36 15.55
CA VAL C 495 -31.74 -38.13 15.37
C VAL C 495 -32.44 -36.98 16.11
N ALA C 496 -31.66 -36.00 16.55
CA ALA C 496 -32.12 -34.86 17.30
C ALA C 496 -31.66 -33.56 16.64
N MET C 497 -32.56 -32.56 16.65
CA MET C 497 -32.34 -31.26 16.02
C MET C 497 -32.85 -30.07 16.86
N THR C 498 -31.89 -29.29 17.36
CA THR C 498 -32.12 -28.23 18.33
C THR C 498 -31.82 -26.86 17.71
N ASN C 499 -32.79 -25.94 17.77
CA ASN C 499 -32.65 -24.68 17.05
C ASN C 499 -33.39 -23.54 17.76
N THR C 500 -32.70 -22.46 18.10
CA THR C 500 -33.41 -21.28 18.65
C THR C 500 -34.24 -20.66 17.52
N PHE C 501 -35.27 -19.92 17.86
CA PHE C 501 -35.96 -19.07 16.87
C PHE C 501 -36.21 -17.69 17.51
N PHE C 502 -36.48 -16.66 16.71
CA PHE C 502 -36.82 -15.33 17.28
C PHE C 502 -37.93 -14.69 16.52
N MET C 503 -39.05 -14.59 17.18
CA MET C 503 -40.23 -13.92 16.68
C MET C 503 -40.10 -12.45 16.98
N GLY C 504 -40.84 -11.63 16.24
CA GLY C 504 -40.91 -10.19 16.51
C GLY C 504 -41.29 -9.89 17.94
N GLU C 505 -40.76 -8.77 18.43
CA GLU C 505 -41.02 -8.21 19.78
C GLU C 505 -42.49 -8.35 20.15
N GLY C 506 -42.74 -8.78 21.39
CA GLY C 506 -44.11 -9.00 21.87
C GLY C 506 -44.72 -10.36 21.59
N LYS C 507 -44.24 -11.05 20.54
CA LYS C 507 -44.93 -12.25 20.00
C LYS C 507 -44.38 -13.60 20.49
N TYR C 508 -45.27 -14.58 20.69
CA TYR C 508 -44.89 -15.93 21.17
C TYR C 508 -45.84 -17.07 20.79
N PRO C 509 -45.32 -18.32 20.71
CA PRO C 509 -46.19 -19.42 20.25
C PRO C 509 -47.55 -19.44 20.94
N HIS C 510 -48.61 -19.56 20.14
CA HIS C 510 -50.00 -19.69 20.63
C HIS C 510 -50.64 -20.99 20.27
N ASP C 511 -50.54 -21.34 18.99
CA ASP C 511 -51.28 -22.49 18.47
C ASP C 511 -50.43 -23.27 17.48
N ILE C 512 -50.90 -24.48 17.20
CA ILE C 512 -50.14 -25.44 16.42
C ILE C 512 -51.08 -26.13 15.45
N GLN C 513 -50.69 -26.09 14.20
CA GLN C 513 -51.49 -26.66 13.16
C GLN C 513 -50.68 -27.77 12.53
N ILE C 514 -51.39 -28.75 12.02
CA ILE C 514 -50.79 -29.63 11.05
C ILE C 514 -51.66 -29.55 9.83
N VAL C 515 -51.02 -29.28 8.71
CA VAL C 515 -51.72 -29.18 7.47
C VAL C 515 -50.93 -29.96 6.42
N THR C 516 -51.61 -30.22 5.30
CA THR C 516 -50.99 -30.51 4.00
C THR C 516 -51.79 -29.87 2.86
N ASP C 517 -51.21 -29.82 1.67
CA ASP C 517 -51.98 -29.43 0.48
C ASP C 517 -52.71 -30.61 -0.22
N THR C 518 -52.43 -31.87 0.15
CA THR C 518 -53.07 -33.03 -0.53
C THR C 518 -54.60 -33.16 -0.31
N GLU C 519 -55.29 -33.57 -1.39
CA GLU C 519 -56.75 -33.72 -1.42
C GLU C 519 -57.18 -35.03 -0.78
N GLU C 520 -56.39 -36.05 -0.99
CA GLU C 520 -56.64 -37.38 -0.47
C GLU C 520 -55.47 -37.73 0.44
N PRO C 521 -55.57 -38.82 1.20
CA PRO C 521 -54.57 -38.99 2.24
C PRO C 521 -53.28 -39.57 1.71
N LEU C 522 -52.18 -38.88 2.01
CA LEU C 522 -50.85 -39.44 1.88
C LEU C 522 -50.36 -39.88 3.26
N PHE C 523 -50.83 -39.16 4.28
CA PHE C 523 -50.43 -39.48 5.65
C PHE C 523 -51.60 -39.88 6.55
N GLU C 524 -51.45 -41.03 7.20
CA GLU C 524 -52.34 -41.36 8.29
C GLU C 524 -51.56 -41.04 9.56
N LEU C 525 -52.18 -40.26 10.44
CA LEU C 525 -51.57 -39.93 11.71
C LEU C 525 -52.19 -40.88 12.73
N GLU C 526 -51.39 -41.85 13.16
CA GLU C 526 -51.88 -42.92 14.03
C GLU C 526 -52.20 -42.42 15.42
N SER C 527 -51.68 -41.23 15.72
CA SER C 527 -51.51 -40.76 17.09
C SER C 527 -50.90 -39.34 17.09
N VAL C 528 -51.56 -38.43 17.79
CA VAL C 528 -51.18 -37.03 17.86
C VAL C 528 -51.45 -36.54 19.28
N ILE C 529 -50.47 -35.90 19.90
CA ILE C 529 -50.67 -35.33 21.22
C ILE C 529 -49.99 -34.00 21.23
N ILE C 530 -50.77 -32.93 21.17
CA ILE C 530 -50.22 -31.59 21.33
C ILE C 530 -50.58 -31.11 22.72
N ARG C 531 -49.56 -30.95 23.56
CA ARG C 531 -49.79 -30.53 24.93
C ARG C 531 -49.30 -29.09 25.12
N GLU C 532 -50.17 -28.22 25.62
CA GLU C 532 -49.75 -26.98 26.25
C GLU C 532 -49.21 -27.35 27.61
N LEU C 533 -48.06 -26.79 27.98
CA LEU C 533 -47.37 -27.16 29.22
C LEU C 533 -46.94 -25.98 30.06
N ASN C 534 -46.65 -26.24 31.36
CA ASN C 534 -46.49 -25.20 32.43
C ASN C 534 -45.56 -25.54 33.62
N LYS C 535 -44.98 -24.51 34.23
CA LYS C 535 -44.00 -24.65 35.34
C LYS C 535 -44.51 -25.44 36.57
N SER D 24 -41.35 -37.33 -21.60
CA SER D 24 -41.44 -36.88 -23.02
C SER D 24 -42.42 -35.73 -23.18
N ILE D 25 -42.27 -34.75 -22.28
CA ILE D 25 -42.90 -33.44 -22.45
C ILE D 25 -41.76 -32.43 -22.62
N ASP D 26 -41.89 -31.47 -23.54
CA ASP D 26 -40.86 -30.41 -23.67
C ASP D 26 -41.43 -29.04 -24.06
N LEU D 27 -42.50 -29.05 -24.83
CA LEU D 27 -43.33 -27.87 -25.16
C LEU D 27 -42.60 -26.57 -25.61
N SER D 28 -43.34 -25.45 -25.54
CA SER D 28 -42.89 -24.14 -26.01
C SER D 28 -41.79 -23.61 -25.12
N VAL D 29 -42.17 -23.19 -23.91
CA VAL D 29 -41.30 -22.36 -23.08
C VAL D 29 -39.89 -22.92 -22.95
N ASP D 30 -38.95 -22.11 -23.39
CA ASP D 30 -37.54 -22.38 -23.21
C ASP D 30 -36.94 -21.28 -22.35
N THR D 31 -36.17 -21.67 -21.34
CA THR D 31 -35.67 -20.73 -20.33
C THR D 31 -34.31 -20.11 -20.69
N SER D 32 -33.52 -20.85 -21.48
CA SER D 32 -32.18 -20.44 -21.95
C SER D 32 -31.92 -18.92 -21.97
N GLU D 33 -32.86 -18.18 -22.58
CA GLU D 33 -32.94 -16.71 -22.53
C GLU D 33 -32.42 -16.06 -21.22
N TYR D 34 -32.78 -16.65 -20.07
CA TYR D 34 -32.24 -16.23 -18.78
C TYR D 34 -31.44 -17.29 -17.99
N ASN D 35 -31.73 -18.57 -18.24
CA ASN D 35 -31.26 -19.64 -17.37
C ASN D 35 -30.00 -20.31 -17.82
N ARG D 36 -29.88 -20.51 -19.13
CA ARG D 36 -28.84 -21.43 -19.62
C ARG D 36 -27.45 -20.79 -19.56
N PRO D 37 -26.55 -21.46 -18.78
CA PRO D 37 -25.12 -21.14 -18.68
C PRO D 37 -24.52 -21.20 -20.05
N LEU D 38 -23.47 -20.40 -20.31
CA LEU D 38 -22.79 -20.38 -21.61
C LEU D 38 -21.50 -21.19 -21.59
N ILE D 39 -20.89 -21.30 -20.40
CA ILE D 39 -19.62 -22.03 -20.24
C ILE D 39 -19.68 -23.29 -19.35
N HIS D 40 -20.83 -23.52 -18.71
CA HIS D 40 -21.06 -24.77 -17.97
C HIS D 40 -21.77 -25.76 -18.87
N PHE D 41 -21.28 -26.99 -18.98
CA PHE D 41 -21.94 -27.95 -19.88
C PHE D 41 -23.38 -28.31 -19.51
N THR D 42 -24.22 -28.42 -20.53
CA THR D 42 -25.65 -28.54 -20.41
C THR D 42 -26.14 -29.37 -21.59
N PRO D 43 -26.94 -30.42 -21.36
CA PRO D 43 -27.50 -31.04 -22.56
C PRO D 43 -28.53 -30.14 -23.24
N GLU D 44 -28.67 -30.27 -24.56
CA GLU D 44 -29.64 -29.45 -25.29
C GLU D 44 -31.08 -29.70 -24.80
N LYS D 45 -31.45 -30.99 -24.67
CA LYS D 45 -32.70 -31.41 -23.99
C LYS D 45 -32.61 -32.59 -22.99
N GLY D 46 -33.56 -32.63 -22.04
CA GLY D 46 -33.71 -33.74 -21.10
C GLY D 46 -32.85 -33.67 -19.84
N TRP D 47 -32.51 -34.85 -19.31
CA TRP D 47 -31.94 -35.00 -17.96
C TRP D 47 -30.55 -35.58 -17.87
N MET D 48 -29.66 -34.88 -17.15
CA MET D 48 -28.27 -35.28 -16.96
C MET D 48 -27.95 -35.26 -15.51
N ASN D 49 -27.32 -36.34 -15.02
CA ASN D 49 -26.68 -36.27 -13.72
C ASN D 49 -25.20 -36.57 -13.80
N ASP D 50 -24.75 -37.59 -13.09
CA ASP D 50 -23.34 -37.81 -12.87
C ASP D 50 -22.49 -37.69 -14.15
N PRO D 51 -21.45 -36.85 -14.14
CA PRO D 51 -20.52 -36.93 -15.27
C PRO D 51 -19.81 -38.28 -15.28
N ASN D 52 -19.56 -38.80 -16.48
CA ASN D 52 -18.95 -40.12 -16.65
C ASN D 52 -17.84 -40.10 -17.69
N GLY D 53 -16.93 -41.08 -17.52
CA GLY D 53 -15.83 -41.41 -18.43
C GLY D 53 -14.92 -40.28 -18.88
N LEU D 54 -14.71 -39.30 -18.02
CA LEU D 54 -13.91 -38.15 -18.41
C LEU D 54 -12.53 -38.63 -18.83
N PHE D 55 -12.12 -38.32 -20.06
CA PHE D 55 -10.78 -38.72 -20.55
C PHE D 55 -10.20 -37.76 -21.58
N TYR D 56 -8.89 -37.93 -21.86
CA TYR D 56 -8.17 -37.07 -22.82
C TYR D 56 -7.62 -37.77 -24.07
N ASP D 57 -8.11 -37.33 -25.22
CA ASP D 57 -7.59 -37.82 -26.49
C ASP D 57 -6.30 -37.05 -26.84
N LYS D 58 -5.17 -37.68 -26.52
CA LYS D 58 -3.84 -37.06 -26.69
C LYS D 58 -3.41 -36.86 -28.13
N THR D 59 -4.23 -37.29 -29.09
CA THR D 59 -3.99 -36.97 -30.50
C THR D 59 -4.92 -35.87 -31.06
N ALA D 60 -6.24 -36.07 -30.97
CA ALA D 60 -7.19 -35.07 -31.47
C ALA D 60 -7.19 -33.75 -30.70
N LYS D 61 -6.31 -33.65 -29.69
CA LYS D 61 -6.23 -32.49 -28.76
C LYS D 61 -7.62 -32.19 -28.20
N LEU D 62 -8.19 -33.21 -27.56
CA LEU D 62 -9.64 -33.26 -27.30
C LEU D 62 -10.09 -33.82 -25.93
N TRP D 63 -10.90 -33.02 -25.22
CA TRP D 63 -11.53 -33.42 -23.95
C TRP D 63 -12.94 -33.95 -24.21
N HIS D 64 -13.24 -35.10 -23.62
CA HIS D 64 -14.54 -35.76 -23.76
C HIS D 64 -15.32 -35.78 -22.44
N LEU D 65 -16.64 -35.63 -22.50
CA LEU D 65 -17.53 -35.64 -21.32
C LEU D 65 -18.83 -36.45 -21.54
N TYR D 66 -19.03 -37.55 -20.83
CA TYR D 66 -20.30 -38.27 -20.87
C TYR D 66 -20.96 -38.06 -19.56
N PHE D 67 -22.23 -38.43 -19.49
CA PHE D 67 -23.11 -38.11 -18.36
C PHE D 67 -24.39 -38.96 -18.35
N GLN D 68 -24.78 -39.44 -17.18
CA GLN D 68 -26.05 -40.11 -17.08
C GLN D 68 -27.10 -39.26 -17.80
N TYR D 69 -27.66 -39.82 -18.87
CA TYR D 69 -28.54 -39.09 -19.74
C TYR D 69 -29.86 -39.79 -19.97
N ASN D 70 -30.95 -39.14 -19.59
CA ASN D 70 -32.26 -39.56 -20.04
C ASN D 70 -32.84 -38.47 -20.88
N PRO D 71 -32.86 -38.73 -22.20
CA PRO D 71 -33.16 -37.81 -23.27
C PRO D 71 -34.64 -37.71 -23.46
N ASN D 72 -35.34 -38.69 -22.91
CA ASN D 72 -36.75 -38.84 -23.12
C ASN D 72 -37.53 -38.05 -22.08
N ALA D 73 -36.88 -37.66 -20.98
CA ALA D 73 -37.58 -36.92 -19.89
C ALA D 73 -36.78 -35.83 -19.16
N THR D 74 -37.49 -34.97 -18.44
CA THR D 74 -36.93 -33.85 -17.62
C THR D 74 -36.64 -34.22 -16.14
N ALA D 75 -36.77 -35.51 -15.84
CA ALA D 75 -36.44 -36.10 -14.53
C ALA D 75 -35.67 -37.37 -14.82
N TRP D 76 -35.11 -37.98 -13.79
CA TRP D 76 -34.28 -39.18 -13.98
C TRP D 76 -35.16 -40.29 -14.51
N GLY D 77 -34.89 -40.72 -15.74
CA GLY D 77 -35.69 -41.77 -16.38
C GLY D 77 -34.92 -42.99 -16.84
N GLN D 78 -35.66 -44.02 -17.20
CA GLN D 78 -35.11 -45.26 -17.76
C GLN D 78 -35.99 -45.65 -18.95
N PRO D 79 -35.38 -45.92 -20.13
CA PRO D 79 -33.96 -46.17 -20.38
C PRO D 79 -33.09 -44.94 -20.21
N LEU D 80 -31.90 -45.21 -19.69
CA LEU D 80 -30.94 -44.21 -19.34
C LEU D 80 -29.63 -44.60 -20.01
N TYR D 81 -29.02 -43.60 -20.63
CA TYR D 81 -27.83 -43.75 -21.43
C TYR D 81 -26.67 -42.92 -20.95
N TRP D 82 -25.50 -43.23 -21.51
CA TRP D 82 -24.34 -42.34 -21.45
C TRP D 82 -24.44 -41.24 -22.49
N GLY D 83 -24.50 -40.01 -21.99
CA GLY D 83 -24.37 -38.84 -22.84
C GLY D 83 -22.97 -38.79 -23.40
N HIS D 84 -22.68 -37.68 -24.09
CA HIS D 84 -21.36 -37.46 -24.69
C HIS D 84 -21.21 -36.07 -25.29
N ALA D 85 -20.11 -35.42 -24.93
CA ALA D 85 -19.80 -34.08 -25.43
C ALA D 85 -18.29 -33.98 -25.52
N THR D 86 -17.82 -32.89 -26.12
CA THR D 86 -16.39 -32.65 -26.28
C THR D 86 -16.08 -31.18 -26.41
N SER D 87 -14.86 -30.84 -26.03
CA SER D 87 -14.33 -29.48 -26.22
C SER D 87 -12.83 -29.51 -26.42
N ASN D 88 -12.30 -28.49 -27.09
CA ASN D 88 -10.85 -28.28 -27.20
C ASN D 88 -10.26 -27.50 -25.99
N ASP D 89 -11.14 -26.82 -25.26
CA ASP D 89 -10.70 -25.80 -24.33
C ASP D 89 -11.32 -25.89 -22.93
N LEU D 90 -12.34 -26.73 -22.80
CA LEU D 90 -13.11 -26.94 -21.55
C LEU D 90 -14.18 -25.89 -21.22
N VAL D 91 -14.41 -24.93 -22.12
CA VAL D 91 -15.51 -23.97 -21.97
C VAL D 91 -16.46 -23.98 -23.16
N HIS D 92 -16.07 -24.75 -24.18
CA HIS D 92 -16.82 -24.80 -25.43
C HIS D 92 -17.25 -26.22 -25.72
N TRP D 93 -18.54 -26.46 -25.55
CA TRP D 93 -19.06 -27.83 -25.60
C TRP D 93 -19.86 -28.12 -26.87
N ASP D 94 -19.42 -29.11 -27.62
CA ASP D 94 -20.20 -29.56 -28.77
C ASP D 94 -20.80 -30.94 -28.46
N GLU D 95 -22.13 -30.97 -28.45
CA GLU D 95 -22.90 -32.17 -28.13
C GLU D 95 -22.91 -33.20 -29.28
N HIS D 96 -23.05 -34.45 -28.93
CA HIS D 96 -23.07 -35.49 -29.93
C HIS D 96 -24.24 -36.41 -29.66
N GLU D 97 -24.28 -37.50 -30.42
CA GLU D 97 -25.31 -38.49 -30.25
C GLU D 97 -24.84 -39.38 -29.12
N ILE D 98 -25.81 -40.01 -28.45
CA ILE D 98 -25.58 -40.91 -27.35
C ILE D 98 -24.43 -41.87 -27.65
N ALA D 99 -23.42 -41.89 -26.80
CA ALA D 99 -22.34 -42.83 -26.95
C ALA D 99 -22.72 -44.28 -26.58
N ILE D 100 -23.53 -44.46 -25.54
CA ILE D 100 -23.87 -45.81 -25.03
C ILE D 100 -25.31 -45.93 -24.51
N GLY D 101 -25.91 -47.10 -24.74
CA GLY D 101 -27.28 -47.34 -24.32
C GLY D 101 -27.54 -48.70 -23.68
N PRO D 102 -28.65 -48.81 -22.94
CA PRO D 102 -29.04 -50.07 -22.34
C PRO D 102 -29.72 -50.99 -23.38
N GLU D 103 -29.65 -52.31 -23.16
CA GLU D 103 -30.44 -53.25 -23.96
C GLU D 103 -31.95 -52.92 -23.90
N HIS D 104 -32.64 -53.32 -22.83
CA HIS D 104 -34.10 -53.15 -22.77
C HIS D 104 -34.54 -51.82 -22.16
N ASP D 105 -35.75 -51.37 -22.51
CA ASP D 105 -36.42 -50.23 -21.86
C ASP D 105 -36.53 -50.43 -20.33
N ASN D 106 -36.09 -51.60 -19.87
CA ASN D 106 -36.15 -51.95 -18.46
C ASN D 106 -34.95 -51.39 -17.69
N GLU D 107 -33.88 -51.12 -18.43
CA GLU D 107 -32.54 -51.00 -17.85
C GLU D 107 -31.86 -49.66 -18.12
N GLY D 108 -30.58 -49.55 -17.75
CA GLY D 108 -29.84 -48.31 -17.92
C GLY D 108 -28.35 -48.57 -17.81
N ILE D 109 -27.56 -47.81 -18.53
CA ILE D 109 -26.15 -47.90 -18.29
C ILE D 109 -25.84 -46.84 -17.25
N PHE D 110 -25.40 -47.30 -16.09
CA PHE D 110 -25.22 -46.40 -14.96
C PHE D 110 -23.86 -45.74 -15.04
N SER D 111 -23.37 -45.17 -13.95
CA SER D 111 -22.15 -44.37 -13.99
C SER D 111 -20.91 -45.21 -14.20
N GLY D 112 -19.84 -44.55 -14.63
CA GLY D 112 -18.54 -45.19 -14.75
C GLY D 112 -17.50 -44.32 -15.46
N SER D 113 -16.33 -44.93 -15.67
CA SER D 113 -15.21 -44.21 -16.22
C SER D 113 -14.77 -44.63 -17.64
N ILE D 114 -13.63 -44.10 -18.06
CA ILE D 114 -12.95 -44.46 -19.30
C ILE D 114 -11.44 -44.69 -19.07
N VAL D 115 -10.85 -45.59 -19.84
CA VAL D 115 -9.41 -45.74 -19.82
C VAL D 115 -8.86 -45.69 -21.24
N VAL D 116 -7.54 -45.57 -21.35
CA VAL D 116 -6.87 -45.73 -22.62
C VAL D 116 -5.84 -46.84 -22.48
N ASP D 117 -6.17 -47.99 -23.07
CA ASP D 117 -5.33 -49.18 -22.95
C ASP D 117 -4.20 -49.13 -23.94
N HIS D 118 -3.16 -48.37 -23.59
CA HIS D 118 -2.09 -48.06 -24.51
C HIS D 118 -1.52 -49.31 -25.18
N ASN D 119 -1.16 -50.30 -24.37
CA ASN D 119 -0.50 -51.51 -24.85
C ASN D 119 -1.43 -52.70 -25.10
N ASN D 120 -2.69 -52.43 -25.43
CA ASN D 120 -3.64 -53.46 -25.88
C ASN D 120 -3.83 -54.62 -24.90
N THR D 121 -3.68 -54.33 -23.60
CA THR D 121 -3.79 -55.35 -22.56
C THR D 121 -5.18 -55.99 -22.63
N SER D 122 -6.11 -55.31 -23.29
CA SER D 122 -7.49 -55.77 -23.40
C SER D 122 -7.75 -56.60 -24.65
N GLY D 123 -7.05 -56.31 -25.75
CA GLY D 123 -7.18 -57.07 -26.99
C GLY D 123 -8.33 -56.69 -27.91
N PHE D 124 -8.86 -55.48 -27.75
CA PHE D 124 -9.92 -55.03 -28.62
C PHE D 124 -9.39 -54.21 -29.74
N PHE D 125 -8.07 -54.16 -29.85
CA PHE D 125 -7.47 -53.09 -30.63
C PHE D 125 -6.42 -53.47 -31.65
N ASN D 126 -6.77 -53.19 -32.90
CA ASN D 126 -5.90 -53.33 -34.06
C ASN D 126 -4.66 -52.49 -34.01
N SER D 127 -3.63 -53.00 -34.68
CA SER D 127 -2.46 -52.21 -35.07
C SER D 127 -2.89 -50.90 -35.78
N SER D 128 -4.05 -50.90 -36.41
CA SER D 128 -4.52 -49.73 -37.16
C SER D 128 -5.19 -48.68 -36.27
N ILE D 129 -5.47 -49.04 -35.02
CA ILE D 129 -6.02 -48.11 -34.02
C ILE D 129 -4.88 -47.47 -33.24
N ASP D 130 -5.06 -46.19 -32.89
CA ASP D 130 -4.06 -45.36 -32.20
C ASP D 130 -3.80 -45.73 -30.72
N PRO D 131 -2.52 -45.69 -30.27
CA PRO D 131 -2.23 -45.75 -28.84
C PRO D 131 -3.12 -44.83 -28.01
N ASN D 132 -3.00 -43.52 -28.18
CA ASN D 132 -3.76 -42.53 -27.40
C ASN D 132 -5.27 -42.49 -27.71
N GLN D 133 -5.81 -43.62 -28.16
CA GLN D 133 -7.22 -43.76 -28.54
C GLN D 133 -7.66 -45.22 -28.39
N ARG D 134 -6.95 -45.99 -27.58
CA ARG D 134 -7.34 -47.36 -27.27
C ARG D 134 -8.29 -47.41 -26.05
N ILE D 135 -9.46 -46.81 -26.26
CA ILE D 135 -10.53 -46.58 -25.29
C ILE D 135 -11.26 -47.84 -24.78
N VAL D 136 -11.52 -47.85 -23.48
CA VAL D 136 -12.47 -48.75 -22.81
C VAL D 136 -13.33 -47.89 -21.84
N ALA D 137 -14.64 -48.16 -21.81
CA ALA D 137 -15.54 -47.66 -20.78
C ALA D 137 -15.74 -48.77 -19.76
N ILE D 138 -15.79 -48.43 -18.46
CA ILE D 138 -16.21 -49.39 -17.43
C ILE D 138 -17.38 -48.84 -16.65
N TYR D 139 -18.56 -49.35 -16.94
CA TYR D 139 -19.80 -48.74 -16.46
C TYR D 139 -20.55 -49.69 -15.54
N THR D 140 -21.62 -49.19 -14.92
CA THR D 140 -22.48 -50.09 -14.15
C THR D 140 -23.69 -50.41 -14.99
N ASN D 141 -23.93 -51.70 -15.20
CA ASN D 141 -25.07 -52.11 -15.99
C ASN D 141 -26.30 -52.38 -15.10
N ASN D 142 -27.28 -51.51 -15.17
CA ASN D 142 -28.41 -51.70 -14.31
C ASN D 142 -29.61 -52.34 -14.98
N ILE D 143 -29.87 -53.58 -14.57
CA ILE D 143 -31.12 -54.29 -14.81
C ILE D 143 -31.97 -54.10 -13.54
N PRO D 144 -33.29 -54.40 -13.61
CA PRO D 144 -33.99 -54.62 -12.31
C PRO D 144 -33.44 -55.84 -11.56
N ASP D 145 -33.23 -55.66 -10.25
CA ASP D 145 -32.70 -56.68 -9.34
C ASP D 145 -31.20 -57.01 -9.55
N ASN D 146 -30.57 -56.32 -10.49
CA ASN D 146 -29.16 -56.51 -10.76
C ASN D 146 -28.30 -55.26 -10.99
N GLN D 147 -27.04 -55.35 -10.58
CA GLN D 147 -26.01 -54.33 -10.81
C GLN D 147 -24.65 -55.02 -10.96
N THR D 148 -24.10 -54.98 -12.17
CA THR D 148 -22.80 -55.63 -12.43
C THR D 148 -21.88 -54.68 -13.19
N GLN D 149 -20.59 -54.99 -13.14
CA GLN D 149 -19.64 -54.09 -13.74
C GLN D 149 -19.23 -54.61 -15.12
N ASP D 150 -19.59 -53.79 -16.11
CA ASP D 150 -19.59 -54.13 -17.53
C ASP D 150 -18.81 -53.11 -18.37
N ILE D 151 -18.02 -53.62 -19.31
CA ILE D 151 -17.14 -52.80 -20.14
C ILE D 151 -17.55 -52.79 -21.62
N ALA D 152 -16.93 -51.88 -22.36
CA ALA D 152 -17.11 -51.73 -23.79
C ALA D 152 -15.85 -51.05 -24.32
N PHE D 153 -15.59 -51.18 -25.63
CA PHE D 153 -14.44 -50.55 -26.31
C PHE D 153 -14.88 -49.65 -27.46
N SER D 154 -13.97 -48.80 -27.94
CA SER D 154 -14.28 -47.86 -29.03
C SER D 154 -13.18 -47.82 -30.10
N LEU D 155 -13.61 -47.64 -31.36
CA LEU D 155 -12.71 -47.54 -32.51
C LEU D 155 -12.72 -46.12 -33.10
N ASP D 156 -13.89 -45.48 -33.04
CA ASP D 156 -14.06 -44.13 -33.59
C ASP D 156 -13.81 -43.05 -32.55
N GLY D 157 -12.84 -43.28 -31.68
CA GLY D 157 -12.52 -42.33 -30.62
C GLY D 157 -13.61 -42.08 -29.58
N GLY D 158 -14.43 -43.09 -29.31
CA GLY D 158 -15.44 -42.94 -28.26
C GLY D 158 -16.56 -42.07 -28.77
N TYR D 159 -17.01 -42.35 -29.97
CA TYR D 159 -18.23 -41.73 -30.40
C TYR D 159 -19.32 -42.78 -30.43
N THR D 160 -18.90 -44.03 -30.51
CA THR D 160 -19.79 -45.17 -30.41
C THR D 160 -18.95 -46.38 -29.97
N PHE D 161 -19.55 -47.32 -29.23
CA PHE D 161 -18.80 -48.36 -28.52
C PHE D 161 -19.24 -49.79 -28.85
N THR D 162 -18.46 -50.77 -28.43
CA THR D 162 -18.90 -52.18 -28.53
C THR D 162 -18.79 -52.96 -27.20
N LYS D 163 -19.96 -53.32 -26.65
CA LYS D 163 -20.10 -54.19 -25.49
C LYS D 163 -19.24 -55.45 -25.62
N TYR D 164 -18.78 -56.00 -24.51
CA TYR D 164 -17.64 -56.93 -24.55
C TYR D 164 -17.86 -58.30 -25.18
N GLU D 165 -18.90 -59.02 -24.74
CA GLU D 165 -19.19 -60.42 -25.18
C GLU D 165 -19.14 -61.39 -24.00
N ASN D 166 -18.30 -61.08 -23.01
CA ASN D 166 -18.36 -61.74 -21.70
C ASN D 166 -18.79 -60.83 -20.52
N ASN D 167 -19.34 -59.66 -20.86
CA ASN D 167 -20.03 -58.80 -19.92
C ASN D 167 -21.02 -59.60 -19.12
N PRO D 168 -21.05 -59.41 -17.79
CA PRO D 168 -20.23 -58.67 -16.79
C PRO D 168 -18.80 -59.15 -16.55
N VAL D 169 -17.93 -58.23 -16.11
CA VAL D 169 -16.59 -58.59 -15.62
C VAL D 169 -16.58 -58.67 -14.12
N ILE D 170 -17.51 -57.96 -13.47
CA ILE D 170 -17.73 -58.14 -12.02
C ILE D 170 -19.20 -58.30 -11.67
N ASP D 171 -19.55 -59.54 -11.31
CA ASP D 171 -20.84 -59.82 -10.69
C ASP D 171 -20.67 -60.44 -9.29
N VAL D 172 -21.24 -59.78 -8.27
CA VAL D 172 -21.14 -60.26 -6.88
C VAL D 172 -22.49 -60.60 -6.25
N SER D 173 -23.44 -61.01 -7.08
CA SER D 173 -24.80 -61.28 -6.62
C SER D 173 -25.51 -60.04 -6.03
N SER D 174 -25.08 -58.84 -6.41
CA SER D 174 -25.66 -57.64 -5.81
C SER D 174 -26.61 -56.77 -6.65
N ASN D 175 -27.42 -56.00 -5.95
CA ASN D 175 -28.41 -55.09 -6.49
C ASN D 175 -27.97 -53.67 -6.10
N GLN D 176 -26.84 -53.59 -5.38
CA GLN D 176 -26.28 -52.36 -4.79
C GLN D 176 -24.75 -52.30 -4.83
N PHE D 177 -24.20 -52.31 -6.04
CA PHE D 177 -22.78 -52.40 -6.28
C PHE D 177 -22.56 -51.69 -7.61
N ARG D 178 -21.85 -50.55 -7.58
CA ARG D 178 -21.86 -49.62 -8.75
C ARG D 178 -20.88 -48.42 -8.77
N ASP D 179 -20.81 -47.76 -9.92
CA ASP D 179 -19.98 -46.57 -10.16
C ASP D 179 -18.47 -46.84 -10.03
N PRO D 180 -17.87 -47.43 -11.08
CA PRO D 180 -16.46 -47.71 -10.86
C PRO D 180 -15.56 -46.73 -11.60
N LYS D 181 -14.50 -46.27 -10.93
CA LYS D 181 -13.43 -45.47 -11.55
C LYS D 181 -12.19 -46.34 -11.73
N VAL D 182 -11.64 -46.35 -12.95
CA VAL D 182 -10.56 -47.28 -13.29
C VAL D 182 -9.29 -46.51 -13.67
N PHE D 183 -8.13 -46.98 -13.18
CA PHE D 183 -6.87 -46.40 -13.61
C PHE D 183 -5.78 -47.46 -13.63
N TRP D 184 -4.77 -47.25 -14.46
CA TRP D 184 -3.60 -48.14 -14.53
C TRP D 184 -2.58 -47.76 -13.46
N HIS D 185 -2.34 -48.68 -12.54
CA HIS D 185 -1.32 -48.45 -11.53
C HIS D 185 0.01 -49.01 -12.05
N GLU D 186 0.95 -48.13 -12.36
CA GLU D 186 2.31 -48.53 -12.77
C GLU D 186 3.03 -49.45 -11.75
N ASP D 187 3.11 -49.01 -10.48
CA ASP D 187 3.98 -49.64 -9.46
C ASP D 187 3.69 -51.12 -9.16
N SER D 188 2.42 -51.52 -9.31
CA SER D 188 2.02 -52.90 -9.08
C SER D 188 1.63 -53.54 -10.42
N ASN D 189 1.74 -52.73 -11.49
CA ASN D 189 1.56 -53.21 -12.86
C ASN D 189 0.14 -53.74 -13.14
N GLN D 190 -0.86 -53.08 -12.57
CA GLN D 190 -2.22 -53.52 -12.85
C GLN D 190 -3.23 -52.41 -13.06
N TRP D 191 -4.39 -52.79 -13.58
CA TRP D 191 -5.56 -51.92 -13.55
C TRP D 191 -6.20 -52.01 -12.18
N ILE D 192 -6.65 -50.85 -11.69
CA ILE D 192 -7.36 -50.84 -10.44
C ILE D 192 -8.73 -50.23 -10.66
N MET D 193 -9.66 -50.60 -9.79
CA MET D 193 -11.02 -50.13 -9.90
C MET D 193 -11.53 -49.74 -8.52
N VAL D 194 -11.84 -48.48 -8.34
CA VAL D 194 -12.59 -48.07 -7.17
C VAL D 194 -14.07 -48.14 -7.57
N VAL D 195 -14.84 -48.97 -6.87
CA VAL D 195 -16.29 -49.12 -7.11
C VAL D 195 -17.05 -49.14 -5.77
N SER D 196 -18.23 -48.52 -5.75
CA SER D 196 -19.02 -48.48 -4.52
C SER D 196 -19.87 -49.76 -4.35
N LYS D 197 -19.87 -50.30 -3.12
CA LYS D 197 -20.75 -51.38 -2.67
C LYS D 197 -21.80 -50.64 -1.86
N SER D 198 -22.70 -50.01 -2.59
CA SER D 198 -23.33 -48.74 -2.21
C SER D 198 -23.95 -48.65 -0.83
N GLN D 199 -24.61 -49.72 -0.40
CA GLN D 199 -25.24 -49.72 0.93
C GLN D 199 -24.38 -50.42 2.00
N GLU D 200 -23.46 -51.29 1.58
CA GLU D 200 -22.58 -51.95 2.52
C GLU D 200 -21.53 -50.99 3.08
N TYR D 201 -21.68 -49.70 2.77
CA TYR D 201 -20.69 -48.66 3.12
C TYR D 201 -19.23 -49.08 2.97
N LYS D 202 -18.92 -49.94 2.00
CA LYS D 202 -17.53 -50.20 1.62
C LYS D 202 -17.20 -49.53 0.28
N ILE D 203 -15.96 -49.07 0.11
CA ILE D 203 -15.44 -48.80 -1.23
C ILE D 203 -14.59 -50.00 -1.60
N GLN D 204 -14.80 -50.57 -2.78
CA GLN D 204 -14.10 -51.80 -3.08
C GLN D 204 -13.03 -51.55 -4.13
N ILE D 205 -11.84 -52.05 -3.83
CA ILE D 205 -10.67 -51.87 -4.68
C ILE D 205 -10.41 -53.17 -5.40
N PHE D 206 -10.67 -53.18 -6.71
CA PHE D 206 -10.41 -54.36 -7.53
C PHE D 206 -9.14 -54.26 -8.40
N GLY D 207 -8.38 -55.37 -8.47
CA GLY D 207 -7.12 -55.47 -9.23
C GLY D 207 -7.10 -56.51 -10.36
N SER D 208 -6.48 -56.14 -11.49
CA SER D 208 -6.50 -56.96 -12.72
C SER D 208 -5.57 -56.44 -13.84
N ALA D 209 -4.72 -57.33 -14.40
CA ALA D 209 -3.93 -57.03 -15.61
C ALA D 209 -4.81 -57.00 -16.87
N ASN D 210 -5.94 -57.71 -16.73
CA ASN D 210 -6.85 -58.06 -17.81
C ASN D 210 -7.83 -56.97 -18.22
N LEU D 211 -8.45 -56.36 -17.21
CA LEU D 211 -9.66 -55.54 -17.36
C LEU D 211 -10.88 -56.44 -17.62
N LYS D 212 -10.64 -57.75 -17.74
CA LYS D 212 -11.71 -58.73 -17.98
C LYS D 212 -11.85 -59.61 -16.76
N ASN D 213 -10.75 -59.73 -16.01
CA ASN D 213 -10.66 -60.61 -14.85
C ASN D 213 -10.19 -59.88 -13.60
N TRP D 214 -11.11 -59.70 -12.65
CA TRP D 214 -10.89 -58.89 -11.44
C TRP D 214 -10.86 -59.66 -10.14
N VAL D 215 -9.73 -59.60 -9.45
CA VAL D 215 -9.60 -60.17 -8.12
C VAL D 215 -9.80 -59.03 -7.12
N LEU D 216 -10.33 -59.33 -5.93
CA LEU D 216 -10.57 -58.25 -4.93
C LEU D 216 -9.34 -57.96 -4.07
N ASN D 217 -8.98 -56.69 -3.97
CA ASN D 217 -7.75 -56.32 -3.29
C ASN D 217 -7.93 -55.82 -1.86
N SER D 218 -8.96 -55.00 -1.64
CA SER D 218 -9.28 -54.50 -0.31
C SER D 218 -10.61 -53.75 -0.30
N ASN D 219 -11.19 -53.65 0.89
CA ASN D 219 -12.32 -52.75 1.12
C ASN D 219 -11.83 -51.56 1.91
N PHE D 220 -12.48 -50.42 1.68
CA PHE D 220 -12.23 -49.19 2.42
C PHE D 220 -13.54 -48.53 2.86
N SER D 221 -13.61 -48.14 4.14
CA SER D 221 -14.78 -47.45 4.69
C SER D 221 -14.35 -46.41 5.69
N SER D 222 -14.90 -45.21 5.55
CA SER D 222 -14.52 -44.12 6.41
C SER D 222 -15.35 -42.90 6.09
N GLY D 223 -15.04 -41.79 6.76
CA GLY D 223 -15.72 -40.54 6.47
C GLY D 223 -17.13 -40.43 7.01
N TYR D 224 -17.95 -39.67 6.29
CA TYR D 224 -19.35 -39.48 6.63
C TYR D 224 -20.11 -40.52 5.83
N TYR D 225 -21.07 -41.18 6.44
CA TYR D 225 -21.72 -42.31 5.79
C TYR D 225 -22.92 -41.95 4.95
N GLY D 226 -23.74 -41.02 5.43
CA GLY D 226 -25.01 -40.70 4.75
C GLY D 226 -25.84 -41.94 4.48
N ASN D 227 -26.70 -41.91 3.48
CA ASN D 227 -27.44 -43.10 3.09
C ASN D 227 -26.56 -44.18 2.42
N GLN D 228 -25.89 -43.79 1.34
CA GLN D 228 -25.15 -44.69 0.47
C GLN D 228 -23.72 -44.20 0.29
N TYR D 229 -22.87 -45.10 -0.17
CA TYR D 229 -21.64 -44.72 -0.81
C TYR D 229 -21.87 -44.70 -2.35
N ALA D 230 -21.15 -43.81 -3.06
CA ALA D 230 -21.35 -43.56 -4.50
C ALA D 230 -20.15 -42.85 -5.15
N CYS D 231 -19.80 -43.26 -6.37
CA CYS D 231 -18.80 -42.61 -7.20
C CYS D 231 -17.50 -42.35 -6.44
N PRO D 232 -16.78 -43.45 -6.10
CA PRO D 232 -15.47 -43.38 -5.45
C PRO D 232 -14.53 -42.71 -6.39
N GLY D 233 -13.23 -42.88 -6.18
CA GLY D 233 -12.29 -42.12 -6.99
C GLY D 233 -11.00 -41.80 -6.28
N LEU D 234 -9.89 -42.20 -6.90
CA LEU D 234 -8.61 -42.24 -6.25
C LEU D 234 -7.54 -41.85 -7.26
N ILE D 235 -6.97 -40.68 -7.05
CA ILE D 235 -6.01 -40.10 -8.00
C ILE D 235 -4.77 -39.55 -7.24
N GLU D 236 -3.59 -39.75 -7.81
CA GLU D 236 -2.36 -39.25 -7.21
C GLU D 236 -2.21 -37.78 -7.57
N VAL D 237 -2.28 -36.91 -6.56
CA VAL D 237 -2.39 -35.44 -6.72
C VAL D 237 -1.18 -34.69 -6.18
N PRO D 238 -0.54 -33.89 -7.04
CA PRO D 238 0.71 -33.21 -6.67
C PRO D 238 0.58 -32.23 -5.51
N ILE D 239 1.61 -32.21 -4.65
CA ILE D 239 1.77 -31.23 -3.57
C ILE D 239 2.46 -29.97 -4.12
N GLU D 240 1.85 -28.81 -3.93
CA GLU D 240 2.39 -27.56 -4.45
C GLU D 240 3.85 -27.32 -4.03
N ASN D 241 4.67 -26.93 -5.00
CA ASN D 241 6.09 -26.60 -4.83
C ASN D 241 7.00 -27.78 -4.52
N SER D 242 6.75 -28.91 -5.17
CA SER D 242 7.52 -30.12 -4.89
C SER D 242 7.47 -31.18 -5.97
N ASP D 243 8.45 -32.10 -5.91
CA ASP D 243 8.45 -33.38 -6.62
C ASP D 243 7.44 -34.35 -6.02
N LYS D 244 6.98 -34.06 -4.81
CA LYS D 244 6.12 -35.00 -4.10
C LYS D 244 4.63 -34.81 -4.47
N SER D 245 3.85 -35.84 -4.22
CA SER D 245 2.40 -35.74 -4.36
C SER D 245 1.72 -36.65 -3.34
N LYS D 246 0.39 -36.59 -3.33
CA LYS D 246 -0.38 -37.51 -2.53
C LYS D 246 -1.58 -38.09 -3.27
N TRP D 247 -1.81 -39.36 -3.00
CA TRP D 247 -2.98 -40.11 -3.39
C TRP D 247 -4.25 -39.65 -2.67
N VAL D 248 -5.19 -39.10 -3.42
CA VAL D 248 -6.43 -38.65 -2.85
C VAL D 248 -7.61 -39.57 -3.19
N MET D 249 -8.33 -40.02 -2.15
CA MET D 249 -9.55 -40.77 -2.34
C MET D 249 -10.80 -39.91 -2.26
N PHE D 250 -11.63 -40.04 -3.30
CA PHE D 250 -12.85 -39.28 -3.41
C PHE D 250 -14.05 -40.18 -3.17
N LEU D 251 -15.09 -39.59 -2.57
CA LEU D 251 -16.36 -40.28 -2.26
C LEU D 251 -17.55 -39.30 -2.22
N ALA D 252 -18.57 -39.64 -3.01
CA ALA D 252 -19.83 -38.91 -3.06
C ALA D 252 -20.80 -39.54 -2.06
N ILE D 253 -21.79 -38.76 -1.61
CA ILE D 253 -22.78 -39.32 -0.72
C ILE D 253 -24.21 -38.79 -0.88
N ASN D 254 -25.15 -39.70 -1.12
CA ASN D 254 -26.57 -39.36 -1.20
C ASN D 254 -27.55 -40.44 -0.67
N PRO D 255 -28.60 -40.01 0.07
CA PRO D 255 -28.68 -38.68 0.67
C PRO D 255 -28.06 -38.65 2.06
N GLY D 256 -28.33 -37.59 2.81
CA GLY D 256 -27.77 -37.49 4.17
C GLY D 256 -26.41 -36.80 4.26
N SER D 257 -26.14 -35.88 3.32
CA SER D 257 -25.07 -34.92 3.48
C SER D 257 -25.46 -34.16 4.74
N PRO D 258 -24.48 -33.83 5.59
CA PRO D 258 -24.76 -33.01 6.75
C PRO D 258 -25.53 -31.74 6.37
N LEU D 259 -25.29 -31.28 5.14
CA LEU D 259 -25.92 -30.08 4.59
C LEU D 259 -27.29 -30.41 4.04
N GLY D 260 -27.61 -31.69 4.01
CA GLY D 260 -28.84 -32.18 3.34
C GLY D 260 -28.61 -32.49 1.87
N GLY D 261 -29.37 -33.44 1.33
CA GLY D 261 -29.09 -33.96 0.01
C GLY D 261 -27.72 -34.62 -0.12
N SER D 262 -27.03 -34.28 -1.22
CA SER D 262 -25.78 -34.92 -1.67
C SER D 262 -24.54 -34.01 -1.61
N ILE D 263 -23.38 -34.65 -1.42
CA ILE D 263 -22.08 -33.98 -1.22
C ILE D 263 -20.93 -34.94 -1.55
N ASN D 264 -19.73 -34.38 -1.64
CA ASN D 264 -18.55 -35.17 -1.91
C ASN D 264 -17.56 -34.97 -0.80
N GLN D 265 -16.74 -35.98 -0.55
CA GLN D 265 -15.73 -35.86 0.47
C GLN D 265 -14.45 -36.49 0.00
N TYR D 266 -13.39 -36.34 0.80
CA TYR D 266 -12.07 -36.73 0.37
C TYR D 266 -11.11 -37.12 1.49
N PHE D 267 -10.10 -37.91 1.13
CA PHE D 267 -9.10 -38.44 2.06
C PHE D 267 -7.73 -38.56 1.40
N VAL D 268 -6.72 -38.02 2.08
CA VAL D 268 -5.32 -37.93 1.63
C VAL D 268 -4.47 -39.05 2.27
N GLY D 269 -3.86 -39.92 1.48
CA GLY D 269 -3.12 -41.06 2.05
C GLY D 269 -2.02 -41.71 1.23
N ASP D 270 -2.16 -43.02 1.05
CA ASP D 270 -1.08 -43.78 0.44
C ASP D 270 -1.57 -45.07 -0.16
N PHE D 271 -1.18 -45.33 -1.41
CA PHE D 271 -1.58 -46.54 -2.13
C PHE D 271 -0.35 -47.29 -2.65
N ASP D 272 -0.22 -48.53 -2.20
CA ASP D 272 0.86 -49.43 -2.54
C ASP D 272 0.49 -50.28 -3.76
N GLY D 273 -0.79 -50.38 -4.04
CA GLY D 273 -1.29 -51.25 -5.11
C GLY D 273 -2.50 -52.01 -4.63
N PHE D 274 -2.75 -51.99 -3.33
CA PHE D 274 -3.81 -52.80 -2.74
C PHE D 274 -4.76 -52.04 -1.83
N GLN D 275 -4.24 -51.12 -1.03
CA GLN D 275 -5.10 -50.41 -0.11
C GLN D 275 -4.74 -48.97 0.08
N PHE D 276 -5.79 -48.15 0.06
CA PHE D 276 -5.70 -46.77 0.50
C PHE D 276 -5.59 -46.70 2.02
N VAL D 277 -4.47 -46.14 2.48
CA VAL D 277 -4.11 -46.07 3.89
C VAL D 277 -4.10 -44.57 4.25
N PRO D 278 -5.16 -44.06 4.93
CA PRO D 278 -5.23 -42.59 5.11
C PRO D 278 -4.30 -42.04 6.20
N ASP D 279 -3.63 -40.93 5.90
CA ASP D 279 -2.68 -40.29 6.81
C ASP D 279 -3.25 -39.96 8.18
N ASP D 280 -4.36 -39.22 8.18
CA ASP D 280 -5.15 -39.08 9.39
C ASP D 280 -6.53 -39.69 9.14
N SER D 281 -7.37 -39.68 10.17
CA SER D 281 -8.71 -40.24 10.06
C SER D 281 -9.84 -39.17 9.99
N GLN D 282 -9.60 -38.03 9.33
CA GLN D 282 -10.56 -36.88 9.40
C GLN D 282 -11.49 -36.76 8.20
N THR D 283 -12.74 -36.45 8.48
CA THR D 283 -13.68 -36.14 7.43
C THR D 283 -13.57 -34.70 6.93
N ARG D 284 -13.28 -34.55 5.64
CA ARG D 284 -13.27 -33.23 4.96
C ARG D 284 -14.10 -33.25 3.69
N PHE D 285 -14.73 -32.13 3.38
CA PHE D 285 -15.56 -32.06 2.19
C PHE D 285 -14.90 -31.29 1.06
N VAL D 286 -15.01 -31.83 -0.15
CA VAL D 286 -14.57 -31.23 -1.41
C VAL D 286 -15.16 -29.84 -1.72
N ASP D 287 -16.44 -29.61 -1.46
CA ASP D 287 -17.08 -28.35 -1.92
C ASP D 287 -18.27 -28.04 -1.02
N ILE D 288 -18.07 -27.14 -0.06
CA ILE D 288 -19.08 -26.92 0.97
C ILE D 288 -20.32 -26.16 0.49
N GLY D 289 -20.67 -26.40 -0.76
CA GLY D 289 -21.84 -25.86 -1.33
C GLY D 289 -22.94 -26.87 -1.39
N LYS D 290 -24.10 -26.38 -1.82
CA LYS D 290 -25.27 -27.22 -1.91
C LYS D 290 -25.17 -28.17 -3.10
N ASP D 291 -24.56 -27.69 -4.18
CA ASP D 291 -24.68 -28.31 -5.50
C ASP D 291 -23.32 -28.75 -6.04
N PHE D 292 -22.88 -29.97 -5.73
CA PHE D 292 -21.60 -30.48 -6.25
C PHE D 292 -21.37 -31.99 -6.01
N TYR D 293 -21.79 -32.84 -6.94
CA TYR D 293 -21.89 -34.27 -6.63
C TYR D 293 -21.34 -35.20 -7.73
N ALA D 294 -20.82 -36.34 -7.28
CA ALA D 294 -20.30 -37.40 -8.14
C ALA D 294 -19.19 -36.95 -9.08
N PHE D 295 -18.41 -36.01 -8.57
CA PHE D 295 -17.14 -35.56 -9.12
C PHE D 295 -16.35 -36.73 -9.70
N GLN D 296 -15.71 -36.46 -10.84
CA GLN D 296 -14.77 -37.40 -11.42
C GLN D 296 -13.57 -36.67 -11.98
N THR D 297 -12.44 -37.37 -12.04
CA THR D 297 -11.23 -36.84 -12.65
C THR D 297 -11.08 -37.38 -14.05
N PHE D 298 -10.55 -36.52 -14.93
CA PHE D 298 -10.27 -36.81 -16.33
C PHE D 298 -9.10 -37.75 -16.43
N SER D 299 -9.18 -38.70 -17.37
CA SER D 299 -8.09 -39.65 -17.61
C SER D 299 -7.02 -39.09 -18.52
N GLU D 300 -5.88 -39.79 -18.54
CA GLU D 300 -4.76 -39.44 -19.40
C GLU D 300 -4.53 -37.92 -19.43
N VAL D 301 -4.35 -37.34 -18.25
CA VAL D 301 -3.98 -35.95 -18.20
C VAL D 301 -2.49 -35.92 -17.95
N GLU D 302 -1.79 -35.15 -18.78
CA GLU D 302 -0.36 -34.88 -18.53
C GLU D 302 -0.30 -33.51 -17.90
N HIS D 303 0.44 -33.42 -16.78
CA HIS D 303 0.52 -32.20 -15.98
C HIS D 303 -0.81 -31.74 -15.36
N GLY D 304 -1.05 -32.31 -14.16
CA GLY D 304 -2.12 -31.90 -13.25
C GLY D 304 -3.10 -33.01 -12.87
N VAL D 305 -4.03 -32.64 -11.99
CA VAL D 305 -5.27 -33.38 -11.83
C VAL D 305 -6.43 -32.39 -12.06
N LEU D 306 -7.23 -32.68 -13.09
CA LEU D 306 -8.44 -31.93 -13.40
C LEU D 306 -9.61 -32.86 -13.27
N GLY D 307 -10.79 -32.28 -13.03
CA GLY D 307 -11.99 -33.06 -12.81
C GLY D 307 -13.18 -32.14 -12.72
N LEU D 308 -14.37 -32.70 -12.85
CA LEU D 308 -15.59 -31.91 -12.69
C LEU D 308 -16.69 -32.75 -12.03
N ALA D 309 -17.88 -32.18 -11.90
CA ALA D 309 -18.95 -32.81 -11.17
C ALA D 309 -20.30 -32.39 -11.69
N TRP D 310 -21.31 -33.15 -11.30
CA TRP D 310 -22.69 -32.73 -11.46
C TRP D 310 -23.00 -31.60 -10.49
N ALA D 311 -23.43 -30.47 -11.06
CA ALA D 311 -23.71 -29.23 -10.32
C ALA D 311 -25.12 -29.10 -9.78
N SER D 312 -25.61 -30.13 -9.09
CA SER D 312 -26.86 -29.99 -8.35
C SER D 312 -26.95 -31.00 -7.22
N ASN D 313 -28.00 -30.84 -6.40
CA ASN D 313 -28.31 -31.69 -5.23
C ASN D 313 -29.57 -32.50 -5.49
N TRP D 314 -29.47 -33.82 -5.34
CA TRP D 314 -30.59 -34.74 -5.53
C TRP D 314 -31.91 -34.36 -4.80
N GLN D 315 -31.84 -33.53 -3.79
CA GLN D 315 -33.05 -33.02 -3.13
C GLN D 315 -34.05 -32.28 -4.10
N TYR D 316 -33.54 -31.47 -5.01
CA TYR D 316 -34.40 -30.59 -5.79
C TYR D 316 -34.03 -30.58 -7.27
N ALA D 317 -33.02 -31.38 -7.63
CA ALA D 317 -32.51 -31.45 -9.01
C ALA D 317 -33.63 -31.42 -10.03
N ASP D 318 -34.54 -32.38 -9.95
CA ASP D 318 -35.68 -32.48 -10.86
C ASP D 318 -36.86 -31.51 -10.58
N GLN D 319 -36.60 -30.33 -10.03
CA GLN D 319 -37.69 -29.42 -9.71
C GLN D 319 -37.41 -27.99 -10.14
N VAL D 320 -36.12 -27.71 -10.31
CA VAL D 320 -35.63 -26.37 -10.70
C VAL D 320 -36.21 -25.89 -12.01
N PRO D 321 -36.53 -24.57 -12.11
CA PRO D 321 -37.30 -24.10 -13.28
C PRO D 321 -36.47 -23.88 -14.55
N THR D 322 -35.56 -24.83 -14.86
CA THR D 322 -34.87 -24.95 -16.16
C THR D 322 -35.74 -25.83 -17.06
N ASN D 323 -35.96 -25.39 -18.30
CA ASN D 323 -36.67 -26.20 -19.36
C ASN D 323 -36.10 -25.79 -20.72
N PRO D 324 -35.85 -26.75 -21.65
CA PRO D 324 -36.24 -28.15 -21.76
C PRO D 324 -35.09 -29.08 -21.37
N TRP D 325 -34.31 -28.61 -20.40
CA TRP D 325 -33.21 -29.37 -19.85
C TRP D 325 -33.21 -29.10 -18.37
N ARG D 326 -32.56 -29.97 -17.61
CA ARG D 326 -32.24 -29.73 -16.20
C ARG D 326 -30.83 -30.22 -15.94
N SER D 327 -30.03 -29.33 -15.31
CA SER D 327 -28.63 -29.60 -14.93
C SER D 327 -27.61 -28.88 -15.78
N SER D 328 -26.62 -28.31 -15.10
CA SER D 328 -25.28 -28.03 -15.65
C SER D 328 -24.25 -28.92 -14.95
N THR D 329 -23.09 -29.14 -15.57
CA THR D 329 -21.94 -29.66 -14.81
C THR D 329 -21.16 -28.48 -14.27
N SER D 330 -20.13 -28.75 -13.48
CA SER D 330 -19.27 -27.69 -12.95
C SER D 330 -18.26 -27.24 -14.00
N LEU D 331 -17.51 -26.19 -13.71
CA LEU D 331 -16.34 -25.86 -14.52
C LEU D 331 -15.29 -26.89 -14.17
N ALA D 332 -14.46 -27.23 -15.13
CA ALA D 332 -13.38 -28.14 -14.81
C ALA D 332 -12.61 -27.45 -13.68
N ARG D 333 -11.81 -28.21 -12.93
CA ARG D 333 -10.99 -27.59 -11.91
C ARG D 333 -9.64 -28.28 -11.83
N ASN D 334 -8.61 -27.48 -11.60
CA ASN D 334 -7.26 -27.97 -11.47
C ASN D 334 -7.04 -28.22 -9.98
N TYR D 335 -6.76 -29.48 -9.63
CA TYR D 335 -6.67 -29.88 -8.25
C TYR D 335 -5.24 -30.09 -7.82
N THR D 336 -4.90 -29.52 -6.67
CA THR D 336 -3.56 -29.58 -6.08
C THR D 336 -3.69 -29.71 -4.56
N LEU D 337 -2.54 -29.79 -3.88
CA LEU D 337 -2.44 -29.87 -2.40
C LEU D 337 -1.48 -28.82 -1.78
N ARG D 338 -1.92 -28.19 -0.68
CA ARG D 338 -1.18 -27.12 -0.03
C ARG D 338 -1.37 -27.16 1.49
N TYR D 339 -0.25 -27.14 2.20
CA TYR D 339 -0.23 -26.92 3.64
C TYR D 339 -0.80 -25.56 3.97
N VAL D 340 -2.03 -25.53 4.45
CA VAL D 340 -2.69 -24.28 4.82
C VAL D 340 -2.97 -24.24 6.33
N HIS D 341 -3.26 -23.04 6.81
CA HIS D 341 -3.59 -22.84 8.21
C HIS D 341 -5.06 -23.10 8.40
N THR D 342 -5.36 -24.08 9.26
CA THR D 342 -6.73 -24.41 9.66
C THR D 342 -7.17 -23.60 10.89
N ASN D 343 -6.21 -23.32 11.77
CA ASN D 343 -6.35 -22.44 12.94
C ASN D 343 -5.09 -21.59 12.97
N ALA D 344 -5.04 -20.52 13.78
CA ALA D 344 -3.87 -19.61 13.77
C ALA D 344 -2.53 -20.31 14.08
N GLU D 345 -2.62 -21.59 14.40
CA GLU D 345 -1.51 -22.33 14.97
C GLU D 345 -1.01 -23.51 14.14
N THR D 346 -1.91 -24.25 13.48
CA THR D 346 -1.54 -25.53 12.82
C THR D 346 -1.82 -25.49 11.33
N LYS D 347 -0.88 -26.06 10.55
CA LYS D 347 -1.03 -26.24 9.10
C LYS D 347 -1.50 -27.64 8.75
N GLN D 348 -2.26 -27.75 7.68
CA GLN D 348 -2.84 -29.03 7.28
C GLN D 348 -2.74 -29.17 5.77
N LEU D 349 -2.25 -30.30 5.29
CA LEU D 349 -2.27 -30.53 3.83
C LEU D 349 -3.75 -30.51 3.39
N THR D 350 -4.09 -29.76 2.36
CA THR D 350 -5.50 -29.53 2.08
C THR D 350 -5.71 -29.51 0.60
N LEU D 351 -6.81 -30.10 0.15
CA LEU D 351 -7.14 -30.06 -1.26
C LEU D 351 -7.48 -28.64 -1.75
N ILE D 352 -6.66 -28.15 -2.70
CA ILE D 352 -6.87 -26.90 -3.43
C ILE D 352 -7.56 -27.17 -4.77
N GLN D 353 -8.41 -26.27 -5.21
CA GLN D 353 -8.96 -26.38 -6.54
C GLN D 353 -9.14 -25.04 -7.17
N ASN D 354 -8.84 -24.94 -8.46
CA ASN D 354 -9.06 -23.68 -9.19
C ASN D 354 -9.75 -23.88 -10.54
N PRO D 355 -10.62 -22.92 -10.93
CA PRO D 355 -11.37 -23.14 -12.16
C PRO D 355 -10.42 -23.09 -13.37
N VAL D 356 -10.91 -23.58 -14.51
CA VAL D 356 -10.08 -23.62 -15.68
C VAL D 356 -10.73 -22.74 -16.76
N LEU D 357 -10.44 -21.43 -16.67
CA LEU D 357 -10.79 -20.45 -17.69
C LEU D 357 -9.54 -20.10 -18.51
N PRO D 358 -9.32 -20.76 -19.67
CA PRO D 358 -8.18 -20.36 -20.50
C PRO D 358 -8.41 -19.05 -21.31
N ASP D 359 -7.32 -18.55 -21.91
CA ASP D 359 -7.32 -17.23 -22.57
C ASP D 359 -8.34 -17.12 -23.71
N SER D 360 -8.77 -18.26 -24.23
CA SER D 360 -9.78 -18.28 -25.29
C SER D 360 -11.19 -17.87 -24.80
N ILE D 361 -11.24 -17.13 -23.69
CA ILE D 361 -12.49 -16.58 -23.16
C ILE D 361 -12.55 -15.08 -23.38
N ASN D 362 -13.60 -14.66 -24.07
CA ASN D 362 -13.88 -13.25 -24.31
C ASN D 362 -13.91 -12.50 -22.98
N VAL D 363 -13.23 -11.36 -22.86
CA VAL D 363 -13.61 -10.38 -21.85
C VAL D 363 -14.40 -9.34 -22.60
N VAL D 364 -15.71 -9.29 -22.44
CA VAL D 364 -16.42 -8.19 -23.11
C VAL D 364 -15.97 -6.85 -22.56
N ASP D 365 -16.17 -6.62 -21.25
CA ASP D 365 -15.91 -5.32 -20.63
C ASP D 365 -15.27 -5.58 -19.28
N LYS D 366 -14.66 -4.58 -18.63
CA LYS D 366 -14.16 -4.74 -17.22
C LYS D 366 -14.12 -3.49 -16.29
N LEU D 367 -14.04 -3.76 -14.97
CA LEU D 367 -13.84 -2.76 -13.92
C LEU D 367 -12.63 -3.15 -13.06
N LYS D 368 -11.71 -2.21 -12.87
CA LYS D 368 -10.47 -2.45 -12.14
C LYS D 368 -10.15 -1.33 -11.15
N LYS D 369 -9.87 -1.70 -9.91
CA LYS D 369 -9.44 -0.72 -8.88
C LYS D 369 -8.28 -1.24 -8.03
N LYS D 370 -7.60 -0.35 -7.31
CA LYS D 370 -6.42 -0.72 -6.54
C LYS D 370 -6.42 -0.06 -5.20
N ASN D 371 -5.98 -0.79 -4.19
CA ASN D 371 -5.92 -0.29 -2.80
C ASN D 371 -7.06 0.71 -2.51
N VAL D 372 -8.29 0.21 -2.50
CA VAL D 372 -9.45 1.08 -2.26
C VAL D 372 -10.19 0.79 -0.93
N LYS D 373 -10.27 1.84 -0.14
CA LYS D 373 -10.81 1.80 1.20
C LYS D 373 -12.32 1.87 1.03
N LEU D 374 -13.03 0.91 1.63
CA LEU D 374 -14.50 0.82 1.46
C LEU D 374 -15.32 1.60 2.48
N THR D 375 -16.39 2.26 2.02
CA THR D 375 -17.35 2.91 2.93
C THR D 375 -18.81 2.95 2.40
N ASN D 376 -19.74 3.34 3.27
CA ASN D 376 -21.16 3.45 2.87
C ASN D 376 -21.33 4.45 1.75
N LYS D 377 -20.34 5.31 1.59
CA LYS D 377 -20.39 6.32 0.55
C LYS D 377 -19.49 6.06 -0.66
N LYS D 378 -18.71 4.97 -0.63
CA LYS D 378 -17.88 4.61 -1.77
C LYS D 378 -18.31 3.27 -2.38
N PRO D 379 -19.58 3.17 -2.86
CA PRO D 379 -20.03 1.90 -3.42
C PRO D 379 -19.42 1.63 -4.78
N ILE D 380 -18.57 0.62 -4.88
CA ILE D 380 -18.03 0.22 -6.18
C ILE D 380 -19.14 -0.29 -7.14
N LYS D 381 -19.69 0.59 -7.98
CA LYS D 381 -20.81 0.16 -8.86
C LYS D 381 -20.35 -0.21 -10.28
N THR D 382 -20.98 -1.22 -10.86
CA THR D 382 -20.60 -1.73 -12.17
C THR D 382 -21.40 -1.04 -13.25
N ASN D 383 -20.70 -0.44 -14.23
CA ASN D 383 -21.36 0.31 -15.30
C ASN D 383 -21.11 -0.22 -16.73
N PHE D 384 -21.69 -1.38 -17.05
CA PHE D 384 -21.47 -1.98 -18.37
C PHE D 384 -22.63 -1.73 -19.32
N LYS D 385 -22.29 -1.31 -20.54
CA LYS D 385 -23.22 -0.99 -21.61
C LYS D 385 -24.44 -1.92 -21.66
N GLY D 386 -24.24 -3.22 -21.41
CA GLY D 386 -25.36 -4.17 -21.27
C GLY D 386 -24.92 -5.44 -20.54
N SER D 387 -25.77 -6.47 -20.52
CA SER D 387 -25.38 -7.76 -19.93
C SER D 387 -25.49 -9.02 -20.79
N THR D 388 -24.49 -9.89 -20.66
CA THR D 388 -24.51 -11.24 -21.23
C THR D 388 -24.82 -12.31 -20.17
N GLY D 389 -24.86 -11.90 -18.89
CA GLY D 389 -25.18 -12.79 -17.77
C GLY D 389 -24.02 -13.68 -17.35
N LEU D 390 -22.84 -13.39 -17.87
CA LEU D 390 -21.67 -14.07 -17.36
C LEU D 390 -20.82 -12.97 -16.77
N PHE D 391 -20.35 -13.21 -15.55
CA PHE D 391 -19.50 -12.27 -14.81
C PHE D 391 -18.51 -13.08 -14.00
N ASP D 392 -17.38 -12.50 -13.67
CA ASP D 392 -16.51 -13.09 -12.66
C ASP D 392 -15.93 -11.92 -11.92
N PHE D 393 -15.50 -12.19 -10.69
CA PHE D 393 -14.89 -11.18 -9.83
C PHE D 393 -13.70 -11.76 -9.15
N ASN D 394 -12.73 -10.91 -8.86
CA ASN D 394 -11.48 -11.37 -8.32
C ASN D 394 -11.01 -10.34 -7.32
N ILE D 395 -11.17 -10.65 -6.03
CA ILE D 395 -10.85 -9.72 -4.93
C ILE D 395 -9.82 -10.25 -3.95
N THR D 396 -8.81 -9.43 -3.68
CA THR D 396 -7.88 -9.61 -2.55
C THR D 396 -8.06 -8.36 -1.67
N PHE D 397 -8.28 -8.53 -0.36
CA PHE D 397 -8.62 -7.40 0.51
C PHE D 397 -8.02 -7.46 1.93
N LYS D 398 -7.91 -6.30 2.58
CA LYS D 398 -7.38 -6.18 3.95
C LYS D 398 -8.46 -5.92 5.03
N VAL D 399 -8.36 -6.58 6.18
CA VAL D 399 -9.18 -6.15 7.36
C VAL D 399 -8.41 -5.17 8.25
N LEU D 400 -8.81 -3.91 8.17
CA LEU D 400 -8.18 -2.83 8.92
C LEU D 400 -8.55 -2.82 10.41
N ASN D 401 -7.74 -2.12 11.19
CA ASN D 401 -8.07 -1.78 12.58
C ASN D 401 -9.05 -0.66 12.63
N LEU D 402 -10.24 -1.00 13.07
CA LEU D 402 -11.35 -0.08 13.14
C LEU D 402 -12.43 -0.80 13.89
N ASN D 403 -12.79 -0.33 15.06
CA ASN D 403 -13.89 -0.95 15.78
C ASN D 403 -15.20 -0.36 15.24
N VAL D 404 -16.18 -1.24 15.03
CA VAL D 404 -17.42 -0.86 14.37
C VAL D 404 -18.60 -1.63 14.95
N SER D 405 -19.77 -1.02 14.98
CA SER D 405 -20.95 -1.61 15.60
C SER D 405 -21.26 -2.98 14.94
N PRO D 406 -21.52 -4.05 15.76
CA PRO D 406 -21.45 -5.47 15.31
C PRO D 406 -22.32 -5.86 14.10
N GLY D 407 -23.30 -5.01 13.77
CA GLY D 407 -24.14 -5.24 12.58
C GLY D 407 -23.44 -4.85 11.29
N LYS D 408 -22.18 -4.44 11.43
CA LYS D 408 -21.50 -3.81 10.34
C LYS D 408 -20.14 -4.42 9.95
N THR D 409 -19.63 -5.38 10.73
CA THR D 409 -18.36 -6.10 10.38
C THR D 409 -18.36 -6.92 9.09
N HIS D 410 -19.04 -6.41 8.05
CA HIS D 410 -19.22 -7.18 6.80
C HIS D 410 -19.10 -6.28 5.56
N PHE D 411 -18.89 -6.89 4.41
CA PHE D 411 -19.08 -6.22 3.12
C PHE D 411 -19.72 -7.22 2.16
N ASP D 412 -20.50 -6.72 1.22
CA ASP D 412 -21.33 -7.59 0.39
C ASP D 412 -21.15 -7.35 -1.12
N ILE D 413 -20.90 -8.42 -1.87
CA ILE D 413 -20.93 -8.37 -3.33
C ILE D 413 -22.31 -8.82 -3.77
N LEU D 414 -22.98 -8.01 -4.59
CA LEU D 414 -24.38 -8.24 -4.99
C LEU D 414 -24.58 -8.31 -6.51
N ILE D 415 -25.35 -9.30 -6.95
CA ILE D 415 -25.51 -9.59 -8.37
C ILE D 415 -26.94 -9.41 -8.78
N ASN D 416 -27.22 -8.25 -9.37
CA ASN D 416 -28.59 -7.84 -9.68
C ASN D 416 -29.03 -8.16 -11.11
N SER D 417 -30.14 -8.87 -11.25
CA SER D 417 -30.77 -9.01 -12.56
C SER D 417 -31.23 -7.62 -13.01
N GLN D 418 -31.54 -7.52 -14.30
CA GLN D 418 -32.25 -6.35 -14.82
C GLN D 418 -33.61 -6.32 -14.15
N GLU D 419 -34.32 -5.22 -14.28
CA GLU D 419 -35.72 -5.20 -13.86
C GLU D 419 -36.60 -6.10 -14.75
N LEU D 420 -37.79 -6.45 -14.26
CA LEU D 420 -38.86 -7.01 -15.08
C LEU D 420 -40.23 -6.66 -14.50
N ASN D 421 -40.81 -7.48 -13.64
CA ASN D 421 -42.13 -7.12 -13.10
C ASN D 421 -42.09 -6.01 -12.05
N SER D 422 -41.29 -4.97 -12.30
CA SER D 422 -41.01 -3.93 -11.30
C SER D 422 -40.38 -4.52 -10.04
N SER D 423 -39.32 -5.32 -10.26
CA SER D 423 -38.62 -5.98 -9.18
C SER D 423 -37.26 -6.48 -9.64
N VAL D 424 -36.20 -6.10 -8.91
CA VAL D 424 -34.85 -6.59 -9.18
C VAL D 424 -34.55 -7.81 -8.28
N ASP D 425 -33.97 -8.84 -8.88
CA ASP D 425 -33.57 -10.07 -8.19
C ASP D 425 -32.07 -10.02 -7.95
N SER D 426 -31.66 -10.49 -6.78
CA SER D 426 -30.25 -10.46 -6.40
C SER D 426 -29.87 -11.63 -5.53
N ILE D 427 -28.68 -12.15 -5.79
CA ILE D 427 -28.03 -13.03 -4.83
C ILE D 427 -26.84 -12.32 -4.21
N LYS D 428 -26.87 -12.23 -2.89
CA LYS D 428 -25.84 -11.55 -2.12
C LYS D 428 -24.61 -12.49 -1.91
N ILE D 429 -23.41 -11.92 -1.79
CA ILE D 429 -22.17 -12.64 -1.36
C ILE D 429 -21.30 -11.75 -0.45
N GLY D 430 -20.89 -12.27 0.72
CA GLY D 430 -20.14 -11.47 1.70
C GLY D 430 -19.01 -12.10 2.48
N PHE D 431 -18.45 -11.30 3.38
CA PHE D 431 -17.50 -11.78 4.38
C PHE D 431 -17.71 -10.95 5.63
N ASP D 432 -17.63 -11.62 6.76
CA ASP D 432 -17.73 -10.95 8.02
C ASP D 432 -16.41 -11.10 8.75
N SER D 433 -15.77 -9.95 8.94
CA SER D 433 -14.44 -9.82 9.59
C SER D 433 -14.36 -10.39 10.99
N SER D 434 -15.49 -10.44 11.67
CA SER D 434 -15.61 -10.92 13.05
C SER D 434 -15.75 -12.43 13.21
N GLN D 435 -16.07 -13.11 12.11
CA GLN D 435 -16.31 -14.55 12.09
C GLN D 435 -15.32 -15.20 11.14
N SER D 436 -14.70 -14.34 10.30
CA SER D 436 -13.62 -14.72 9.41
C SER D 436 -14.19 -15.69 8.38
N SER D 437 -15.43 -15.40 8.02
CA SER D 437 -16.25 -16.33 7.30
C SER D 437 -16.84 -15.67 6.12
N PHE D 438 -16.75 -16.32 4.95
CA PHE D 438 -17.52 -15.86 3.79
C PHE D 438 -18.95 -16.39 3.87
N TYR D 439 -19.81 -15.90 2.99
CA TYR D 439 -21.20 -16.31 3.00
C TYR D 439 -21.93 -15.94 1.72
N ILE D 440 -22.87 -16.79 1.32
CA ILE D 440 -23.84 -16.46 0.27
C ILE D 440 -25.26 -16.24 0.78
N ASP D 441 -26.09 -15.59 0.01
CA ASP D 441 -27.50 -15.65 0.30
C ASP D 441 -28.30 -15.70 -0.98
N ARG D 442 -28.61 -16.92 -1.43
CA ARG D 442 -29.34 -17.15 -2.66
C ARG D 442 -30.85 -17.06 -2.55
N HIS D 443 -31.36 -16.24 -1.64
CA HIS D 443 -32.79 -16.08 -1.56
C HIS D 443 -33.20 -15.26 -2.76
N ILE D 444 -33.94 -15.87 -3.66
CA ILE D 444 -34.71 -15.12 -4.65
C ILE D 444 -36.18 -15.41 -4.27
N PRO D 445 -36.99 -14.34 -4.04
CA PRO D 445 -38.38 -14.41 -3.54
C PRO D 445 -39.37 -14.64 -4.67
N ASN D 446 -40.61 -14.97 -4.37
CA ASN D 446 -41.65 -15.18 -5.39
C ASN D 446 -41.38 -16.28 -6.41
N VAL D 447 -40.20 -16.90 -6.36
CA VAL D 447 -39.89 -17.98 -7.26
C VAL D 447 -40.06 -19.24 -6.45
N GLU D 448 -40.89 -20.14 -6.98
CA GLU D 448 -41.39 -21.26 -6.23
C GLU D 448 -41.13 -22.54 -7.02
N PHE D 449 -40.97 -23.64 -6.30
CA PHE D 449 -40.90 -24.96 -6.91
C PHE D 449 -40.91 -26.08 -5.86
N PRO D 450 -41.43 -27.26 -6.25
CA PRO D 450 -41.40 -28.47 -5.41
C PRO D 450 -40.02 -28.70 -4.70
N ARG D 451 -40.10 -29.08 -3.43
CA ARG D 451 -38.94 -29.40 -2.62
C ARG D 451 -38.00 -28.23 -2.29
N LYS D 452 -38.51 -27.01 -2.47
CA LYS D 452 -37.74 -25.83 -2.12
C LYS D 452 -37.56 -25.76 -0.61
N GLN D 453 -38.06 -26.80 0.08
CA GLN D 453 -37.95 -26.95 1.54
C GLN D 453 -36.52 -27.34 1.89
N PHE D 454 -35.78 -27.78 0.89
CA PHE D 454 -34.46 -28.37 1.08
C PHE D 454 -33.44 -27.43 0.43
N PHE D 455 -34.01 -26.39 -0.18
CA PHE D 455 -33.23 -25.44 -0.91
C PHE D 455 -32.78 -24.36 0.03
N THR D 456 -31.76 -24.74 0.79
CA THR D 456 -31.05 -23.85 1.72
C THR D 456 -30.71 -22.56 1.02
N ASP D 457 -30.70 -21.48 1.78
CA ASP D 457 -30.47 -20.17 1.22
C ASP D 457 -29.14 -19.60 1.64
N LYS D 458 -28.79 -19.75 2.93
CA LYS D 458 -27.65 -19.11 3.59
C LYS D 458 -26.59 -20.15 3.85
N LEU D 459 -25.35 -19.88 3.46
CA LEU D 459 -24.24 -20.84 3.71
C LEU D 459 -22.94 -20.06 3.90
N ALA D 460 -22.02 -20.60 4.67
CA ALA D 460 -20.83 -19.86 5.04
C ALA D 460 -19.63 -20.81 5.12
N ALA D 461 -18.43 -20.26 5.04
CA ALA D 461 -17.20 -21.07 5.12
C ALA D 461 -16.23 -20.37 6.04
N TYR D 462 -15.69 -21.10 6.99
CA TYR D 462 -14.72 -20.48 7.89
C TYR D 462 -13.36 -20.55 7.25
N LEU D 463 -12.72 -19.40 7.11
CA LEU D 463 -11.32 -19.35 6.67
C LEU D 463 -10.37 -18.63 7.60
N GLU D 464 -9.12 -19.05 7.58
CA GLU D 464 -8.02 -18.27 8.15
C GLU D 464 -7.65 -17.23 7.10
N PRO D 465 -6.95 -16.16 7.51
CA PRO D 465 -6.46 -15.26 6.48
C PRO D 465 -5.58 -16.00 5.46
N LEU D 466 -5.56 -15.50 4.22
CA LEU D 466 -4.60 -15.97 3.23
C LEU D 466 -3.18 -15.58 3.65
N ASP D 467 -3.07 -14.37 4.21
CA ASP D 467 -1.79 -13.81 4.55
C ASP D 467 -2.02 -12.60 5.46
N TYR D 468 -0.96 -12.22 6.20
CA TYR D 468 -0.96 -11.04 7.05
C TYR D 468 -0.03 -9.96 6.48
N ASP D 469 -0.58 -8.79 6.20
CA ASP D 469 0.20 -7.62 5.87
C ASP D 469 0.57 -7.00 7.21
N GLN D 470 1.80 -7.29 7.69
CA GLN D 470 2.27 -6.89 9.02
C GLN D 470 1.50 -7.74 10.04
N ASP D 471 0.45 -7.15 10.60
CA ASP D 471 -0.42 -7.79 11.60
C ASP D 471 -1.90 -7.82 11.14
N LEU D 472 -2.23 -7.00 10.13
CA LEU D 472 -3.56 -7.00 9.50
C LEU D 472 -3.82 -8.28 8.69
N ARG D 473 -5.10 -8.62 8.49
CA ARG D 473 -5.47 -9.85 7.79
C ARG D 473 -5.93 -9.61 6.35
N VAL D 474 -5.44 -10.47 5.46
CA VAL D 474 -5.70 -10.34 4.05
C VAL D 474 -6.35 -11.64 3.57
N PHE D 475 -7.50 -11.53 2.92
CA PHE D 475 -8.20 -12.70 2.33
C PHE D 475 -8.35 -12.57 0.82
N SER D 476 -8.59 -13.68 0.13
CA SER D 476 -8.87 -13.63 -1.31
C SER D 476 -10.07 -14.47 -1.72
N LEU D 477 -10.90 -13.90 -2.61
CA LEU D 477 -12.06 -14.58 -3.15
C LEU D 477 -12.11 -14.39 -4.65
N TYR D 478 -12.50 -15.43 -5.38
CA TYR D 478 -12.76 -15.33 -6.83
C TYR D 478 -14.10 -15.95 -7.17
N GLY D 479 -15.02 -15.14 -7.67
CA GLY D 479 -16.28 -15.72 -8.08
C GLY D 479 -16.65 -15.68 -9.55
N ILE D 480 -16.91 -16.85 -10.12
CA ILE D 480 -17.44 -16.93 -11.48
C ILE D 480 -18.92 -17.32 -11.57
N VAL D 481 -19.70 -16.39 -12.16
CA VAL D 481 -21.15 -16.51 -12.30
C VAL D 481 -21.55 -16.86 -13.74
N ASP D 482 -22.57 -17.72 -13.90
CA ASP D 482 -23.05 -18.14 -15.24
C ASP D 482 -24.60 -18.38 -15.32
N LYS D 483 -25.36 -17.28 -15.43
CA LYS D 483 -26.85 -17.29 -15.58
C LYS D 483 -27.64 -18.02 -14.48
N ASN D 484 -27.22 -19.25 -14.16
CA ASN D 484 -27.88 -20.05 -13.09
C ASN D 484 -26.98 -20.73 -12.02
N ILE D 485 -25.68 -20.46 -12.03
CA ILE D 485 -24.75 -21.13 -11.12
C ILE D 485 -23.52 -20.31 -10.78
N ILE D 486 -23.34 -20.00 -9.49
CA ILE D 486 -22.11 -19.31 -9.07
C ILE D 486 -21.06 -20.22 -8.42
N GLU D 487 -19.80 -20.11 -8.84
CA GLU D 487 -18.70 -20.94 -8.26
C GLU D 487 -17.69 -20.10 -7.45
N LEU D 488 -17.68 -20.23 -6.12
CA LEU D 488 -16.83 -19.38 -5.29
C LEU D 488 -15.50 -20.02 -4.86
N TYR D 489 -14.41 -19.24 -5.00
CA TYR D 489 -13.05 -19.70 -4.61
C TYR D 489 -12.46 -18.77 -3.54
N PHE D 490 -12.25 -19.33 -2.33
CA PHE D 490 -11.81 -18.52 -1.19
C PHE D 490 -10.33 -18.73 -0.88
N ASN D 491 -9.61 -17.65 -0.58
CA ASN D 491 -8.17 -17.70 -0.40
C ASN D 491 -7.50 -18.57 -1.46
N ASP D 492 -7.46 -18.10 -2.73
CA ASP D 492 -6.74 -18.84 -3.78
C ASP D 492 -7.35 -20.25 -3.89
N GLY D 493 -8.68 -20.29 -3.88
CA GLY D 493 -9.43 -21.56 -3.90
C GLY D 493 -9.09 -22.56 -2.80
N THR D 494 -8.90 -22.07 -1.58
CA THR D 494 -8.60 -22.90 -0.40
C THR D 494 -9.85 -23.76 -0.05
N VAL D 495 -11.02 -23.13 -0.17
CA VAL D 495 -12.27 -23.87 -0.22
C VAL D 495 -13.12 -23.42 -1.41
N ALA D 496 -13.84 -24.38 -1.98
CA ALA D 496 -14.79 -24.12 -3.05
C ALA D 496 -16.24 -24.30 -2.55
N MET D 497 -17.14 -23.40 -2.96
CA MET D 497 -18.53 -23.42 -2.54
C MET D 497 -19.56 -23.34 -3.71
N THR D 498 -19.64 -24.39 -4.53
CA THR D 498 -20.58 -24.36 -5.67
C THR D 498 -22.09 -24.26 -5.29
N ASN D 499 -22.85 -23.43 -5.99
CA ASN D 499 -24.31 -23.20 -5.71
C ASN D 499 -25.12 -22.69 -6.91
N THR D 500 -26.10 -23.47 -7.36
CA THR D 500 -27.04 -22.97 -8.35
C THR D 500 -27.92 -21.91 -7.68
N PHE D 501 -28.72 -21.22 -8.47
CA PHE D 501 -29.67 -20.27 -7.92
C PHE D 501 -30.63 -20.02 -9.05
N PHE D 502 -31.75 -19.36 -8.76
CA PHE D 502 -32.81 -19.24 -9.75
C PHE D 502 -33.59 -17.95 -9.68
N MET D 503 -33.37 -17.10 -10.67
CA MET D 503 -34.05 -15.83 -10.74
C MET D 503 -35.44 -15.98 -11.35
N GLY D 504 -36.25 -14.95 -11.16
CA GLY D 504 -37.63 -14.90 -11.63
C GLY D 504 -37.73 -14.76 -13.13
N GLU D 505 -38.78 -15.36 -13.70
CA GLU D 505 -39.06 -15.40 -15.15
C GLU D 505 -38.46 -14.24 -15.93
N GLY D 506 -37.51 -14.55 -16.81
CA GLY D 506 -36.87 -13.57 -17.70
C GLY D 506 -35.51 -13.06 -17.23
N LYS D 507 -35.34 -12.91 -15.91
CA LYS D 507 -34.19 -12.22 -15.33
C LYS D 507 -32.89 -13.04 -15.35
N TYR D 508 -31.78 -12.33 -15.59
CA TYR D 508 -30.42 -12.84 -15.40
C TYR D 508 -29.55 -11.69 -14.90
N PRO D 509 -28.35 -12.01 -14.35
CA PRO D 509 -27.37 -11.01 -13.92
C PRO D 509 -27.22 -9.78 -14.82
N HIS D 510 -27.03 -8.61 -14.20
CA HIS D 510 -26.98 -7.34 -14.93
C HIS D 510 -25.87 -6.44 -14.47
N ASP D 511 -25.70 -6.35 -13.16
CA ASP D 511 -24.56 -5.65 -12.58
C ASP D 511 -23.92 -6.47 -11.47
N ILE D 512 -22.84 -5.94 -10.90
CA ILE D 512 -22.26 -6.46 -9.70
C ILE D 512 -21.93 -5.21 -8.89
N GLN D 513 -22.13 -5.27 -7.58
CA GLN D 513 -21.71 -4.21 -6.72
C GLN D 513 -20.84 -4.78 -5.62
N ILE D 514 -20.14 -3.92 -4.89
CA ILE D 514 -19.48 -4.28 -3.65
C ILE D 514 -19.78 -3.11 -2.72
N VAL D 515 -20.66 -3.31 -1.74
CA VAL D 515 -20.97 -2.25 -0.77
C VAL D 515 -20.63 -2.67 0.67
N THR D 516 -20.77 -1.72 1.60
CA THR D 516 -20.72 -2.00 3.08
C THR D 516 -21.55 -1.01 3.91
N ASP D 517 -21.53 -1.14 5.23
CA ASP D 517 -22.32 -0.21 6.04
C ASP D 517 -21.47 0.66 6.95
N THR D 518 -20.19 0.31 7.02
CA THR D 518 -19.17 1.03 7.77
C THR D 518 -19.05 2.49 7.30
N GLU D 519 -18.94 3.45 8.22
CA GLU D 519 -18.65 4.83 7.82
C GLU D 519 -17.19 5.04 7.53
N GLU D 520 -16.36 4.78 8.52
CA GLU D 520 -14.92 4.77 8.32
C GLU D 520 -14.55 3.52 7.53
N PRO D 521 -13.46 3.57 6.76
CA PRO D 521 -13.14 2.34 5.99
C PRO D 521 -12.69 1.18 6.87
N LEU D 522 -13.46 0.09 6.90
CA LEU D 522 -13.03 -1.17 7.59
C LEU D 522 -12.29 -2.14 6.65
N PHE D 523 -12.52 -2.01 5.35
CA PHE D 523 -11.99 -2.93 4.37
C PHE D 523 -11.17 -2.24 3.33
N GLU D 524 -9.93 -2.70 3.17
CA GLU D 524 -9.12 -2.22 2.09
C GLU D 524 -9.20 -3.26 1.01
N LEU D 525 -9.83 -2.88 -0.10
CA LEU D 525 -9.77 -3.75 -1.27
C LEU D 525 -8.48 -3.50 -2.03
N GLU D 526 -7.51 -4.38 -1.79
CA GLU D 526 -6.14 -4.24 -2.30
C GLU D 526 -6.14 -4.16 -3.81
N SER D 527 -7.15 -4.81 -4.41
CA SER D 527 -7.35 -5.06 -5.86
C SER D 527 -8.81 -5.52 -6.14
N VAL D 528 -9.44 -4.98 -7.18
CA VAL D 528 -10.86 -5.24 -7.47
C VAL D 528 -11.07 -5.40 -8.98
N ILE D 529 -11.38 -6.62 -9.43
CA ILE D 529 -11.49 -6.94 -10.87
C ILE D 529 -12.82 -7.63 -11.23
N ILE D 530 -13.79 -6.85 -11.72
CA ILE D 530 -15.07 -7.35 -12.23
C ILE D 530 -15.06 -7.40 -13.78
N ARG D 531 -15.34 -8.56 -14.37
CA ARG D 531 -15.39 -8.69 -15.85
C ARG D 531 -16.77 -9.13 -16.45
N GLU D 532 -17.07 -8.70 -17.68
CA GLU D 532 -18.10 -9.38 -18.49
C GLU D 532 -17.37 -10.48 -19.26
N LEU D 533 -18.10 -11.46 -19.79
CA LEU D 533 -17.49 -12.50 -20.62
C LEU D 533 -18.46 -13.02 -21.70
N ASN D 534 -17.91 -13.84 -22.62
CA ASN D 534 -18.69 -14.66 -23.56
C ASN D 534 -17.90 -15.82 -24.21
N LYS D 535 -18.57 -16.56 -25.11
CA LYS D 535 -17.98 -17.68 -25.84
C LYS D 535 -17.28 -17.22 -27.13
#